data_7UPQ
#
_entry.id   7UPQ
#
_cell.length_a   55.730
_cell.length_b   73.500
_cell.length_c   97.280
_cell.angle_alpha   73.422
_cell.angle_beta   82.919
_cell.angle_gamma   80.781
#
_symmetry.space_group_name_H-M   'P 1'
#
loop_
_entity.id
_entity.type
_entity.pdbx_description
1 polymer 'DHT03 protein A'
2 polymer 'DHT03 protein B'
3 polymer 'DHT03 protein C'
#
loop_
_entity_poly.entity_id
_entity_poly.type
_entity_poly.pdbx_seq_one_letter_code
_entity_poly.pdbx_strand_id
1 'polypeptide(L)'
;SEKEKVEELAQRIREQLPDTELAREAQELADEARKSDDSEALKVVYLALRIVQQLPDTELAREALELAKEAVKSTDSEAL
KVVYLALRIVQQLPDTELARLALELAKKAVEMTAQEVLEIARAALKAAQAFPNTELAELMLRLAEVAARVMKELERNDEE
IKKSDELDDESLLEDIVELLKEIIKLWKILVEVSDVMLKLIS
;
A,D,G,J
2 'polypeptide(L)' GPVDEIDKEVKKLEEEAKKSQEEVERLKQEVEKASKAGLDHEGDSRIFKKIHDVVTKQIKVILRLIAVYAELVAIIG B,E,H,K
3 'polypeptide(L)' GSKQKEAIKVYLELLEVHSRVLKALIEQIKLFIELIKRPDEDLADKVRKSSEELKKIIKEVEKILRKVDDILYKVKS C,F,I,L
#
# COMPACT_ATOMS: atom_id res chain seq x y z
N SER A 1 41.57 -38.73 14.88
CA SER A 1 42.51 -37.64 15.05
C SER A 1 41.83 -36.43 15.68
N GLU A 2 40.85 -36.69 16.55
CA GLU A 2 40.08 -35.61 17.15
C GLU A 2 40.89 -34.88 18.23
N LYS A 3 41.70 -35.61 18.99
CA LYS A 3 42.50 -34.98 20.04
C LYS A 3 43.54 -34.03 19.45
N GLU A 4 44.15 -34.43 18.33
CA GLU A 4 45.09 -33.55 17.66
C GLU A 4 44.40 -32.30 17.12
N LYS A 5 43.16 -32.46 16.62
CA LYS A 5 42.39 -31.30 16.19
C LYS A 5 42.16 -30.34 17.35
N VAL A 6 41.76 -30.87 18.50
CA VAL A 6 41.52 -30.02 19.67
C VAL A 6 42.82 -29.32 20.08
N GLU A 7 43.94 -30.03 20.06
CA GLU A 7 45.21 -29.45 20.46
C GLU A 7 45.62 -28.33 19.51
N GLU A 8 45.50 -28.56 18.20
CA GLU A 8 45.87 -27.52 17.24
C GLU A 8 44.95 -26.31 17.35
N LEU A 9 43.66 -26.55 17.59
CA LEU A 9 42.74 -25.42 17.78
C LEU A 9 43.10 -24.61 19.01
N ALA A 10 43.47 -25.30 20.11
CA ALA A 10 43.89 -24.58 21.31
C ALA A 10 45.16 -23.78 21.06
N GLN A 11 46.09 -24.33 20.28
CA GLN A 11 47.30 -23.58 19.94
C GLN A 11 46.95 -22.33 19.13
N ARG A 12 46.03 -22.46 18.18
CA ARG A 12 45.60 -21.28 17.41
C ARG A 12 44.98 -20.22 18.32
N ILE A 13 44.13 -20.66 19.26
CA ILE A 13 43.53 -19.73 20.21
C ILE A 13 44.62 -19.02 21.01
N ARG A 14 45.61 -19.77 21.50
CA ARG A 14 46.70 -19.16 22.25
C ARG A 14 47.43 -18.14 21.41
N GLU A 15 47.68 -18.44 20.15
CA GLU A 15 48.34 -17.48 19.26
C GLU A 15 47.50 -16.22 19.11
N GLN A 16 46.18 -16.37 18.99
CA GLN A 16 45.34 -15.22 18.64
C GLN A 16 45.11 -14.30 19.84
N LEU A 17 44.88 -14.86 21.02
CA LEU A 17 44.49 -14.03 22.16
C LEU A 17 45.49 -14.17 23.31
N PRO A 18 46.08 -13.07 23.80
CA PRO A 18 46.99 -13.18 24.94
C PRO A 18 46.40 -12.62 26.24
N ASP A 19 46.49 -13.40 27.32
CA ASP A 19 46.04 -12.97 28.65
C ASP A 19 44.57 -12.52 28.61
N THR A 20 43.75 -13.27 27.88
CA THR A 20 42.32 -13.00 27.81
C THR A 20 41.58 -14.09 28.57
N GLU A 21 40.41 -13.74 29.11
CA GLU A 21 39.63 -14.72 29.83
C GLU A 21 39.17 -15.85 28.91
N LEU A 22 38.86 -15.52 27.65
CA LEU A 22 38.51 -16.55 26.69
C LEU A 22 39.65 -17.55 26.52
N ALA A 23 40.89 -17.07 26.46
CA ALA A 23 42.03 -17.96 26.25
C ALA A 23 42.27 -18.84 27.47
N ARG A 24 42.19 -18.27 28.67
CA ARG A 24 42.38 -19.06 29.88
C ARG A 24 41.29 -20.12 30.02
N GLU A 25 40.04 -19.74 29.73
CA GLU A 25 38.96 -20.71 29.81
C GLU A 25 39.08 -21.77 28.70
N ALA A 26 39.65 -21.40 27.55
CA ALA A 26 39.90 -22.39 26.51
C ALA A 26 40.97 -23.38 26.94
N GLN A 27 42.01 -22.91 27.62
CA GLN A 27 43.02 -23.82 28.16
C GLN A 27 42.41 -24.72 29.24
N GLU A 28 41.51 -24.18 30.06
CA GLU A 28 40.81 -24.99 31.05
C GLU A 28 39.98 -26.08 30.37
N LEU A 29 39.25 -25.72 29.32
CA LEU A 29 38.51 -26.72 28.54
C LEU A 29 39.45 -27.75 27.94
N ALA A 30 40.63 -27.31 27.49
CA ALA A 30 41.60 -28.23 26.90
C ALA A 30 42.04 -29.27 27.91
N ASP A 31 42.39 -28.84 29.13
CA ASP A 31 42.82 -29.81 30.13
C ASP A 31 41.66 -30.70 30.58
N GLU A 32 40.47 -30.13 30.73
CA GLU A 32 39.31 -30.94 31.13
C GLU A 32 38.94 -31.97 30.06
N ALA A 33 39.19 -31.66 28.79
CA ALA A 33 38.92 -32.60 27.71
C ALA A 33 40.01 -33.65 27.62
N ARG A 34 41.27 -33.26 27.82
CA ARG A 34 42.35 -34.23 27.82
C ARG A 34 42.19 -35.22 28.96
N LYS A 35 41.74 -34.75 30.12
CA LYS A 35 41.47 -35.67 31.23
C LYS A 35 40.27 -36.56 30.94
N SER A 36 39.27 -36.03 30.23
CA SER A 36 38.07 -36.81 29.95
C SER A 36 38.35 -37.85 28.88
N ASP A 37 37.73 -39.03 29.05
CA ASP A 37 37.87 -40.13 28.10
C ASP A 37 36.65 -40.27 27.19
N ASP A 38 35.69 -39.37 27.28
CA ASP A 38 34.48 -39.43 26.47
C ASP A 38 34.72 -38.75 25.13
N SER A 39 34.35 -39.43 24.05
CA SER A 39 34.53 -38.87 22.72
C SER A 39 33.54 -37.75 22.44
N GLU A 40 32.29 -37.90 22.91
CA GLU A 40 31.29 -36.87 22.71
C GLU A 40 31.70 -35.56 23.38
N ALA A 41 32.25 -35.65 24.59
CA ALA A 41 32.72 -34.45 25.29
C ALA A 41 33.88 -33.80 24.54
N LEU A 42 34.78 -34.62 23.98
CA LEU A 42 35.86 -34.09 23.16
C LEU A 42 35.31 -33.32 21.96
N LYS A 43 34.29 -33.87 21.30
CA LYS A 43 33.70 -33.19 20.15
C LYS A 43 33.03 -31.89 20.56
N VAL A 44 32.34 -31.88 21.72
CA VAL A 44 31.70 -30.67 22.20
C VAL A 44 32.74 -29.59 22.50
N VAL A 45 33.85 -29.98 23.14
CA VAL A 45 34.90 -29.01 23.44
C VAL A 45 35.51 -28.47 22.16
N TYR A 46 35.74 -29.35 21.18
CA TYR A 46 36.23 -28.91 19.88
C TYR A 46 35.31 -27.86 19.26
N LEU A 47 34.00 -28.14 19.28
CA LEU A 47 33.05 -27.22 18.67
C LEU A 47 33.03 -25.88 19.38
N ALA A 48 33.06 -25.90 20.72
CA ALA A 48 33.06 -24.65 21.47
C ALA A 48 34.33 -23.85 21.19
N LEU A 49 35.49 -24.51 21.15
CA LEU A 49 36.73 -23.81 20.87
C LEU A 49 36.72 -23.20 19.47
N ARG A 50 36.19 -23.94 18.49
N ARG A 50 36.20 -23.94 18.50
CA ARG A 50 36.13 -23.40 17.13
CA ARG A 50 36.13 -23.41 17.13
C ARG A 50 35.19 -22.20 17.07
C ARG A 50 35.19 -22.20 17.07
N ILE A 51 34.07 -22.26 17.79
CA ILE A 51 33.15 -21.13 17.83
C ILE A 51 33.84 -19.90 18.42
N VAL A 52 34.62 -20.11 19.49
CA VAL A 52 35.35 -19.00 20.09
C VAL A 52 36.37 -18.44 19.11
N GLN A 53 37.02 -19.32 18.34
CA GLN A 53 37.96 -18.85 17.33
C GLN A 53 37.26 -18.00 16.28
N GLN A 54 36.08 -18.41 15.85
CA GLN A 54 35.40 -17.70 14.77
C GLN A 54 34.90 -16.33 15.22
N LEU A 55 34.48 -16.22 16.48
CA LEU A 55 33.95 -14.97 17.03
C LEU A 55 34.71 -14.63 18.32
N PRO A 56 35.86 -13.98 18.20
CA PRO A 56 36.63 -13.61 19.40
C PRO A 56 36.09 -12.36 20.05
N ASP A 57 36.21 -12.32 21.38
CA ASP A 57 35.72 -11.21 22.20
C ASP A 57 34.25 -10.94 21.91
N THR A 58 33.44 -12.00 21.98
CA THR A 58 32.01 -11.91 21.71
C THR A 58 31.23 -12.55 22.84
N GLU A 59 29.98 -12.09 23.00
CA GLU A 59 29.10 -12.66 24.01
C GLU A 59 28.87 -14.15 23.78
N LEU A 60 28.65 -14.53 22.51
CA LEU A 60 28.40 -15.93 22.18
C LEU A 60 29.57 -16.81 22.56
N ALA A 61 30.80 -16.34 22.32
CA ALA A 61 31.97 -17.16 22.62
C ALA A 61 32.11 -17.41 24.11
N ARG A 62 31.92 -16.37 24.92
CA ARG A 62 32.04 -16.52 26.38
C ARG A 62 30.95 -17.44 26.91
N GLU A 63 29.70 -17.23 26.47
CA GLU A 63 28.62 -18.08 26.93
C GLU A 63 28.81 -19.52 26.47
N ALA A 64 29.37 -19.73 25.27
CA ALA A 64 29.61 -21.08 24.79
C ALA A 64 30.73 -21.75 25.56
N LEU A 65 31.75 -20.99 25.95
CA LEU A 65 32.81 -21.54 26.80
C LEU A 65 32.23 -22.00 28.13
N GLU A 66 31.41 -21.17 28.76
CA GLU A 66 30.82 -21.56 30.04
C GLU A 66 29.87 -22.74 29.88
N LEU A 67 29.14 -22.80 28.76
CA LEU A 67 28.25 -23.93 28.51
C LEU A 67 29.04 -25.21 28.30
N ALA A 68 30.17 -25.13 27.59
CA ALA A 68 31.01 -26.31 27.40
C ALA A 68 31.61 -26.77 28.72
N LYS A 69 32.00 -25.83 29.58
CA LYS A 69 32.46 -26.20 30.91
C LYS A 69 31.38 -26.95 31.68
N GLU A 70 30.16 -26.39 31.70
CA GLU A 70 29.06 -27.05 32.42
C GLU A 70 28.75 -28.41 31.82
N ALA A 71 28.90 -28.57 30.51
CA ALA A 71 28.61 -29.85 29.88
C ALA A 71 29.68 -30.88 30.20
N VAL A 72 30.95 -30.47 30.22
CA VAL A 72 32.02 -31.40 30.57
C VAL A 72 31.90 -31.81 32.04
N LYS A 73 31.51 -30.88 32.91
CA LYS A 73 31.34 -31.22 34.32
C LYS A 73 30.23 -32.25 34.53
N SER A 74 29.23 -32.26 33.65
CA SER A 74 28.14 -33.22 33.76
C SER A 74 28.55 -34.56 33.15
N THR A 75 28.19 -35.65 33.83
CA THR A 75 28.54 -37.00 33.41
C THR A 75 27.40 -37.66 32.63
N ASP A 76 26.44 -36.89 32.15
CA ASP A 76 25.31 -37.41 31.37
C ASP A 76 25.61 -37.23 29.89
N SER A 77 25.54 -38.33 29.13
CA SER A 77 25.85 -38.27 27.70
C SER A 77 24.73 -37.63 26.90
N GLU A 78 23.48 -37.74 27.35
CA GLU A 78 22.37 -37.10 26.65
C GLU A 78 22.50 -35.59 26.69
N ALA A 79 22.89 -35.04 27.84
CA ALA A 79 23.15 -33.60 27.92
C ALA A 79 24.28 -33.19 26.99
N LEU A 80 25.30 -34.03 26.86
CA LEU A 80 26.39 -33.73 25.94
C LEU A 80 25.90 -33.72 24.49
N LYS A 81 25.03 -34.66 24.14
CA LYS A 81 24.46 -34.67 22.79
C LYS A 81 23.65 -33.41 22.53
N VAL A 82 22.82 -33.01 23.50
CA VAL A 82 22.01 -31.80 23.35
C VAL A 82 22.91 -30.58 23.18
N VAL A 83 23.97 -30.49 24.00
CA VAL A 83 24.87 -29.34 23.93
C VAL A 83 25.61 -29.33 22.60
N TYR A 84 25.98 -30.51 22.09
CA TYR A 84 26.65 -30.56 20.80
C TYR A 84 25.73 -30.07 19.69
N LEU A 85 24.47 -30.50 19.70
CA LEU A 85 23.53 -30.04 18.68
C LEU A 85 23.33 -28.52 18.76
N ALA A 86 23.18 -27.99 19.98
CA ALA A 86 22.97 -26.56 20.14
C ALA A 86 24.20 -25.76 19.68
N LEU A 87 25.39 -26.23 20.05
CA LEU A 87 26.61 -25.54 19.63
C LEU A 87 26.82 -25.65 18.13
N ARG A 88 26.36 -26.73 17.50
CA ARG A 88 26.42 -26.82 16.04
C ARG A 88 25.48 -25.79 15.41
N ILE A 89 24.28 -25.64 15.98
CA ILE A 89 23.36 -24.61 15.50
C ILE A 89 24.01 -23.23 15.61
N VAL A 90 24.69 -22.98 16.74
CA VAL A 90 25.36 -21.69 16.92
C VAL A 90 26.49 -21.51 15.91
N GLN A 91 27.26 -22.58 15.67
CA GLN A 91 28.36 -22.51 14.72
C GLN A 91 27.86 -22.18 13.32
N GLN A 92 26.76 -22.79 12.90
CA GLN A 92 26.25 -22.55 11.55
C GLN A 92 25.72 -21.13 11.40
N LEU A 93 24.90 -20.67 12.35
CA LEU A 93 24.26 -19.36 12.28
C LEU A 93 24.46 -18.64 13.60
N PRO A 94 25.57 -17.92 13.76
CA PRO A 94 25.85 -17.25 15.04
C PRO A 94 24.95 -16.04 15.29
N ASP A 95 24.78 -15.18 14.29
CA ASP A 95 24.02 -13.95 14.45
C ASP A 95 22.55 -14.16 14.07
N THR A 96 21.92 -15.11 14.77
CA THR A 96 20.53 -15.45 14.53
C THR A 96 19.83 -15.67 15.86
N GLU A 97 18.50 -15.63 15.82
CA GLU A 97 17.72 -15.93 17.02
C GLU A 97 17.82 -17.40 17.39
N LEU A 98 17.98 -18.28 16.40
CA LEU A 98 18.15 -19.70 16.68
C LEU A 98 19.38 -19.96 17.53
N ALA A 99 20.44 -19.18 17.33
CA ALA A 99 21.65 -19.35 18.14
C ALA A 99 21.35 -19.09 19.62
N ARG A 100 20.67 -17.98 19.90
CA ARG A 100 20.32 -17.65 21.29
C ARG A 100 19.38 -18.69 21.87
N LEU A 101 18.37 -19.09 21.09
CA LEU A 101 17.43 -20.10 21.57
C LEU A 101 18.15 -21.40 21.92
N ALA A 102 19.03 -21.87 21.03
CA ALA A 102 19.74 -23.13 21.28
C ALA A 102 20.70 -23.00 22.45
N LEU A 103 21.38 -21.86 22.58
CA LEU A 103 22.30 -21.66 23.70
C LEU A 103 21.55 -21.74 25.03
N GLU A 104 20.44 -21.00 25.14
CA GLU A 104 19.70 -21.01 26.39
C GLU A 104 19.03 -22.36 26.63
N LEU A 105 18.58 -23.03 25.58
CA LEU A 105 17.96 -24.34 25.74
C LEU A 105 18.96 -25.36 26.23
N ALA A 106 20.19 -25.34 25.70
CA ALA A 106 21.22 -26.26 26.19
C ALA A 106 21.66 -25.89 27.61
N LYS A 107 21.73 -24.59 27.91
CA LYS A 107 22.08 -24.16 29.26
C LYS A 107 21.06 -24.66 30.27
N LYS A 108 19.78 -24.65 29.91
CA LYS A 108 18.76 -25.17 30.81
C LYS A 108 18.72 -26.69 30.81
N ALA A 109 19.04 -27.34 29.69
CA ALA A 109 19.03 -28.79 29.63
C ALA A 109 20.16 -29.40 30.46
N VAL A 110 21.29 -28.69 30.56
CA VAL A 110 22.37 -29.15 31.42
C VAL A 110 21.89 -29.20 32.88
N GLU A 111 21.07 -28.22 33.28
CA GLU A 111 20.59 -28.16 34.65
C GLU A 111 19.50 -29.20 34.91
N MET A 112 18.66 -29.47 33.92
CA MET A 112 17.52 -30.36 34.11
C MET A 112 17.99 -31.80 34.32
N THR A 113 17.41 -32.46 35.32
CA THR A 113 17.68 -33.86 35.59
C THR A 113 16.64 -34.79 34.98
N ALA A 114 15.59 -34.24 34.38
CA ALA A 114 14.53 -35.05 33.78
C ALA A 114 14.97 -35.56 32.40
N GLN A 115 14.77 -36.85 32.16
CA GLN A 115 15.15 -37.43 30.87
C GLN A 115 14.21 -36.99 29.76
N GLU A 116 12.94 -36.76 30.09
CA GLU A 116 11.97 -36.34 29.07
C GLU A 116 12.32 -34.96 28.52
N VAL A 117 12.79 -34.06 29.38
CA VAL A 117 13.22 -32.74 28.93
C VAL A 117 14.39 -32.85 27.96
N LEU A 118 15.37 -33.69 28.29
CA LEU A 118 16.51 -33.88 27.41
C LEU A 118 16.08 -34.49 26.08
N GLU A 119 15.14 -35.43 26.11
CA GLU A 119 14.68 -36.05 24.88
C GLU A 119 13.95 -35.06 23.97
N ILE A 120 13.05 -34.26 24.56
CA ILE A 120 12.33 -33.29 23.74
C ILE A 120 13.27 -32.19 23.24
N ALA A 121 14.29 -31.85 24.04
CA ALA A 121 15.26 -30.86 23.58
C ALA A 121 16.09 -31.39 22.42
N ARG A 122 16.51 -32.66 22.50
CA ARG A 122 17.24 -33.26 21.38
C ARG A 122 16.37 -33.32 20.13
N ALA A 123 15.09 -33.67 20.29
CA ALA A 123 14.18 -33.73 19.15
C ALA A 123 14.04 -32.35 18.51
N ALA A 124 13.85 -31.31 19.33
CA ALA A 124 13.68 -29.97 18.79
C ALA A 124 14.97 -29.46 18.13
N LEU A 125 16.13 -29.80 18.70
CA LEU A 125 17.39 -29.36 18.12
C LEU A 125 17.64 -30.05 16.79
N LYS A 126 17.32 -31.35 16.69
CA LYS A 126 17.46 -32.02 15.39
C LYS A 126 16.45 -31.51 14.38
N ALA A 127 15.26 -31.11 14.84
CA ALA A 127 14.28 -30.51 13.94
C ALA A 127 14.77 -29.17 13.42
N ALA A 128 15.40 -28.36 14.28
CA ALA A 128 15.97 -27.09 13.82
C ALA A 128 17.15 -27.33 12.89
N GLN A 129 17.96 -28.35 13.16
CA GLN A 129 19.07 -28.68 12.27
C GLN A 129 18.58 -29.17 10.91
N ALA A 130 17.42 -29.82 10.87
CA ALA A 130 16.90 -30.32 9.60
C ALA A 130 16.57 -29.19 8.64
N PHE A 131 15.78 -28.22 9.09
CA PHE A 131 15.35 -27.08 8.27
C PHE A 131 15.73 -25.79 9.00
N PRO A 132 17.00 -25.42 8.99
CA PRO A 132 17.43 -24.21 9.71
C PRO A 132 17.00 -22.95 8.99
N ASN A 133 17.18 -21.82 9.68
CA ASN A 133 16.87 -20.49 9.15
C ASN A 133 15.41 -20.40 8.72
N THR A 134 14.52 -20.91 9.57
CA THR A 134 13.09 -20.90 9.32
C THR A 134 12.34 -20.48 10.58
N GLU A 135 11.12 -20.00 10.38
CA GLU A 135 10.25 -19.64 11.50
C GLU A 135 9.89 -20.86 12.35
N LEU A 136 9.67 -21.99 11.68
CA LEU A 136 9.29 -23.22 12.38
C LEU A 136 10.38 -23.67 13.35
N ALA A 137 11.66 -23.47 13.00
CA ALA A 137 12.74 -23.88 13.90
C ALA A 137 12.75 -23.04 15.17
N GLU A 138 12.56 -21.73 15.04
CA GLU A 138 12.45 -20.86 16.21
C GLU A 138 11.30 -21.30 17.09
N LEU A 139 10.13 -21.55 16.47
CA LEU A 139 8.98 -22.01 17.25
C LEU A 139 9.26 -23.32 17.95
N MET A 140 10.00 -24.22 17.30
CA MET A 140 10.31 -25.52 17.89
C MET A 140 11.20 -25.37 19.12
N LEU A 141 12.27 -24.58 18.99
CA LEU A 141 13.17 -24.39 20.13
C LEU A 141 12.44 -23.72 21.28
N ARG A 142 11.58 -22.73 20.98
CA ARG A 142 10.82 -22.07 22.03
C ARG A 142 9.85 -23.03 22.71
N LEU A 143 9.24 -23.94 21.93
CA LEU A 143 8.35 -24.93 22.52
C LEU A 143 9.10 -25.86 23.46
N ALA A 144 10.28 -26.31 23.06
CA ALA A 144 11.09 -27.16 23.94
C ALA A 144 11.44 -26.42 25.23
N GLU A 145 11.82 -25.15 25.12
CA GLU A 145 12.13 -24.37 26.32
C GLU A 145 10.90 -24.25 27.23
N VAL A 146 9.72 -24.03 26.64
CA VAL A 146 8.52 -23.88 27.46
C VAL A 146 8.18 -25.19 28.16
N ALA A 147 8.41 -26.32 27.49
CA ALA A 147 8.19 -27.61 28.16
C ALA A 147 9.14 -27.80 29.33
N ALA A 148 10.41 -27.45 29.14
CA ALA A 148 11.36 -27.52 30.25
C ALA A 148 10.91 -26.65 31.41
N ARG A 149 10.40 -25.44 31.11
CA ARG A 149 9.93 -24.56 32.17
C ARG A 149 8.70 -25.13 32.86
N VAL A 150 7.83 -25.83 32.13
CA VAL A 150 6.69 -26.48 32.75
C VAL A 150 7.16 -27.54 33.75
N MET A 151 8.17 -28.31 33.36
CA MET A 151 8.73 -29.29 34.31
C MET A 151 9.30 -28.61 35.54
N LYS A 152 10.02 -27.50 35.34
CA LYS A 152 10.58 -26.78 36.49
C LYS A 152 9.48 -26.25 37.41
N GLU A 153 8.38 -25.77 36.82
CA GLU A 153 7.27 -25.27 37.63
C GLU A 153 6.60 -26.40 38.41
N LEU A 154 6.50 -27.59 37.81
CA LEU A 154 5.95 -28.72 38.55
C LEU A 154 6.87 -29.11 39.72
N GLU A 155 8.19 -29.07 39.49
CA GLU A 155 9.12 -29.31 40.58
C GLU A 155 8.92 -28.32 41.72
N ARG A 156 8.79 -27.03 41.37
CA ARG A 156 8.54 -26.01 42.39
C ARG A 156 7.24 -26.29 43.14
N ASN A 157 6.18 -26.64 42.42
CA ASN A 157 4.89 -26.91 43.04
C ASN A 157 5.00 -28.06 44.05
N ASP A 158 5.69 -29.14 43.66
CA ASP A 158 5.88 -30.25 44.58
C ASP A 158 6.63 -29.81 45.82
N GLU A 159 7.76 -29.11 45.64
CA GLU A 159 8.58 -28.74 46.78
C GLU A 159 7.85 -27.78 47.71
N GLU A 160 6.95 -26.95 47.16
N GLU A 160 6.96 -26.94 47.17
CA GLU A 160 6.17 -26.06 48.02
CA GLU A 160 6.17 -26.06 48.01
C GLU A 160 5.02 -26.79 48.71
C GLU A 160 5.03 -26.80 48.72
N ILE A 161 4.47 -27.83 48.07
CA ILE A 161 3.42 -28.61 48.71
C ILE A 161 3.99 -29.40 49.88
N LYS A 162 5.25 -29.85 49.77
CA LYS A 162 5.86 -30.60 50.86
C LYS A 162 5.93 -29.78 52.15
N LYS A 163 6.26 -28.49 52.03
CA LYS A 163 6.39 -27.63 53.20
C LYS A 163 5.06 -27.03 53.61
N ASP A 168 0.21 -20.74 53.62
CA ASP A 168 0.96 -20.51 52.39
C ASP A 168 0.04 -20.59 51.17
N ASP A 169 -1.25 -20.34 51.40
CA ASP A 169 -2.23 -20.46 50.32
C ASP A 169 -1.92 -19.49 49.19
N GLU A 170 -1.47 -18.28 49.53
CA GLU A 170 -1.16 -17.29 48.50
C GLU A 170 -0.01 -17.75 47.61
N SER A 171 1.03 -18.34 48.22
CA SER A 171 2.16 -18.83 47.43
C SER A 171 1.74 -19.98 46.52
N LEU A 172 0.91 -20.89 47.03
CA LEU A 172 0.40 -21.98 46.22
C LEU A 172 -0.41 -21.46 45.03
N LEU A 173 -1.27 -20.47 45.28
CA LEU A 173 -2.05 -19.90 44.18
C LEU A 173 -1.16 -19.20 43.16
N GLU A 174 -0.14 -18.48 43.64
CA GLU A 174 0.79 -17.81 42.73
C GLU A 174 1.49 -18.82 41.84
N ASP A 175 1.95 -19.93 42.42
CA ASP A 175 2.65 -20.94 41.61
C ASP A 175 1.70 -21.67 40.67
N ILE A 176 0.44 -21.86 41.07
CA ILE A 176 -0.55 -22.45 40.18
C ILE A 176 -0.77 -21.54 38.97
N VAL A 177 -0.87 -20.23 39.21
CA VAL A 177 -1.03 -19.29 38.10
C VAL A 177 0.19 -19.31 37.20
N GLU A 178 1.39 -19.33 37.80
CA GLU A 178 2.62 -19.34 37.00
C GLU A 178 2.76 -20.62 36.21
N LEU A 179 2.17 -21.73 36.69
CA LEU A 179 2.17 -22.97 35.93
C LEU A 179 1.18 -22.92 34.77
N LEU A 180 -0.05 -22.48 35.05
CA LEU A 180 -1.07 -22.43 34.00
C LEU A 180 -0.69 -21.46 32.88
N LYS A 181 0.00 -20.36 33.21
CA LYS A 181 0.45 -19.42 32.20
C LYS A 181 1.34 -20.11 31.17
N GLU A 182 2.38 -20.82 31.65
CA GLU A 182 3.29 -21.49 30.73
C GLU A 182 2.64 -22.68 30.04
N ILE A 183 1.66 -23.32 30.69
CA ILE A 183 0.91 -24.38 30.02
C ILE A 183 0.17 -23.83 28.81
N ILE A 184 -0.54 -22.70 29.00
CA ILE A 184 -1.24 -22.06 27.90
C ILE A 184 -0.27 -21.65 26.80
N LYS A 185 0.90 -21.12 27.19
CA LYS A 185 1.89 -20.73 26.19
C LYS A 185 2.38 -21.94 25.40
N LEU A 186 2.62 -23.07 26.08
CA LEU A 186 3.06 -24.28 25.41
C LEU A 186 2.03 -24.74 24.37
N TRP A 187 0.76 -24.77 24.77
CA TRP A 187 -0.26 -25.23 23.82
C TRP A 187 -0.46 -24.24 22.68
N LYS A 188 -0.29 -22.93 22.94
CA LYS A 188 -0.37 -21.95 21.86
C LYS A 188 0.75 -22.15 20.84
N ILE A 189 1.97 -22.37 21.33
CA ILE A 189 3.09 -22.62 20.43
C ILE A 189 2.85 -23.90 19.63
N LEU A 190 2.30 -24.92 20.28
CA LEU A 190 2.00 -26.16 19.56
C LEU A 190 0.97 -25.93 18.46
N VAL A 191 -0.05 -25.11 18.74
CA VAL A 191 -1.06 -24.81 17.72
C VAL A 191 -0.44 -24.03 16.56
N GLU A 192 0.46 -23.10 16.85
CA GLU A 192 1.13 -22.36 15.78
C GLU A 192 1.96 -23.30 14.91
N VAL A 193 2.69 -24.23 15.55
CA VAL A 193 3.47 -25.21 14.79
C VAL A 193 2.54 -26.06 13.94
N SER A 194 1.39 -26.45 14.47
CA SER A 194 0.44 -27.24 13.69
C SER A 194 -0.09 -26.47 12.50
N ASP A 195 -0.29 -25.16 12.65
CA ASP A 195 -0.73 -24.33 11.53
C ASP A 195 0.34 -24.28 10.44
N VAL A 196 1.59 -24.06 10.84
CA VAL A 196 2.68 -24.03 9.86
C VAL A 196 2.80 -25.39 9.17
N MET A 197 2.57 -26.48 9.91
CA MET A 197 2.58 -27.80 9.32
C MET A 197 1.45 -27.97 8.29
N LEU A 198 0.25 -27.52 8.65
CA LEU A 198 -0.87 -27.55 7.71
C LEU A 198 -0.52 -26.82 6.42
N LYS A 199 0.14 -25.67 6.53
CA LYS A 199 0.48 -24.92 5.33
C LYS A 199 1.60 -25.57 4.54
N LEU A 200 2.55 -26.23 5.23
CA LEU A 200 3.63 -26.89 4.51
C LEU A 200 3.15 -28.14 3.79
N ILE A 201 2.17 -28.85 4.34
CA ILE A 201 1.71 -30.09 3.71
C ILE A 201 0.86 -29.78 2.49
N SER A 202 -0.01 -28.78 2.58
CA SER A 202 -0.87 -28.40 1.47
C SER A 202 -0.07 -27.76 0.34
N SER B 1 8.00 3.30 -35.98
CA SER B 1 8.49 1.98 -36.34
C SER B 1 8.18 0.95 -35.25
N GLU B 2 8.18 1.41 -34.01
CA GLU B 2 8.01 0.50 -32.88
C GLU B 2 6.61 -0.11 -32.85
N LYS B 3 5.59 0.68 -33.23
CA LYS B 3 4.23 0.16 -33.22
C LYS B 3 4.05 -0.94 -34.25
N GLU B 4 4.62 -0.76 -35.45
CA GLU B 4 4.51 -1.78 -36.48
C GLU B 4 5.25 -3.06 -36.05
N LYS B 5 6.41 -2.91 -35.41
CA LYS B 5 7.13 -4.07 -34.92
C LYS B 5 6.33 -4.81 -33.86
N VAL B 6 5.71 -4.07 -32.93
CA VAL B 6 4.87 -4.71 -31.92
C VAL B 6 3.70 -5.45 -32.56
N GLU B 7 3.09 -4.83 -33.57
CA GLU B 7 1.96 -5.47 -34.24
C GLU B 7 2.39 -6.75 -34.95
N GLU B 8 3.54 -6.73 -35.63
CA GLU B 8 4.02 -7.93 -36.32
C GLU B 8 4.37 -9.02 -35.32
N LEU B 9 5.02 -8.66 -34.21
CA LEU B 9 5.32 -9.67 -33.18
C LEU B 9 4.05 -10.26 -32.60
N ALA B 10 3.03 -9.43 -32.35
CA ALA B 10 1.77 -9.94 -31.83
C ALA B 10 1.11 -10.88 -32.83
N GLN B 11 1.15 -10.53 -34.11
CA GLN B 11 0.58 -11.41 -35.14
C GLN B 11 1.30 -12.76 -35.17
N ARG B 12 2.63 -12.74 -35.12
CA ARG B 12 3.37 -14.00 -35.16
C ARG B 12 3.13 -14.83 -33.90
N ILE B 13 3.06 -14.18 -32.74
CA ILE B 13 2.79 -14.91 -31.50
C ILE B 13 1.41 -15.53 -31.53
N ARG B 14 0.41 -14.79 -32.01
CA ARG B 14 -0.93 -15.34 -32.14
C ARG B 14 -0.98 -16.48 -33.16
N GLU B 15 -0.13 -16.41 -34.20
CA GLU B 15 -0.08 -17.49 -35.17
C GLU B 15 0.59 -18.73 -34.61
N GLN B 16 1.48 -18.56 -33.62
CA GLN B 16 2.17 -19.71 -33.04
C GLN B 16 1.33 -20.40 -31.97
N LEU B 17 0.92 -19.68 -30.93
CA LEU B 17 0.20 -20.27 -29.82
C LEU B 17 -1.28 -19.97 -29.92
N PRO B 18 -2.14 -20.95 -30.15
CA PRO B 18 -3.58 -20.67 -30.21
C PRO B 18 -4.31 -20.92 -28.90
N ASP B 19 -5.10 -19.93 -28.46
CA ASP B 19 -5.97 -20.05 -27.29
C ASP B 19 -5.17 -20.43 -26.04
N THR B 20 -4.00 -19.82 -25.88
CA THR B 20 -3.18 -20.02 -24.69
C THR B 20 -3.25 -18.79 -23.80
N GLU B 21 -2.96 -19.01 -22.51
CA GLU B 21 -2.92 -17.90 -21.57
C GLU B 21 -1.88 -16.87 -21.98
N LEU B 22 -0.73 -17.34 -22.49
CA LEU B 22 0.28 -16.42 -23.01
C LEU B 22 -0.27 -15.60 -24.17
N ALA B 23 -1.04 -16.23 -25.05
CA ALA B 23 -1.61 -15.50 -26.18
C ALA B 23 -2.59 -14.43 -25.73
N ARG B 24 -3.46 -14.75 -24.78
CA ARG B 24 -4.44 -13.78 -24.30
C ARG B 24 -3.77 -12.63 -23.56
N GLU B 25 -2.81 -12.94 -22.68
CA GLU B 25 -2.12 -11.88 -21.96
C GLU B 25 -1.29 -11.02 -22.92
N ALA B 26 -0.71 -11.64 -23.95
CA ALA B 26 0.02 -10.87 -24.95
C ALA B 26 -0.91 -9.99 -25.76
N GLN B 27 -2.12 -10.47 -26.04
CA GLN B 27 -3.10 -9.65 -26.75
C GLN B 27 -3.49 -8.44 -25.91
N GLU B 28 -3.75 -8.65 -24.62
CA GLU B 28 -4.09 -7.53 -23.74
C GLU B 28 -2.94 -6.53 -23.65
N LEU B 29 -1.72 -7.04 -23.45
CA LEU B 29 -0.56 -6.16 -23.33
C LEU B 29 -0.30 -5.40 -24.64
N ALA B 30 -0.47 -6.07 -25.77
CA ALA B 30 -0.24 -5.42 -27.06
C ALA B 30 -1.32 -4.38 -27.36
N ASP B 31 -2.56 -4.62 -26.94
CA ASP B 31 -3.59 -3.60 -27.07
C ASP B 31 -3.25 -2.38 -26.23
N GLU B 32 -2.92 -2.59 -24.95
CA GLU B 32 -2.54 -1.47 -24.09
C GLU B 32 -1.30 -0.75 -24.62
N ALA B 33 -0.41 -1.47 -25.32
CA ALA B 33 0.78 -0.82 -25.87
C ALA B 33 0.44 -0.02 -27.12
N ARG B 34 -0.38 -0.57 -28.01
CA ARG B 34 -0.81 0.17 -29.20
C ARG B 34 -1.61 1.40 -28.83
N LYS B 35 -2.29 1.38 -27.68
CA LYS B 35 -2.97 2.58 -27.20
C LYS B 35 -1.95 3.67 -26.84
N SER B 36 -0.90 3.29 -26.12
CA SER B 36 0.07 4.25 -25.62
C SER B 36 1.00 4.72 -26.73
N ASP B 37 1.40 5.99 -26.64
CA ASP B 37 2.34 6.60 -27.56
C ASP B 37 3.73 6.79 -26.95
N ASP B 38 3.94 6.34 -25.72
CA ASP B 38 5.24 6.46 -25.09
C ASP B 38 6.24 5.53 -25.76
N SER B 39 7.48 6.03 -25.90
CA SER B 39 8.52 5.23 -26.56
C SER B 39 9.10 4.18 -25.62
N GLU B 40 9.31 4.51 -24.35
CA GLU B 40 9.90 3.57 -23.41
C GLU B 40 8.96 2.41 -23.12
N ALA B 41 7.67 2.70 -22.94
CA ALA B 41 6.70 1.62 -22.69
C ALA B 41 6.62 0.68 -23.88
N LEU B 42 6.62 1.22 -25.10
CA LEU B 42 6.57 0.38 -26.28
C LEU B 42 7.86 -0.43 -26.42
N LYS B 43 9.01 0.15 -26.05
CA LYS B 43 10.25 -0.60 -26.02
C LYS B 43 10.15 -1.80 -25.08
N VAL B 44 9.64 -1.56 -23.87
CA VAL B 44 9.50 -2.63 -22.88
C VAL B 44 8.56 -3.72 -23.39
N VAL B 45 7.43 -3.31 -23.98
CA VAL B 45 6.45 -4.29 -24.43
C VAL B 45 6.99 -5.10 -25.60
N TYR B 46 7.70 -4.46 -26.52
CA TYR B 46 8.33 -5.19 -27.63
C TYR B 46 9.34 -6.19 -27.11
N LEU B 47 10.16 -5.79 -26.14
CA LEU B 47 11.14 -6.71 -25.57
C LEU B 47 10.45 -7.89 -24.90
N ALA B 48 9.36 -7.64 -24.17
CA ALA B 48 8.64 -8.73 -23.52
C ALA B 48 8.02 -9.67 -24.56
N LEU B 49 7.47 -9.12 -25.64
CA LEU B 49 6.88 -9.95 -26.67
C LEU B 49 7.93 -10.81 -27.36
N ARG B 50 9.11 -10.24 -27.61
N ARG B 50 9.11 -10.24 -27.61
CA ARG B 50 10.18 -11.03 -28.21
CA ARG B 50 10.18 -11.03 -28.21
C ARG B 50 10.66 -12.12 -27.26
C ARG B 50 10.66 -12.12 -27.26
N ILE B 51 10.71 -11.81 -25.96
CA ILE B 51 11.08 -12.83 -24.98
C ILE B 51 10.06 -13.96 -24.97
N VAL B 52 8.77 -13.62 -25.09
CA VAL B 52 7.73 -14.65 -25.15
C VAL B 52 7.90 -15.51 -26.40
N GLN B 53 8.19 -14.88 -27.54
CA GLN B 53 8.38 -15.64 -28.76
C GLN B 53 9.59 -16.57 -28.66
N GLN B 54 10.68 -16.09 -28.04
CA GLN B 54 11.89 -16.91 -27.95
C GLN B 54 11.68 -18.13 -27.07
N LEU B 55 10.93 -17.99 -25.98
CA LEU B 55 10.72 -19.06 -25.01
C LEU B 55 9.23 -19.24 -24.77
N PRO B 56 8.53 -19.93 -25.67
CA PRO B 56 7.10 -20.16 -25.47
C PRO B 56 6.83 -21.19 -24.39
N ASP B 57 5.74 -20.99 -23.67
CA ASP B 57 5.30 -21.86 -22.58
C ASP B 57 6.42 -22.04 -21.54
N THR B 58 7.00 -20.92 -21.14
CA THR B 58 8.08 -20.91 -20.17
C THR B 58 7.73 -19.97 -19.02
N GLU B 59 8.31 -20.25 -17.85
CA GLU B 59 8.06 -19.43 -16.68
C GLU B 59 8.60 -18.01 -16.88
N LEU B 60 9.77 -17.89 -17.48
CA LEU B 60 10.36 -16.58 -17.70
C LEU B 60 9.47 -15.70 -18.58
N ALA B 61 8.91 -16.28 -19.64
CA ALA B 61 8.07 -15.49 -20.54
C ALA B 61 6.79 -15.04 -19.86
N ARG B 62 6.16 -15.92 -19.07
CA ARG B 62 4.93 -15.56 -18.38
C ARG B 62 5.18 -14.49 -17.32
N GLU B 63 6.24 -14.65 -16.53
CA GLU B 63 6.57 -13.64 -15.54
C GLU B 63 6.97 -12.34 -16.19
N ALA B 64 7.60 -12.39 -17.38
CA ALA B 64 7.93 -11.17 -18.10
C ALA B 64 6.69 -10.48 -18.63
N LEU B 65 5.68 -11.26 -19.06
CA LEU B 65 4.41 -10.67 -19.45
C LEU B 65 3.77 -9.93 -18.28
N GLU B 66 3.72 -10.59 -17.12
CA GLU B 66 3.14 -9.95 -15.94
C GLU B 66 3.92 -8.69 -15.55
N LEU B 67 5.25 -8.76 -15.61
CA LEU B 67 6.08 -7.62 -15.26
C LEU B 67 5.88 -6.46 -16.23
N ALA B 68 5.80 -6.75 -17.53
CA ALA B 68 5.57 -5.70 -18.50
C ALA B 68 4.18 -5.08 -18.35
N LYS B 69 3.19 -5.90 -18.00
CA LYS B 69 1.85 -5.36 -17.76
C LYS B 69 1.86 -4.42 -16.56
N GLU B 70 2.48 -4.85 -15.46
CA GLU B 70 2.56 -3.99 -14.28
C GLU B 70 3.37 -2.73 -14.55
N ALA B 71 4.35 -2.82 -15.46
CA ALA B 71 5.13 -1.63 -15.82
C ALA B 71 4.30 -0.66 -16.66
N VAL B 72 3.53 -1.18 -17.61
CA VAL B 72 2.66 -0.33 -18.42
C VAL B 72 1.62 0.35 -17.53
N LYS B 73 1.09 -0.38 -16.54
CA LYS B 73 0.13 0.24 -15.63
C LYS B 73 0.78 1.30 -14.76
N SER B 74 2.09 1.21 -14.53
CA SER B 74 2.78 2.18 -13.69
C SER B 74 2.93 3.50 -14.41
N THR B 75 2.82 4.60 -13.66
CA THR B 75 2.93 5.95 -14.21
C THR B 75 4.33 6.53 -14.10
N ASP B 76 5.30 5.77 -13.62
CA ASP B 76 6.66 6.24 -13.45
C ASP B 76 7.52 5.78 -14.63
N SER B 77 8.34 6.70 -15.15
CA SER B 77 9.21 6.37 -16.27
C SER B 77 10.52 5.74 -15.83
N GLU B 78 10.98 6.06 -14.61
CA GLU B 78 12.17 5.42 -14.09
C GLU B 78 11.97 3.92 -13.94
N ALA B 79 10.80 3.51 -13.43
CA ALA B 79 10.47 2.10 -13.35
C ALA B 79 10.40 1.47 -14.74
N LEU B 80 9.93 2.23 -15.73
CA LEU B 80 9.89 1.72 -17.10
C LEU B 80 11.31 1.43 -17.60
N LYS B 81 12.24 2.36 -17.36
CA LYS B 81 13.62 2.14 -17.79
C LYS B 81 14.25 0.96 -17.06
N VAL B 82 13.98 0.84 -15.76
CA VAL B 82 14.52 -0.29 -14.99
C VAL B 82 13.99 -1.61 -15.53
N VAL B 83 12.68 -1.67 -15.83
CA VAL B 83 12.10 -2.89 -16.36
C VAL B 83 12.68 -3.20 -17.74
N TYR B 84 12.94 -2.16 -18.53
CA TYR B 84 13.55 -2.38 -19.84
C TYR B 84 14.94 -2.99 -19.70
N LEU B 85 15.75 -2.46 -18.78
CA LEU B 85 17.09 -3.02 -18.59
C LEU B 85 17.02 -4.46 -18.10
N ALA B 86 16.12 -4.74 -17.16
CA ALA B 86 15.99 -6.11 -16.65
C ALA B 86 15.54 -7.06 -17.76
N LEU B 87 14.57 -6.64 -18.57
CA LEU B 87 14.11 -7.50 -19.66
C LEU B 87 15.17 -7.67 -20.73
N ARG B 88 16.04 -6.68 -20.92
CA ARG B 88 17.15 -6.86 -21.85
C ARG B 88 18.15 -7.88 -21.32
N ILE B 89 18.44 -7.82 -20.02
CA ILE B 89 19.29 -8.84 -19.40
C ILE B 89 18.69 -10.22 -19.59
N VAL B 90 17.38 -10.34 -19.41
CA VAL B 90 16.71 -11.62 -19.60
C VAL B 90 16.77 -12.06 -21.06
N GLN B 91 16.63 -11.10 -21.98
CA GLN B 91 16.64 -11.41 -23.41
C GLN B 91 17.99 -11.99 -23.83
N GLN B 92 19.08 -11.34 -23.41
CA GLN B 92 20.40 -11.80 -23.86
C GLN B 92 20.79 -13.11 -23.19
N LEU B 93 20.49 -13.26 -21.90
CA LEU B 93 20.90 -14.44 -21.13
C LEU B 93 19.71 -14.97 -20.35
N PRO B 94 18.83 -15.75 -21.00
CA PRO B 94 17.66 -16.28 -20.28
C PRO B 94 18.03 -17.32 -19.23
N ASP B 95 18.93 -18.25 -19.55
CA ASP B 95 19.26 -19.35 -18.64
C ASP B 95 20.46 -18.98 -17.76
N THR B 96 20.29 -17.88 -17.03
CA THR B 96 21.32 -17.39 -16.12
C THR B 96 20.67 -16.91 -14.84
N GLU B 97 21.45 -16.94 -13.75
CA GLU B 97 20.98 -16.37 -12.49
C GLU B 97 20.75 -14.87 -12.62
N LEU B 98 21.50 -14.22 -13.52
CA LEU B 98 21.31 -12.79 -13.75
C LEU B 98 19.90 -12.49 -14.25
N ALA B 99 19.35 -13.37 -15.08
CA ALA B 99 17.99 -13.16 -15.59
C ALA B 99 16.97 -13.20 -14.46
N ARG B 100 17.08 -14.18 -13.57
CA ARG B 100 16.16 -14.27 -12.44
C ARG B 100 16.32 -13.07 -11.52
N LEU B 101 17.56 -12.69 -11.22
CA LEU B 101 17.81 -11.53 -10.37
C LEU B 101 17.20 -10.28 -10.99
N ALA B 102 17.35 -10.09 -12.31
CA ALA B 102 16.80 -8.91 -12.96
C ALA B 102 15.28 -8.91 -12.96
N LEU B 103 14.67 -10.08 -13.21
CA LEU B 103 13.22 -10.18 -13.17
C LEU B 103 12.69 -9.80 -11.79
N GLU B 104 13.23 -10.41 -10.74
CA GLU B 104 12.74 -10.10 -9.41
C GLU B 104 13.06 -8.66 -8.99
N LEU B 105 14.20 -8.12 -9.45
CA LEU B 105 14.57 -6.76 -9.12
C LEU B 105 13.63 -5.76 -9.77
N ALA B 106 13.23 -6.00 -11.02
CA ALA B 106 12.25 -5.13 -11.66
C ALA B 106 10.88 -5.27 -11.01
N LYS B 107 10.50 -6.51 -10.65
CA LYS B 107 9.24 -6.72 -9.96
C LYS B 107 9.18 -5.94 -8.65
N LYS B 108 10.29 -5.90 -7.91
CA LYS B 108 10.33 -5.14 -6.67
C LYS B 108 10.48 -3.64 -6.90
N ALA B 109 11.14 -3.24 -7.98
CA ALA B 109 11.33 -1.82 -8.26
C ALA B 109 10.04 -1.15 -8.69
N VAL B 110 9.17 -1.87 -9.40
CA VAL B 110 7.87 -1.31 -9.73
C VAL B 110 7.08 -1.03 -8.46
N GLU B 111 7.28 -1.84 -7.42
CA GLU B 111 6.54 -1.66 -6.17
C GLU B 111 7.05 -0.45 -5.39
N MET B 112 8.35 -0.22 -5.38
CA MET B 112 8.94 0.83 -4.55
C MET B 112 8.68 2.20 -5.16
N THR B 113 8.25 3.14 -4.31
CA THR B 113 8.02 4.52 -4.74
C THR B 113 9.23 5.40 -4.52
N ALA B 114 10.16 5.00 -3.66
CA ALA B 114 11.32 5.83 -3.35
C ALA B 114 12.24 5.94 -4.56
N GLN B 115 12.82 7.13 -4.74
CA GLN B 115 13.72 7.34 -5.87
C GLN B 115 15.06 6.66 -5.67
N GLU B 116 15.48 6.49 -4.42
CA GLU B 116 16.80 5.90 -4.14
C GLU B 116 16.84 4.44 -4.60
N VAL B 117 15.78 3.68 -4.32
CA VAL B 117 15.74 2.28 -4.75
C VAL B 117 15.80 2.19 -6.27
N LEU B 118 15.04 3.05 -6.96
CA LEU B 118 15.03 3.01 -8.42
C LEU B 118 16.38 3.41 -8.99
N GLU B 119 17.04 4.40 -8.39
CA GLU B 119 18.37 4.78 -8.87
C GLU B 119 19.38 3.67 -8.67
N ILE B 120 19.35 3.01 -7.50
CA ILE B 120 20.25 1.88 -7.26
C ILE B 120 19.97 0.76 -8.26
N ALA B 121 18.69 0.49 -8.53
CA ALA B 121 18.34 -0.56 -9.47
C ALA B 121 18.85 -0.23 -10.88
N ARG B 122 18.67 1.01 -11.31
CA ARG B 122 19.14 1.41 -12.63
C ARG B 122 20.65 1.30 -12.73
N ALA B 123 21.36 1.77 -11.71
CA ALA B 123 22.82 1.68 -11.73
C ALA B 123 23.29 0.23 -11.75
N ALA B 124 22.66 -0.63 -10.96
CA ALA B 124 23.06 -2.03 -10.92
C ALA B 124 22.74 -2.74 -12.24
N LEU B 125 21.60 -2.42 -12.86
CA LEU B 125 21.27 -3.04 -14.13
C LEU B 125 22.21 -2.59 -15.24
N LYS B 126 22.60 -1.31 -15.24
CA LYS B 126 23.60 -0.87 -16.20
C LYS B 126 24.96 -1.51 -15.93
N ALA B 127 25.30 -1.72 -14.67
CA ALA B 127 26.55 -2.41 -14.35
C ALA B 127 26.54 -3.85 -14.86
N ALA B 128 25.39 -4.53 -14.71
CA ALA B 128 25.28 -5.89 -15.22
C ALA B 128 25.30 -5.91 -16.75
N GLN B 129 24.68 -4.91 -17.38
CA GLN B 129 24.75 -4.80 -18.84
C GLN B 129 26.17 -4.55 -19.32
N ALA B 130 26.98 -3.86 -18.53
CA ALA B 130 28.35 -3.55 -18.93
C ALA B 130 29.17 -4.82 -19.09
N PHE B 131 29.26 -5.64 -18.04
CA PHE B 131 30.04 -6.87 -18.05
C PHE B 131 29.13 -8.03 -17.65
N PRO B 132 28.30 -8.53 -18.57
CA PRO B 132 27.39 -9.63 -18.25
C PRO B 132 28.13 -10.94 -18.09
N ASN B 133 27.41 -11.93 -17.58
CA ASN B 133 27.94 -13.28 -17.34
C ASN B 133 29.18 -13.22 -16.45
N THR B 134 29.08 -12.47 -15.35
CA THR B 134 30.16 -12.31 -14.40
C THR B 134 29.62 -12.42 -12.98
N GLU B 135 30.52 -12.79 -12.06
N GLU B 135 30.52 -12.78 -12.05
CA GLU B 135 30.15 -12.87 -10.65
CA GLU B 135 30.13 -12.87 -10.65
C GLU B 135 29.81 -11.49 -10.09
C GLU B 135 29.80 -11.48 -10.09
N LEU B 136 30.52 -10.46 -10.56
CA LEU B 136 30.28 -9.11 -10.07
C LEU B 136 28.88 -8.62 -10.43
N ALA B 137 28.36 -9.00 -11.60
CA ALA B 137 27.01 -8.59 -11.97
C ALA B 137 25.97 -9.24 -11.07
N GLU B 138 26.16 -10.53 -10.75
CA GLU B 138 25.29 -11.19 -9.80
C GLU B 138 25.32 -10.46 -8.46
N LEU B 139 26.53 -10.17 -7.96
CA LEU B 139 26.63 -9.43 -6.69
C LEU B 139 25.96 -8.07 -6.78
N MET B 140 26.02 -7.41 -7.94
CA MET B 140 25.41 -6.09 -8.10
C MET B 140 23.89 -6.16 -8.01
N LEU B 141 23.29 -7.09 -8.74
CA LEU B 141 21.84 -7.24 -8.68
C LEU B 141 21.39 -7.63 -7.27
N ARG B 142 22.18 -8.49 -6.61
CA ARG B 142 21.89 -8.85 -5.22
C ARG B 142 21.94 -7.64 -4.31
N LEU B 143 22.94 -6.77 -4.50
CA LEU B 143 23.06 -5.55 -3.72
C LEU B 143 21.83 -4.66 -3.89
N ALA B 144 21.40 -4.48 -5.14
CA ALA B 144 20.21 -3.66 -5.40
C ALA B 144 18.98 -4.24 -4.70
N GLU B 145 18.81 -5.57 -4.79
CA GLU B 145 17.67 -6.20 -4.13
C GLU B 145 17.71 -5.99 -2.62
N VAL B 146 18.89 -6.13 -2.02
CA VAL B 146 18.98 -5.99 -0.57
C VAL B 146 18.70 -4.54 -0.14
N ALA B 147 19.16 -3.56 -0.95
CA ALA B 147 18.84 -2.18 -0.64
C ALA B 147 17.33 -1.92 -0.70
N ALA B 148 16.67 -2.48 -1.72
CA ALA B 148 15.22 -2.35 -1.81
C ALA B 148 14.54 -2.96 -0.58
N ARG B 149 15.02 -4.13 -0.14
CA ARG B 149 14.44 -4.76 1.03
C ARG B 149 14.66 -3.92 2.29
N VAL B 150 15.81 -3.26 2.39
CA VAL B 150 16.05 -2.38 3.54
C VAL B 150 15.06 -1.22 3.55
N MET B 151 14.81 -0.63 2.38
CA MET B 151 13.82 0.45 2.31
C MET B 151 12.43 -0.06 2.70
N LYS B 152 12.09 -1.27 2.26
CA LYS B 152 10.80 -1.86 2.64
C LYS B 152 10.71 -2.07 4.14
N GLU B 153 11.82 -2.48 4.77
CA GLU B 153 11.83 -2.66 6.22
C GLU B 153 11.61 -1.34 6.94
N LEU B 154 12.22 -0.26 6.44
CA LEU B 154 11.99 1.05 7.04
C LEU B 154 10.53 1.47 6.90
N GLU B 155 9.93 1.20 5.74
CA GLU B 155 8.51 1.50 5.55
C GLU B 155 7.65 0.72 6.56
N ARG B 156 7.96 -0.55 6.75
CA ARG B 156 7.23 -1.36 7.73
C ARG B 156 7.39 -0.80 9.14
N ASN B 157 8.60 -0.37 9.48
CA ASN B 157 8.85 0.23 10.79
C ASN B 157 7.97 1.45 11.01
N ASP B 158 7.91 2.34 10.01
CA ASP B 158 7.06 3.52 10.14
C ASP B 158 5.60 3.14 10.30
N GLU B 159 5.11 2.23 9.45
CA GLU B 159 3.70 1.85 9.50
C GLU B 159 3.33 1.19 10.82
N GLU B 160 4.27 0.45 11.42
CA GLU B 160 3.98 -0.15 12.73
C GLU B 160 4.08 0.86 13.86
N ILE B 161 4.95 1.87 13.73
CA ILE B 161 5.01 2.93 14.73
C ILE B 161 3.71 3.72 14.73
N LYS B 162 3.11 3.90 13.55
CA LYS B 162 1.85 4.65 13.49
C LYS B 162 0.73 3.95 14.26
N LYS B 163 0.60 2.64 14.07
CA LYS B 163 -0.46 1.88 14.74
C LYS B 163 -0.07 1.51 16.17
N ASP B 168 3.33 -2.74 19.98
CA ASP B 168 3.85 -3.79 20.85
C ASP B 168 5.38 -3.77 20.85
N ASP B 169 5.97 -3.99 22.03
CA ASP B 169 7.42 -4.03 22.14
C ASP B 169 7.99 -5.22 21.39
N GLU B 170 7.32 -6.38 21.48
CA GLU B 170 7.80 -7.58 20.81
C GLU B 170 7.80 -7.42 19.29
N SER B 171 6.74 -6.82 18.75
CA SER B 171 6.68 -6.61 17.30
C SER B 171 7.77 -5.64 16.83
N LEU B 172 8.00 -4.58 17.61
CA LEU B 172 9.06 -3.64 17.28
C LEU B 172 10.42 -4.32 17.31
N LEU B 173 10.65 -5.20 18.30
CA LEU B 173 11.91 -5.92 18.36
C LEU B 173 12.06 -6.87 17.17
N GLU B 174 10.98 -7.55 16.79
CA GLU B 174 11.01 -8.43 15.62
C GLU B 174 11.41 -7.64 14.37
N ASP B 175 10.78 -6.49 14.16
CA ASP B 175 11.10 -5.69 12.98
C ASP B 175 12.51 -5.13 13.03
N ILE B 176 12.99 -4.76 14.22
CA ILE B 176 14.36 -4.27 14.35
C ILE B 176 15.36 -5.36 14.00
N VAL B 177 15.11 -6.59 14.45
CA VAL B 177 15.99 -7.70 14.11
C VAL B 177 15.96 -7.97 12.61
N GLU B 178 14.76 -7.95 12.01
CA GLU B 178 14.64 -8.18 10.58
C GLU B 178 15.33 -7.08 9.77
N LEU B 179 15.37 -5.86 10.31
CA LEU B 179 16.07 -4.78 9.62
C LEU B 179 17.58 -4.95 9.74
N LEU B 180 18.07 -5.24 10.93
CA LEU B 180 19.51 -5.40 11.14
C LEU B 180 20.05 -6.55 10.32
N LYS B 181 19.28 -7.64 10.16
CA LYS B 181 19.72 -8.76 9.35
C LYS B 181 20.05 -8.33 7.93
N GLU B 182 19.11 -7.62 7.28
CA GLU B 182 19.33 -7.20 5.90
C GLU B 182 20.36 -6.09 5.80
N ILE B 183 20.50 -5.27 6.85
CA ILE B 183 21.58 -4.28 6.87
C ILE B 183 22.93 -4.97 6.83
N ILE B 184 23.11 -5.98 7.67
CA ILE B 184 24.36 -6.74 7.69
C ILE B 184 24.60 -7.40 6.34
N LYS B 185 23.54 -7.95 5.74
CA LYS B 185 23.70 -8.59 4.43
C LYS B 185 24.12 -7.57 3.37
N LEU B 186 23.53 -6.37 3.40
CA LEU B 186 23.89 -5.32 2.45
C LEU B 186 25.37 -4.96 2.58
N TRP B 187 25.83 -4.76 3.82
CA TRP B 187 27.23 -4.39 4.00
C TRP B 187 28.18 -5.53 3.63
N LYS B 188 27.78 -6.77 3.86
CA LYS B 188 28.61 -7.90 3.44
C LYS B 188 28.73 -7.97 1.92
N ILE B 189 27.61 -7.73 1.22
CA ILE B 189 27.65 -7.71 -0.24
C ILE B 189 28.56 -6.58 -0.73
N LEU B 190 28.48 -5.41 -0.09
CA LEU B 190 29.36 -4.31 -0.48
C LEU B 190 30.83 -4.67 -0.25
N VAL B 191 31.13 -5.38 0.84
CA VAL B 191 32.50 -5.77 1.11
C VAL B 191 33.01 -6.77 0.07
N GLU B 192 32.16 -7.72 -0.33
CA GLU B 192 32.55 -8.65 -1.38
C GLU B 192 32.81 -7.92 -2.70
N VAL B 193 31.95 -6.95 -3.03
CA VAL B 193 32.16 -6.16 -4.23
C VAL B 193 33.47 -5.41 -4.16
N SER B 194 33.79 -4.85 -2.98
CA SER B 194 35.05 -4.14 -2.81
C SER B 194 36.25 -5.09 -2.95
N ASP B 195 36.12 -6.34 -2.50
CA ASP B 195 37.20 -7.30 -2.67
C ASP B 195 37.43 -7.62 -4.15
N VAL B 196 36.34 -7.82 -4.90
CA VAL B 196 36.48 -8.06 -6.33
C VAL B 196 37.07 -6.83 -7.02
N MET B 197 36.71 -5.64 -6.53
CA MET B 197 37.29 -4.42 -7.08
C MET B 197 38.78 -4.33 -6.82
N LEU B 198 39.21 -4.73 -5.61
CA LEU B 198 40.63 -4.80 -5.30
C LEU B 198 41.34 -5.76 -6.25
N LYS B 199 40.74 -6.93 -6.50
CA LYS B 199 41.35 -7.88 -7.42
C LYS B 199 41.48 -7.28 -8.82
N LEU B 200 40.48 -6.52 -9.26
CA LEU B 200 40.56 -5.91 -10.58
C LEU B 200 41.60 -4.81 -10.63
N ILE B 201 41.77 -4.07 -9.54
CA ILE B 201 42.68 -2.92 -9.55
C ILE B 201 44.13 -3.38 -9.59
N SER B 202 44.45 -4.46 -8.86
CA SER B 202 45.80 -4.96 -8.80
C SER B 202 46.27 -5.48 -10.16
N SER C 1 -14.25 6.79 7.16
CA SER C 1 -13.62 5.88 8.10
C SER C 1 -13.39 4.51 7.46
N GLU C 2 -13.39 4.47 6.13
CA GLU C 2 -13.21 3.22 5.42
C GLU C 2 -11.80 2.67 5.54
N LYS C 3 -10.80 3.52 5.78
CA LYS C 3 -9.43 3.03 5.90
C LYS C 3 -9.22 2.27 7.21
N GLU C 4 -9.79 2.78 8.30
CA GLU C 4 -9.74 2.05 9.57
C GLU C 4 -10.45 0.71 9.44
N LYS C 5 -11.57 0.69 8.71
CA LYS C 5 -12.28 -0.56 8.46
C LYS C 5 -11.41 -1.51 7.64
N VAL C 6 -10.66 -0.99 6.66
CA VAL C 6 -9.77 -1.83 5.87
C VAL C 6 -8.69 -2.44 6.74
N GLU C 7 -8.11 -1.64 7.64
CA GLU C 7 -7.05 -2.17 8.51
C GLU C 7 -7.60 -3.23 9.46
N GLU C 8 -8.78 -2.97 10.04
CA GLU C 8 -9.38 -3.95 10.96
C GLU C 8 -9.77 -5.22 10.22
N LEU C 9 -10.25 -5.09 8.98
CA LEU C 9 -10.54 -6.27 8.15
C LEU C 9 -9.27 -7.05 7.88
N ALA C 10 -8.17 -6.36 7.57
CA ALA C 10 -6.90 -7.06 7.37
C ALA C 10 -6.51 -7.84 8.62
N GLN C 11 -6.70 -7.24 9.79
CA GLN C 11 -6.31 -7.93 11.03
C GLN C 11 -7.18 -9.16 11.27
N ARG C 12 -8.50 -9.04 11.11
CA ARG C 12 -9.35 -10.20 11.35
C ARG C 12 -9.17 -11.27 10.28
N ILE C 13 -8.88 -10.87 9.05
CA ILE C 13 -8.61 -11.84 7.98
C ILE C 13 -7.34 -12.62 8.28
N ARG C 14 -6.26 -11.91 8.67
CA ARG C 14 -5.03 -12.62 9.01
C ARG C 14 -5.20 -13.48 10.26
N GLU C 15 -6.14 -13.10 11.14
CA GLU C 15 -6.44 -13.95 12.29
C GLU C 15 -7.18 -15.22 11.86
N GLN C 16 -8.08 -15.12 10.88
CA GLN C 16 -8.87 -16.29 10.50
C GLN C 16 -8.06 -17.29 9.70
N LEU C 17 -7.24 -16.81 8.77
CA LEU C 17 -6.52 -17.70 7.86
C LEU C 17 -5.02 -17.40 7.90
N PRO C 18 -4.17 -18.39 8.20
CA PRO C 18 -2.73 -18.13 8.28
C PRO C 18 -1.96 -18.57 7.05
N ASP C 19 -1.14 -17.67 6.50
CA ASP C 19 -0.22 -17.97 5.40
C ASP C 19 -0.94 -18.54 4.17
N THR C 20 -2.18 -18.11 3.94
CA THR C 20 -2.90 -18.53 2.75
C THR C 20 -2.65 -17.53 1.62
N GLU C 21 -2.88 -18.00 0.39
CA GLU C 21 -2.68 -17.14 -0.77
C GLU C 21 -3.69 -15.98 -0.76
N LEU C 22 -4.93 -16.24 -0.34
CA LEU C 22 -5.91 -15.17 -0.22
C LEU C 22 -5.46 -14.13 0.81
N ALA C 23 -4.83 -14.58 1.90
CA ALA C 23 -4.39 -13.64 2.92
C ALA C 23 -3.24 -12.77 2.40
N ARG C 24 -2.29 -13.36 1.69
CA ARG C 24 -1.18 -12.58 1.14
C ARG C 24 -1.68 -11.61 0.08
N GLU C 25 -2.60 -12.04 -0.79
CA GLU C 25 -3.16 -11.13 -1.78
C GLU C 25 -3.98 -10.03 -1.12
N ALA C 26 -4.63 -10.33 0.00
CA ALA C 26 -5.37 -9.30 0.73
C ALA C 26 -4.41 -8.28 1.35
N GLN C 27 -3.26 -8.74 1.85
CA GLN C 27 -2.26 -7.81 2.34
C GLN C 27 -1.72 -6.92 1.22
N GLU C 28 -1.46 -7.52 0.05
CA GLU C 28 -1.02 -6.72 -1.09
C GLU C 28 -2.07 -5.68 -1.49
N LEU C 29 -3.35 -6.08 -1.50
CA LEU C 29 -4.41 -5.17 -1.85
C LEU C 29 -4.57 -4.07 -0.81
N ALA C 30 -4.38 -4.39 0.47
CA ALA C 30 -4.42 -3.38 1.51
C ALA C 30 -3.29 -2.37 1.33
N ASP C 31 -2.11 -2.85 0.96
CA ASP C 31 -1.01 -1.94 0.69
C ASP C 31 -1.33 -1.02 -0.49
N GLU C 32 -1.77 -1.60 -1.60
CA GLU C 32 -2.09 -0.80 -2.78
C GLU C 32 -3.24 0.17 -2.52
N ALA C 33 -4.15 -0.18 -1.60
CA ALA C 33 -5.25 0.73 -1.26
C ALA C 33 -4.78 1.86 -0.37
N ARG C 34 -3.95 1.55 0.63
CA ARG C 34 -3.39 2.61 1.47
C ARG C 34 -2.52 3.56 0.68
N LYS C 35 -1.89 3.07 -0.39
CA LYS C 35 -1.07 3.96 -1.20
C LYS C 35 -1.91 4.86 -2.11
N SER C 36 -3.05 4.36 -2.58
CA SER C 36 -3.84 5.11 -3.55
C SER C 36 -4.53 6.31 -2.89
N ASP C 37 -4.69 7.38 -3.66
CA ASP C 37 -5.28 8.60 -3.13
C ASP C 37 -6.80 8.63 -3.27
N ASP C 38 -7.36 7.86 -4.19
CA ASP C 38 -8.80 7.84 -4.38
C ASP C 38 -9.49 7.11 -3.23
N SER C 39 -10.64 7.64 -2.81
CA SER C 39 -11.42 7.04 -1.73
C SER C 39 -12.34 5.93 -2.21
N GLU C 40 -12.84 6.03 -3.43
CA GLU C 40 -13.66 4.96 -3.98
C GLU C 40 -12.87 3.65 -4.06
N ALA C 41 -11.57 3.75 -4.35
CA ALA C 41 -10.73 2.55 -4.33
C ALA C 41 -10.67 1.95 -2.93
N LEU C 42 -10.57 2.80 -1.90
CA LEU C 42 -10.57 2.30 -0.53
C LEU C 42 -11.88 1.60 -0.19
N LYS C 43 -13.00 2.18 -0.61
CA LYS C 43 -14.29 1.54 -0.34
C LYS C 43 -14.41 0.20 -1.06
N VAL C 44 -13.95 0.15 -2.31
CA VAL C 44 -13.99 -1.10 -3.07
C VAL C 44 -13.11 -2.16 -2.41
N VAL C 45 -11.94 -1.74 -1.90
CA VAL C 45 -11.04 -2.70 -1.25
C VAL C 45 -11.67 -3.22 0.04
N TYR C 46 -12.30 -2.33 0.81
CA TYR C 46 -13.01 -2.77 2.02
C TYR C 46 -14.08 -3.81 1.67
N LEU C 47 -14.88 -3.52 0.64
CA LEU C 47 -15.94 -4.44 0.26
C LEU C 47 -15.38 -5.78 -0.21
N ALA C 48 -14.28 -5.75 -0.97
CA ALA C 48 -13.68 -6.99 -1.45
C ALA C 48 -13.12 -7.81 -0.29
N LEU C 49 -12.46 -7.15 0.67
CA LEU C 49 -11.94 -7.86 1.83
C LEU C 49 -13.07 -8.48 2.64
N ARG C 50 -14.19 -7.76 2.80
N ARG C 50 -14.19 -7.76 2.80
CA ARG C 50 -15.31 -8.31 3.54
CA ARG C 50 -15.32 -8.31 3.55
C ARG C 50 -15.94 -9.49 2.79
C ARG C 50 -15.94 -9.49 2.79
N ILE C 51 -15.99 -9.41 1.47
CA ILE C 51 -16.52 -10.52 0.68
C ILE C 51 -15.62 -11.75 0.83
N VAL C 52 -14.30 -11.54 0.82
CA VAL C 52 -13.37 -12.64 1.05
C VAL C 52 -13.59 -13.25 2.43
N GLN C 53 -13.83 -12.40 3.44
CA GLN C 53 -14.14 -12.90 4.77
C GLN C 53 -15.41 -13.76 4.75
N GLN C 54 -16.43 -13.33 4.00
CA GLN C 54 -17.71 -14.05 4.01
C GLN C 54 -17.57 -15.43 3.39
N LEU C 55 -16.81 -15.55 2.30
CA LEU C 55 -16.67 -16.83 1.57
C LEU C 55 -15.20 -17.16 1.41
N PRO C 56 -14.57 -17.70 2.46
CA PRO C 56 -13.15 -18.03 2.37
C PRO C 56 -12.92 -19.27 1.51
N ASP C 57 -11.79 -19.29 0.81
CA ASP C 57 -11.38 -20.40 -0.04
C ASP C 57 -12.44 -20.73 -1.09
N THR C 58 -13.04 -19.69 -1.66
CA THR C 58 -14.04 -19.82 -2.71
C THR C 58 -13.58 -19.04 -3.93
N GLU C 59 -14.13 -19.42 -5.09
CA GLU C 59 -13.77 -18.75 -6.33
C GLU C 59 -14.35 -17.35 -6.40
N LEU C 60 -15.49 -17.11 -5.73
CA LEU C 60 -16.05 -15.77 -5.70
C LEU C 60 -15.09 -14.80 -5.02
N ALA C 61 -14.51 -15.20 -3.89
CA ALA C 61 -13.57 -14.33 -3.19
C ALA C 61 -12.30 -14.11 -4.01
N ARG C 62 -11.79 -15.16 -4.66
CA ARG C 62 -10.57 -15.03 -5.44
C ARG C 62 -10.79 -14.10 -6.64
N GLU C 63 -11.89 -14.29 -7.36
CA GLU C 63 -12.18 -13.42 -8.50
C GLU C 63 -12.51 -12.00 -8.05
N ALA C 64 -13.11 -11.85 -6.86
CA ALA C 64 -13.35 -10.50 -6.33
C ALA C 64 -12.03 -9.81 -6.00
N LEU C 65 -11.06 -10.55 -5.46
CA LEU C 65 -9.75 -9.97 -5.20
C LEU C 65 -9.06 -9.59 -6.51
N GLU C 66 -9.14 -10.44 -7.53
CA GLU C 66 -8.55 -10.10 -8.82
C GLU C 66 -9.20 -8.86 -9.41
N LEU C 67 -10.53 -8.77 -9.34
CA LEU C 67 -11.24 -7.62 -9.88
C LEU C 67 -10.90 -6.34 -9.11
N ALA C 68 -10.83 -6.43 -7.79
CA ALA C 68 -10.46 -5.26 -6.99
C ALA C 68 -9.02 -4.85 -7.27
N LYS C 69 -8.13 -5.80 -7.53
CA LYS C 69 -6.76 -5.47 -7.89
C LYS C 69 -6.72 -4.72 -9.23
N GLU C 70 -7.43 -5.25 -10.23
CA GLU C 70 -7.48 -4.56 -11.52
C GLU C 70 -8.13 -3.19 -11.42
N ALA C 71 -9.07 -3.02 -10.48
CA ALA C 71 -9.71 -1.72 -10.32
C ALA C 71 -8.78 -0.73 -9.62
N VAL C 72 -8.06 -1.17 -8.59
CA VAL C 72 -7.14 -0.30 -7.89
C VAL C 72 -5.99 0.11 -8.81
N LYS C 73 -5.53 -0.81 -9.66
CA LYS C 73 -4.50 -0.46 -10.63
C LYS C 73 -4.99 0.59 -11.62
N SER C 74 -6.28 0.58 -11.94
CA SER C 74 -6.85 1.56 -12.86
C SER C 74 -7.07 2.88 -12.13
N THR C 75 -6.87 3.99 -12.85
CA THR C 75 -7.02 5.33 -12.30
C THR C 75 -8.35 5.97 -12.68
N ASP C 76 -9.28 5.21 -13.24
CA ASP C 76 -10.59 5.73 -13.63
C ASP C 76 -11.56 5.59 -12.47
N SER C 77 -12.23 6.70 -12.13
CA SER C 77 -13.19 6.69 -11.03
C SER C 77 -14.52 6.06 -11.44
N GLU C 78 -14.91 6.19 -12.71
CA GLU C 78 -16.15 5.57 -13.17
C GLU C 78 -16.06 4.06 -13.10
N ALA C 79 -14.93 3.49 -13.52
CA ALA C 79 -14.73 2.05 -13.39
C ALA C 79 -14.73 1.62 -11.93
N LEU C 80 -14.19 2.46 -11.04
CA LEU C 80 -14.22 2.15 -9.62
C LEU C 80 -15.65 2.12 -9.10
N LYS C 81 -16.49 3.06 -9.54
CA LYS C 81 -17.90 3.05 -9.13
C LYS C 81 -18.61 1.80 -9.66
N VAL C 82 -18.33 1.43 -10.91
CA VAL C 82 -18.94 0.22 -11.48
C VAL C 82 -18.52 -1.01 -10.66
N VAL C 83 -17.23 -1.10 -10.32
CA VAL C 83 -16.75 -2.24 -9.54
C VAL C 83 -17.39 -2.25 -8.16
N TYR C 84 -17.56 -1.07 -7.55
CA TYR C 84 -18.22 -1.01 -6.25
C TYR C 84 -19.65 -1.52 -6.33
N LEU C 85 -20.39 -1.09 -7.35
CA LEU C 85 -21.77 -1.56 -7.49
C LEU C 85 -21.83 -3.07 -7.70
N ALA C 86 -20.95 -3.60 -8.54
CA ALA C 86 -20.95 -5.05 -8.79
C ALA C 86 -20.57 -5.84 -7.53
N LEU C 87 -19.56 -5.36 -6.80
CA LEU C 87 -19.17 -6.06 -5.58
C LEU C 87 -20.23 -5.94 -4.51
N ARG C 88 -21.00 -4.85 -4.49
CA ARG C 88 -22.12 -4.76 -3.55
C ARG C 88 -23.22 -5.75 -3.92
N ILE C 89 -23.49 -5.90 -5.22
CA ILE C 89 -24.45 -6.91 -5.65
C ILE C 89 -24.00 -8.29 -5.22
N VAL C 90 -22.70 -8.57 -5.35
CA VAL C 90 -22.17 -9.86 -4.91
C VAL C 90 -22.29 -10.00 -3.39
N GLN C 91 -22.06 -8.90 -2.67
CA GLN C 91 -22.14 -8.92 -1.21
C GLN C 91 -23.53 -9.28 -0.73
N GLN C 92 -24.55 -8.63 -1.28
CA GLN C 92 -25.91 -8.87 -0.80
C GLN C 92 -26.40 -10.26 -1.20
N LEU C 93 -26.07 -10.71 -2.41
CA LEU C 93 -26.47 -12.03 -2.89
C LEU C 93 -25.22 -12.85 -3.21
N PRO C 94 -24.83 -13.78 -2.33
CA PRO C 94 -23.60 -14.55 -2.56
C PRO C 94 -23.69 -15.50 -3.74
N ASP C 95 -24.70 -16.36 -3.75
CA ASP C 95 -24.81 -17.45 -4.73
C ASP C 95 -26.04 -17.21 -5.60
N THR C 96 -25.97 -16.21 -6.47
CA THR C 96 -27.01 -15.93 -7.45
C THR C 96 -26.37 -15.67 -8.80
N GLU C 97 -27.17 -15.84 -9.85
CA GLU C 97 -26.69 -15.51 -11.19
C GLU C 97 -26.35 -14.03 -11.33
N LEU C 98 -27.04 -13.18 -10.56
CA LEU C 98 -26.76 -11.75 -10.60
C LEU C 98 -25.33 -11.45 -10.15
N ALA C 99 -24.85 -12.16 -9.13
CA ALA C 99 -23.49 -11.93 -8.65
C ALA C 99 -22.46 -12.31 -9.70
N ARG C 100 -22.65 -13.45 -10.37
CA ARG C 100 -21.72 -13.86 -11.41
C ARG C 100 -21.74 -12.88 -12.58
N LEU C 101 -22.93 -12.50 -13.02
CA LEU C 101 -23.05 -11.53 -14.10
C LEU C 101 -22.39 -10.21 -13.73
N ALA C 102 -22.56 -9.76 -12.49
CA ALA C 102 -21.96 -8.51 -12.05
C ALA C 102 -20.44 -8.60 -12.01
N LEU C 103 -19.91 -9.72 -11.52
CA LEU C 103 -18.46 -9.90 -11.50
C LEU C 103 -17.88 -9.83 -12.91
N GLU C 104 -18.46 -10.61 -13.83
CA GLU C 104 -17.92 -10.63 -15.19
C GLU C 104 -18.11 -9.27 -15.89
N LEU C 105 -19.24 -8.61 -15.65
CA LEU C 105 -19.49 -7.32 -16.27
C LEU C 105 -18.54 -6.26 -15.73
N ALA C 106 -18.22 -6.31 -14.43
CA ALA C 106 -17.27 -5.37 -13.87
C ALA C 106 -15.86 -5.63 -14.39
N LYS C 107 -15.50 -6.90 -14.58
CA LYS C 107 -14.22 -7.22 -15.21
C LYS C 107 -14.14 -6.62 -16.61
N LYS C 108 -15.19 -6.83 -17.41
CA LYS C 108 -15.21 -6.27 -18.77
C LYS C 108 -15.18 -4.75 -18.74
N ALA C 109 -15.87 -4.15 -17.76
CA ALA C 109 -15.87 -2.68 -17.65
C ALA C 109 -14.48 -2.16 -17.33
N VAL C 110 -13.76 -2.84 -16.43
CA VAL C 110 -12.37 -2.47 -16.16
C VAL C 110 -11.54 -2.59 -17.43
N GLU C 111 -11.78 -3.63 -18.23
CA GLU C 111 -11.00 -3.80 -19.45
C GLU C 111 -11.41 -2.79 -20.53
N MET C 112 -12.67 -2.40 -20.57
CA MET C 112 -13.13 -1.51 -21.63
C MET C 112 -12.65 -0.08 -21.40
N THR C 113 -12.36 0.61 -22.51
CA THR C 113 -11.97 2.01 -22.48
C THR C 113 -13.09 2.96 -22.89
N ALA C 114 -14.20 2.43 -23.40
CA ALA C 114 -15.31 3.26 -23.85
C ALA C 114 -16.09 3.77 -22.64
N GLN C 115 -16.22 5.09 -22.54
CA GLN C 115 -16.97 5.67 -21.43
C GLN C 115 -18.46 5.36 -21.54
N GLU C 116 -18.95 5.17 -22.77
CA GLU C 116 -20.35 4.79 -22.95
C GLU C 116 -20.62 3.40 -22.38
N VAL C 117 -19.68 2.47 -22.57
CA VAL C 117 -19.83 1.13 -22.00
C VAL C 117 -19.85 1.21 -20.47
N LEU C 118 -18.99 2.07 -19.90
CA LEU C 118 -18.99 2.24 -18.44
C LEU C 118 -20.30 2.84 -17.95
N GLU C 119 -20.86 3.78 -18.72
CA GLU C 119 -22.15 4.36 -18.35
C GLU C 119 -23.25 3.30 -18.39
N ILE C 120 -23.25 2.46 -19.42
CA ILE C 120 -24.23 1.38 -19.49
C ILE C 120 -24.07 0.43 -18.32
N ALA C 121 -22.82 0.11 -17.97
CA ALA C 121 -22.58 -0.79 -16.85
C ALA C 121 -23.10 -0.20 -15.54
N ARG C 122 -22.82 1.09 -15.31
CA ARG C 122 -23.28 1.74 -14.09
C ARG C 122 -24.81 1.76 -14.04
N ALA C 123 -25.46 2.10 -15.15
CA ALA C 123 -26.92 2.14 -15.17
C ALA C 123 -27.52 0.77 -14.92
N ALA C 124 -26.97 -0.26 -15.56
CA ALA C 124 -27.50 -1.61 -15.40
C ALA C 124 -27.27 -2.12 -13.98
N LEU C 125 -26.13 -1.79 -13.38
CA LEU C 125 -25.88 -2.22 -12.01
C LEU C 125 -26.80 -1.51 -11.03
N LYS C 126 -27.07 -0.23 -11.26
CA LYS C 126 -28.03 0.46 -10.40
C LYS C 126 -29.43 -0.10 -10.58
N ALA C 127 -29.79 -0.48 -11.80
CA ALA C 127 -31.11 -1.07 -12.04
C ALA C 127 -31.23 -2.42 -11.35
N ALA C 128 -30.18 -3.24 -11.39
CA ALA C 128 -30.21 -4.52 -10.69
C ALA C 128 -30.20 -4.33 -9.18
N GLN C 129 -29.52 -3.29 -8.69
CA GLN C 129 -29.52 -3.01 -7.26
C GLN C 129 -30.90 -2.54 -6.77
N ALA C 130 -31.64 -1.83 -7.63
CA ALA C 130 -32.94 -1.32 -7.21
C ALA C 130 -33.92 -2.45 -6.92
N PHE C 131 -33.94 -3.47 -7.78
CA PHE C 131 -34.85 -4.61 -7.63
C PHE C 131 -34.06 -5.90 -7.83
N PRO C 132 -33.30 -6.33 -6.83
CA PRO C 132 -32.49 -7.54 -6.98
C PRO C 132 -33.36 -8.80 -6.91
N ASN C 133 -32.73 -9.92 -7.28
CA ASN C 133 -33.37 -11.24 -7.27
C ASN C 133 -34.63 -11.25 -8.13
N THR C 134 -34.51 -10.70 -9.34
CA THR C 134 -35.60 -10.67 -10.29
C THR C 134 -35.08 -11.04 -11.68
N GLU C 135 -35.99 -11.52 -12.53
CA GLU C 135 -35.63 -11.84 -13.91
C GLU C 135 -35.15 -10.60 -14.65
N LEU C 136 -35.77 -9.46 -14.37
CA LEU C 136 -35.42 -8.23 -15.07
C LEU C 136 -33.97 -7.82 -14.80
N ALA C 137 -33.48 -8.05 -13.58
CA ALA C 137 -32.11 -7.69 -13.27
C ALA C 137 -31.11 -8.55 -14.05
N GLU C 138 -31.38 -9.86 -14.14
CA GLU C 138 -30.54 -10.73 -14.94
C GLU C 138 -30.53 -10.30 -16.40
N LEU C 139 -31.72 -10.02 -16.95
CA LEU C 139 -31.79 -9.57 -18.34
C LEU C 139 -31.05 -8.26 -18.54
N MET C 140 -31.08 -7.37 -17.53
CA MET C 140 -30.40 -6.08 -17.65
C MET C 140 -28.88 -6.26 -17.66
N LEU C 141 -28.37 -7.09 -16.75
CA LEU C 141 -26.93 -7.35 -16.74
C LEU C 141 -26.49 -8.00 -18.04
N ARG C 142 -27.29 -8.93 -18.56
CA ARG C 142 -26.97 -9.55 -19.85
C ARG C 142 -26.99 -8.52 -20.97
N LEU C 143 -27.93 -7.58 -20.93
CA LEU C 143 -27.99 -6.51 -21.93
C LEU C 143 -26.71 -5.69 -21.92
N ALA C 144 -26.27 -5.27 -20.72
CA ALA C 144 -25.04 -4.49 -20.62
C ALA C 144 -23.84 -5.28 -21.14
N GLU C 145 -23.77 -6.56 -20.79
CA GLU C 145 -22.67 -7.40 -21.27
C GLU C 145 -22.66 -7.48 -22.79
N VAL C 146 -23.83 -7.67 -23.41
CA VAL C 146 -23.88 -7.79 -24.86
C VAL C 146 -23.52 -6.47 -25.53
N ALA C 147 -23.90 -5.35 -24.92
CA ALA C 147 -23.50 -4.04 -25.46
C ALA C 147 -21.99 -3.88 -25.43
N ALA C 148 -21.36 -4.26 -24.32
CA ALA C 148 -19.89 -4.21 -24.23
C ALA C 148 -19.25 -5.10 -25.28
N ARG C 149 -19.81 -6.29 -25.50
CA ARG C 149 -19.26 -7.19 -26.50
C ARG C 149 -19.40 -6.60 -27.90
N VAL C 150 -20.51 -5.93 -28.19
CA VAL C 150 -20.68 -5.30 -29.49
C VAL C 150 -19.65 -4.19 -29.70
N MET C 151 -19.37 -3.42 -28.64
CA MET C 151 -18.33 -2.40 -28.76
C MET C 151 -16.97 -3.01 -29.03
N LYS C 152 -16.66 -4.12 -28.34
CA LYS C 152 -15.40 -4.82 -28.60
C LYS C 152 -15.33 -5.33 -30.04
N GLU C 153 -16.46 -5.81 -30.57
CA GLU C 153 -16.49 -6.27 -31.96
C GLU C 153 -16.26 -5.13 -32.93
N LEU C 154 -16.80 -3.94 -32.62
CA LEU C 154 -16.51 -2.78 -33.47
C LEU C 154 -15.03 -2.43 -33.45
N GLU C 155 -14.42 -2.49 -32.26
CA GLU C 155 -12.97 -2.25 -32.18
C GLU C 155 -12.20 -3.25 -33.04
N ARG C 156 -12.58 -4.53 -32.96
CA ARG C 156 -11.94 -5.55 -33.78
C ARG C 156 -12.12 -5.26 -35.27
N ASN C 157 -13.33 -4.84 -35.67
CA ASN C 157 -13.58 -4.51 -37.07
C ASN C 157 -12.65 -3.40 -37.55
N ASP C 158 -12.53 -2.34 -36.75
CA ASP C 158 -11.64 -1.25 -37.15
C ASP C 158 -10.20 -1.71 -37.25
N GLU C 159 -9.73 -2.46 -36.25
CA GLU C 159 -8.35 -2.93 -36.27
C GLU C 159 -8.08 -3.82 -37.47
N GLU C 160 -9.06 -4.64 -37.87
CA GLU C 160 -8.87 -5.50 -39.03
C GLU C 160 -8.92 -4.70 -40.32
N ILE C 161 -9.75 -3.65 -40.38
CA ILE C 161 -9.74 -2.80 -41.57
C ILE C 161 -8.41 -2.08 -41.71
N LYS C 162 -7.76 -1.72 -40.60
CA LYS C 162 -6.46 -1.05 -40.66
C LYS C 162 -5.42 -1.93 -41.35
N LYS C 163 -5.33 -3.20 -40.92
CA LYS C 163 -4.33 -4.11 -41.47
C LYS C 163 -4.79 -4.72 -42.79
N ASP C 168 -7.91 -10.00 -44.76
CA ASP C 168 -8.43 -10.87 -45.80
C ASP C 168 -9.94 -10.73 -45.89
N ASP C 169 -10.50 -11.10 -47.05
CA ASP C 169 -11.94 -11.02 -47.24
C ASP C 169 -12.68 -11.98 -46.32
N GLU C 170 -12.15 -13.19 -46.17
CA GLU C 170 -12.78 -14.19 -45.30
C GLU C 170 -12.80 -13.71 -43.85
N SER C 171 -11.70 -13.11 -43.39
CA SER C 171 -11.66 -12.59 -42.02
C SER C 171 -12.66 -11.47 -41.83
N LEU C 172 -12.82 -10.60 -42.84
CA LEU C 172 -13.81 -9.53 -42.76
C LEU C 172 -15.22 -10.10 -42.67
N LEU C 173 -15.51 -11.14 -43.46
CA LEU C 173 -16.83 -11.76 -43.39
C LEU C 173 -17.05 -12.41 -42.02
N GLU C 174 -16.03 -13.06 -41.48
CA GLU C 174 -16.14 -13.66 -40.16
C GLU C 174 -16.45 -12.60 -39.10
N ASP C 175 -15.75 -11.47 -39.15
CA ASP C 175 -15.98 -10.41 -38.17
C ASP C 175 -17.38 -9.81 -38.34
N ILE C 176 -17.84 -9.67 -39.59
CA ILE C 176 -19.19 -9.15 -39.82
C ILE C 176 -20.23 -10.09 -39.21
N VAL C 177 -20.05 -11.39 -39.39
CA VAL C 177 -20.99 -12.35 -38.80
C VAL C 177 -20.94 -12.29 -37.28
N GLU C 178 -19.74 -12.23 -36.71
CA GLU C 178 -19.62 -12.16 -35.25
C GLU C 178 -20.24 -10.89 -34.70
N LEU C 179 -20.21 -9.80 -35.45
CA LEU C 179 -20.87 -8.57 -35.02
C LEU C 179 -22.38 -8.70 -35.10
N LEU C 180 -22.89 -9.20 -36.23
CA LEU C 180 -24.34 -9.30 -36.42
C LEU C 180 -24.98 -10.23 -35.40
N LYS C 181 -24.28 -11.30 -35.02
CA LYS C 181 -24.80 -12.21 -34.01
C LYS C 181 -25.11 -11.49 -32.70
N GLU C 182 -24.13 -10.75 -32.18
CA GLU C 182 -24.33 -10.03 -30.93
C GLU C 182 -25.32 -8.87 -31.10
N ILE C 183 -25.39 -8.28 -32.29
CA ILE C 183 -26.40 -7.25 -32.53
C ILE C 183 -27.80 -7.83 -32.36
N ILE C 184 -28.05 -8.99 -32.99
CA ILE C 184 -29.35 -9.64 -32.87
C ILE C 184 -29.63 -10.02 -31.43
N LYS C 185 -28.61 -10.54 -30.73
CA LYS C 185 -28.80 -10.89 -29.33
C LYS C 185 -29.18 -9.68 -28.49
N LEU C 186 -28.50 -8.54 -28.73
CA LEU C 186 -28.81 -7.32 -27.99
C LEU C 186 -30.24 -6.88 -28.22
N TRP C 187 -30.69 -6.88 -29.47
CA TRP C 187 -32.05 -6.42 -29.74
C TRP C 187 -33.08 -7.40 -29.19
N LYS C 188 -32.79 -8.71 -29.20
CA LYS C 188 -33.70 -9.68 -28.59
C LYS C 188 -33.81 -9.46 -27.09
N ILE C 189 -32.69 -9.19 -26.44
CA ILE C 189 -32.72 -8.90 -25.00
C ILE C 189 -33.54 -7.64 -24.73
N LEU C 190 -33.40 -6.62 -25.57
CA LEU C 190 -34.19 -5.41 -25.40
C LEU C 190 -35.68 -5.70 -25.56
N VAL C 191 -36.04 -6.57 -26.52
CA VAL C 191 -37.44 -6.91 -26.71
C VAL C 191 -37.99 -7.63 -25.49
N GLU C 192 -37.22 -8.58 -24.94
CA GLU C 192 -37.68 -9.28 -23.74
C GLU C 192 -37.84 -8.33 -22.56
N VAL C 193 -36.89 -7.40 -22.40
CA VAL C 193 -36.98 -6.42 -21.32
C VAL C 193 -38.22 -5.55 -21.50
N SER C 194 -38.51 -5.13 -22.72
CA SER C 194 -39.71 -4.33 -22.98
C SER C 194 -40.98 -5.12 -22.69
N ASP C 195 -40.97 -6.43 -22.97
CA ASP C 195 -42.14 -7.24 -22.61
C ASP C 195 -42.33 -7.29 -21.11
N VAL C 196 -41.25 -7.47 -20.36
CA VAL C 196 -41.35 -7.46 -18.89
C VAL C 196 -41.84 -6.10 -18.40
N MET C 197 -41.39 -5.03 -19.06
CA MET C 197 -41.86 -3.68 -18.72
C MET C 197 -43.35 -3.56 -18.93
N LEU C 198 -43.85 -4.05 -20.07
CA LEU C 198 -45.29 -4.04 -20.34
C LEU C 198 -46.05 -4.82 -19.28
N LYS C 199 -45.50 -5.97 -18.87
CA LYS C 199 -46.19 -6.77 -17.85
C LYS C 199 -46.21 -6.06 -16.50
N LEU C 200 -45.15 -5.32 -16.18
CA LEU C 200 -45.14 -4.58 -14.92
C LEU C 200 -46.09 -3.39 -14.97
N ILE C 201 -46.21 -2.73 -16.12
CA ILE C 201 -47.04 -1.54 -16.21
C ILE C 201 -48.52 -1.91 -16.33
N SER C 202 -48.84 -2.89 -17.17
CA SER C 202 -50.23 -3.31 -17.34
C SER C 202 -50.74 -4.05 -16.11
N GLU D 2 -37.07 30.38 9.81
CA GLU D 2 -36.04 31.22 9.22
C GLU D 2 -36.57 31.95 7.98
N LYS D 3 -37.36 31.23 7.17
CA LYS D 3 -37.94 31.85 5.98
C LYS D 3 -38.99 32.88 6.35
N GLU D 4 -39.75 32.62 7.43
CA GLU D 4 -40.73 33.60 7.89
C GLU D 4 -40.06 34.89 8.33
N LYS D 5 -38.89 34.77 8.97
CA LYS D 5 -38.13 35.97 9.36
C LYS D 5 -37.67 36.75 8.14
N VAL D 6 -37.21 36.05 7.11
CA VAL D 6 -36.80 36.70 5.87
C VAL D 6 -37.99 37.41 5.23
N GLU D 7 -39.17 36.79 5.27
CA GLU D 7 -40.36 37.41 4.68
C GLU D 7 -40.76 38.65 5.47
N GLU D 8 -40.67 38.59 6.80
CA GLU D 8 -40.98 39.76 7.61
C GLU D 8 -40.00 40.91 7.32
N LEU D 9 -38.72 40.57 7.18
CA LEU D 9 -37.74 41.60 6.82
C LEU D 9 -38.03 42.20 5.46
N ALA D 10 -38.44 41.37 4.50
CA ALA D 10 -38.79 41.89 3.18
C ALA D 10 -40.00 42.81 3.25
N GLN D 11 -40.98 42.46 4.08
CA GLN D 11 -42.15 43.33 4.25
C GLN D 11 -41.75 44.67 4.85
N ARG D 12 -40.89 44.66 5.88
CA ARG D 12 -40.46 45.92 6.48
C ARG D 12 -39.63 46.75 5.50
N ILE D 13 -38.82 46.08 4.67
CA ILE D 13 -38.04 46.80 3.67
C ILE D 13 -38.96 47.46 2.66
N ARG D 14 -40.00 46.74 2.21
CA ARG D 14 -40.99 47.33 1.31
C ARG D 14 -41.70 48.50 1.97
N GLU D 15 -41.93 48.42 3.28
CA GLU D 15 -42.56 49.54 3.99
C GLU D 15 -41.65 50.76 4.04
N GLN D 16 -40.34 50.55 4.24
CA GLN D 16 -39.45 51.68 4.49
C GLN D 16 -39.20 52.47 3.21
N LEU D 17 -39.00 51.79 2.08
CA LEU D 17 -38.62 52.44 0.84
C LEU D 17 -39.69 52.25 -0.23
N PRO D 18 -40.16 53.32 -0.87
CA PRO D 18 -41.17 53.17 -1.92
C PRO D 18 -40.61 53.35 -3.33
N ASP D 19 -40.74 52.32 -4.16
CA ASP D 19 -40.32 52.38 -5.58
C ASP D 19 -38.84 52.75 -5.70
N THR D 20 -38.00 52.11 -4.89
CA THR D 20 -36.57 52.32 -4.94
C THR D 20 -35.90 51.07 -5.51
N GLU D 21 -34.69 51.26 -6.05
CA GLU D 21 -33.95 50.14 -6.62
C GLU D 21 -33.71 49.06 -5.57
N LEU D 22 -33.42 49.48 -4.34
CA LEU D 22 -33.24 48.53 -3.25
C LEU D 22 -34.50 47.71 -3.03
N ALA D 23 -35.67 48.34 -3.14
CA ALA D 23 -36.92 47.62 -2.96
C ALA D 23 -37.08 46.51 -3.99
N ARG D 24 -36.82 46.82 -5.27
CA ARG D 24 -36.97 45.83 -6.32
C ARG D 24 -35.97 44.69 -6.16
N GLU D 25 -34.69 45.04 -5.91
CA GLU D 25 -33.68 43.99 -5.78
C GLU D 25 -33.90 43.15 -4.54
N ALA D 26 -34.39 43.75 -3.44
CA ALA D 26 -34.68 42.98 -2.25
C ALA D 26 -35.91 42.10 -2.43
N GLN D 27 -36.89 42.56 -3.19
CA GLN D 27 -38.03 41.70 -3.50
C GLN D 27 -37.59 40.51 -4.35
N GLU D 28 -36.70 40.74 -5.31
CA GLU D 28 -36.18 39.64 -6.11
C GLU D 28 -35.38 38.67 -5.25
N LEU D 29 -34.56 39.18 -4.34
CA LEU D 29 -33.78 38.31 -3.46
C LEU D 29 -34.70 37.53 -2.52
N ALA D 30 -35.78 38.15 -2.05
CA ALA D 30 -36.72 37.44 -1.19
C ALA D 30 -37.46 36.36 -1.95
N ASP D 31 -37.80 36.62 -3.22
CA ASP D 31 -38.41 35.59 -4.05
C ASP D 31 -37.45 34.43 -4.26
N GLU D 32 -36.18 34.72 -4.53
CA GLU D 32 -35.19 33.66 -4.69
C GLU D 32 -35.01 32.86 -3.40
N ALA D 33 -35.08 33.54 -2.26
CA ALA D 33 -34.96 32.85 -0.98
C ALA D 33 -36.16 31.96 -0.72
N ARG D 34 -37.36 32.44 -1.03
CA ARG D 34 -38.55 31.61 -0.90
C ARG D 34 -38.48 30.40 -1.82
N LYS D 35 -37.88 30.58 -3.00
CA LYS D 35 -37.67 29.44 -3.89
C LYS D 35 -36.57 28.52 -3.37
N SER D 36 -35.59 29.07 -2.66
CA SER D 36 -34.43 28.29 -2.24
C SER D 36 -34.80 27.30 -1.14
N ASP D 37 -34.24 26.09 -1.24
CA ASP D 37 -34.39 25.06 -0.23
C ASP D 37 -33.12 24.87 0.60
N ASP D 38 -32.14 25.75 0.45
CA ASP D 38 -30.88 25.66 1.17
C ASP D 38 -30.94 26.56 2.41
N SER D 39 -30.48 26.01 3.54
CA SER D 39 -30.51 26.79 4.78
C SER D 39 -29.43 27.86 4.79
N GLU D 40 -28.26 27.56 4.22
CA GLU D 40 -27.18 28.54 4.19
C GLU D 40 -27.53 29.72 3.28
N ALA D 41 -28.18 29.44 2.14
CA ALA D 41 -28.63 30.53 1.27
C ALA D 41 -29.67 31.40 1.98
N LEU D 42 -30.57 30.78 2.73
CA LEU D 42 -31.55 31.55 3.49
C LEU D 42 -30.87 32.40 4.56
N LYS D 43 -29.84 31.85 5.21
CA LYS D 43 -29.10 32.63 6.20
C LYS D 43 -28.41 33.82 5.56
N VAL D 44 -27.80 33.62 4.39
CA VAL D 44 -27.14 34.71 3.67
C VAL D 44 -28.17 35.77 3.28
N VAL D 45 -29.34 35.35 2.80
CA VAL D 45 -30.36 36.31 2.39
C VAL D 45 -30.85 37.10 3.59
N TYR D 46 -31.08 36.43 4.72
CA TYR D 46 -31.52 37.14 5.93
C TYR D 46 -30.48 38.15 6.38
N LEU D 47 -29.20 37.75 6.37
CA LEU D 47 -28.14 38.66 6.80
C LEU D 47 -28.03 39.86 5.86
N ALA D 48 -28.14 39.63 4.55
CA ALA D 48 -28.08 40.73 3.60
C ALA D 48 -29.28 41.66 3.76
N LEU D 49 -30.46 41.11 4.01
CA LEU D 49 -31.64 41.94 4.21
C LEU D 49 -31.50 42.79 5.47
N ARG D 50 -30.95 42.20 6.54
N ARG D 50 -30.95 42.20 6.54
CA ARG D 50 -30.75 42.97 7.77
CA ARG D 50 -30.75 42.97 7.77
C ARG D 50 -29.71 44.06 7.56
C ARG D 50 -29.71 44.06 7.56
N ILE D 51 -28.66 43.77 6.78
CA ILE D 51 -27.65 44.79 6.48
C ILE D 51 -28.25 45.93 5.69
N VAL D 52 -29.10 45.61 4.71
CA VAL D 52 -29.77 46.65 3.93
C VAL D 52 -30.70 47.47 4.81
N GLN D 53 -31.40 46.80 5.73
CA GLN D 53 -32.28 47.50 6.66
C GLN D 53 -31.51 48.47 7.54
N GLN D 54 -30.33 48.04 8.03
CA GLN D 54 -29.56 48.90 8.93
C GLN D 54 -29.05 50.14 8.21
N LEU D 55 -28.63 50.00 6.95
CA LEU D 55 -28.03 51.09 6.19
C LEU D 55 -28.71 51.20 4.83
N PRO D 56 -29.85 51.89 4.76
CA PRO D 56 -30.52 52.06 3.47
C PRO D 56 -29.80 53.05 2.57
N ASP D 57 -29.87 52.80 1.26
CA ASP D 57 -29.27 53.65 0.24
C ASP D 57 -27.77 53.85 0.50
N THR D 58 -27.07 52.75 0.73
CA THR D 58 -25.65 52.76 1.00
C THR D 58 -24.95 51.81 0.04
N GLU D 59 -23.66 52.08 -0.20
CA GLU D 59 -22.87 51.18 -1.04
C GLU D 59 -22.74 49.80 -0.42
N LEU D 60 -22.69 49.74 0.91
CA LEU D 60 -22.61 48.44 1.59
C LEU D 60 -23.85 47.61 1.32
N ALA D 61 -25.04 48.22 1.42
CA ALA D 61 -26.28 47.49 1.18
C ALA D 61 -26.37 47.04 -0.28
N ARG D 62 -25.99 47.91 -1.21
CA ARG D 62 -26.05 47.57 -2.63
C ARG D 62 -25.10 46.41 -2.96
N GLU D 63 -23.86 46.50 -2.49
CA GLU D 63 -22.90 45.44 -2.74
C GLU D 63 -23.27 44.16 -2.02
N ALA D 64 -23.92 44.25 -0.85
CA ALA D 64 -24.38 43.05 -0.16
C ALA D 64 -25.51 42.38 -0.92
N LEU D 65 -26.42 43.17 -1.48
CA LEU D 65 -27.47 42.60 -2.33
C LEU D 65 -26.87 41.90 -3.54
N GLU D 66 -25.91 42.56 -4.21
CA GLU D 66 -25.26 41.94 -5.36
C GLU D 66 -24.53 40.65 -4.96
N LEU D 67 -23.85 40.67 -3.82
CA LEU D 67 -23.11 39.50 -3.37
C LEU D 67 -24.04 38.35 -3.00
N ALA D 68 -25.16 38.65 -2.34
CA ALA D 68 -26.12 37.61 -2.02
C ALA D 68 -26.75 37.04 -3.28
N LYS D 69 -27.01 37.88 -4.28
CA LYS D 69 -27.55 37.40 -5.54
C LYS D 69 -26.55 36.49 -6.26
N GLU D 70 -25.27 36.84 -6.21
CA GLU D 70 -24.26 35.97 -6.80
C GLU D 70 -24.07 34.68 -6.00
N ALA D 71 -24.29 34.73 -4.69
CA ALA D 71 -24.06 33.56 -3.85
C ALA D 71 -25.20 32.56 -3.95
N VAL D 72 -26.44 33.04 -4.08
CA VAL D 72 -27.59 32.14 -4.18
C VAL D 72 -27.45 31.25 -5.41
N LYS D 73 -26.97 31.81 -6.52
CA LYS D 73 -26.85 31.05 -7.75
C LYS D 73 -25.73 30.02 -7.67
N SER D 74 -24.73 30.24 -6.82
CA SER D 74 -23.61 29.32 -6.71
C SER D 74 -24.07 28.00 -6.11
N THR D 75 -23.53 26.90 -6.65
CA THR D 75 -23.95 25.57 -6.20
C THR D 75 -23.19 25.11 -4.96
N ASP D 76 -21.97 25.59 -4.76
CA ASP D 76 -21.16 25.10 -3.66
C ASP D 76 -21.66 25.65 -2.33
N SER D 77 -21.60 24.82 -1.29
CA SER D 77 -21.97 25.26 0.05
C SER D 77 -20.83 25.99 0.74
N GLU D 78 -19.59 25.68 0.37
CA GLU D 78 -18.44 26.38 0.95
C GLU D 78 -18.46 27.86 0.60
N ALA D 79 -18.83 28.18 -0.65
CA ALA D 79 -18.93 29.58 -1.05
C ALA D 79 -20.03 30.30 -0.27
N LEU D 80 -21.16 29.62 -0.04
CA LEU D 80 -22.23 30.22 0.75
C LEU D 80 -21.78 30.45 2.18
N LYS D 81 -21.02 29.51 2.75
CA LYS D 81 -20.48 29.70 4.09
C LYS D 81 -19.55 30.90 4.15
N VAL D 82 -18.69 31.05 3.14
CA VAL D 82 -17.77 32.19 3.07
C VAL D 82 -18.56 33.49 2.99
N VAL D 83 -19.60 33.52 2.14
CA VAL D 83 -20.40 34.73 2.00
C VAL D 83 -21.11 35.06 3.30
N TYR D 84 -21.60 34.03 4.01
CA TYR D 84 -22.26 34.29 5.29
C TYR D 84 -21.28 34.86 6.31
N LEU D 85 -20.06 34.31 6.37
CA LEU D 85 -19.08 34.83 7.31
C LEU D 85 -18.73 36.29 6.98
N ALA D 86 -18.54 36.59 5.71
CA ALA D 86 -18.20 37.97 5.33
C ALA D 86 -19.34 38.92 5.65
N LEU D 87 -20.58 38.52 5.33
CA LEU D 87 -21.72 39.38 5.63
C LEU D 87 -21.94 39.53 7.14
N ARG D 88 -21.54 38.52 7.92
CA ARG D 88 -21.63 38.65 9.38
C ARG D 88 -20.60 39.65 9.88
N ILE D 89 -19.38 39.60 9.34
CA ILE D 89 -18.37 40.60 9.67
C ILE D 89 -18.88 42.00 9.33
N VAL D 90 -19.57 42.13 8.19
CA VAL D 90 -20.14 43.42 7.81
C VAL D 90 -21.25 43.82 8.77
N GLN D 91 -22.06 42.85 9.20
CA GLN D 91 -23.18 43.14 10.10
C GLN D 91 -22.69 43.66 11.45
N GLN D 92 -21.66 43.02 12.01
CA GLN D 92 -21.18 43.45 13.33
C GLN D 92 -20.56 44.83 13.26
N LEU D 93 -19.81 45.13 12.21
CA LEU D 93 -19.14 46.41 12.05
C LEU D 93 -19.49 47.01 10.69
N PRO D 94 -20.36 48.02 10.66
CA PRO D 94 -20.75 48.61 9.38
C PRO D 94 -19.61 49.37 8.70
N ASP D 95 -19.02 50.32 9.42
CA ASP D 95 -18.04 51.25 8.85
C ASP D 95 -16.65 50.92 9.38
N THR D 96 -16.08 49.84 8.85
CA THR D 96 -14.73 49.41 9.23
C THR D 96 -14.01 48.91 7.99
N GLU D 97 -12.67 48.92 8.08
CA GLU D 97 -11.85 48.37 7.01
C GLU D 97 -12.04 46.87 6.88
N LEU D 98 -12.26 46.18 8.01
CA LEU D 98 -12.47 44.74 7.98
C LEU D 98 -13.70 44.37 7.16
N ALA D 99 -14.76 45.17 7.25
CA ALA D 99 -15.98 44.88 6.50
C ALA D 99 -15.73 45.02 5.00
N ARG D 100 -15.00 46.05 4.58
CA ARG D 100 -14.67 46.21 3.17
C ARG D 100 -13.80 45.06 2.68
N LEU D 101 -12.79 44.69 3.46
CA LEU D 101 -11.94 43.56 3.09
C LEU D 101 -12.76 42.29 2.95
N ALA D 102 -13.70 42.05 3.87
CA ALA D 102 -14.52 40.84 3.82
C ALA D 102 -15.45 40.86 2.61
N LEU D 103 -16.04 42.02 2.30
CA LEU D 103 -16.88 42.13 1.11
C LEU D 103 -16.10 41.79 -0.15
N GLU D 104 -14.91 42.39 -0.31
CA GLU D 104 -14.12 42.11 -1.50
C GLU D 104 -13.67 40.65 -1.53
N LEU D 105 -13.32 40.09 -0.37
CA LEU D 105 -12.87 38.70 -0.32
C LEU D 105 -13.99 37.75 -0.72
N ALA D 106 -15.21 37.99 -0.24
CA ALA D 106 -16.34 37.14 -0.62
C ALA D 106 -16.69 37.30 -2.09
N LYS D 107 -16.64 38.54 -2.59
CA LYS D 107 -16.93 38.77 -4.00
C LYS D 107 -15.94 38.04 -4.89
N LYS D 108 -14.66 37.99 -4.49
CA LYS D 108 -13.68 37.26 -5.28
C LYS D 108 -13.76 35.75 -5.05
N ALA D 109 -14.22 35.32 -3.87
CA ALA D 109 -14.30 33.89 -3.58
C ALA D 109 -15.44 33.23 -4.32
N VAL D 110 -16.57 33.94 -4.50
CA VAL D 110 -17.68 33.39 -5.26
C VAL D 110 -17.25 33.12 -6.70
N GLU D 111 -16.45 34.03 -7.26
CA GLU D 111 -15.97 33.84 -8.63
C GLU D 111 -15.03 32.64 -8.73
N MET D 112 -14.19 32.44 -7.72
CA MET D 112 -13.21 31.36 -7.76
C MET D 112 -13.89 30.01 -7.56
N THR D 113 -13.64 29.09 -8.48
CA THR D 113 -14.10 27.71 -8.37
C THR D 113 -13.09 26.82 -7.67
N ALA D 114 -11.94 27.35 -7.28
CA ALA D 114 -10.92 26.56 -6.62
C ALA D 114 -11.33 26.23 -5.19
N GLN D 115 -11.19 24.96 -4.82
CA GLN D 115 -11.55 24.54 -3.47
C GLN D 115 -10.60 25.11 -2.42
N GLU D 116 -9.31 25.18 -2.75
CA GLU D 116 -8.32 25.65 -1.78
C GLU D 116 -8.55 27.11 -1.43
N VAL D 117 -8.86 27.95 -2.42
CA VAL D 117 -9.14 29.36 -2.17
C VAL D 117 -10.33 29.50 -1.23
N LEU D 118 -11.37 28.69 -1.43
CA LEU D 118 -12.55 28.77 -0.59
C LEU D 118 -12.25 28.34 0.84
N GLU D 119 -11.44 27.28 1.02
CA GLU D 119 -11.08 26.86 2.36
C GLU D 119 -10.24 27.94 3.07
N ILE D 120 -9.28 28.54 2.34
CA ILE D 120 -8.50 29.62 2.93
C ILE D 120 -9.39 30.78 3.33
N ALA D 121 -10.36 31.13 2.47
CA ALA D 121 -11.25 32.24 2.78
C ALA D 121 -12.09 31.95 4.01
N ARG D 122 -12.62 30.73 4.11
CA ARG D 122 -13.41 30.36 5.29
C ARG D 122 -12.57 30.45 6.55
N ALA D 123 -11.35 29.90 6.51
CA ALA D 123 -10.49 29.93 7.69
C ALA D 123 -10.16 31.37 8.08
N ALA D 124 -9.83 32.22 7.12
CA ALA D 124 -9.48 33.60 7.43
C ALA D 124 -10.68 34.37 7.96
N LEU D 125 -11.87 34.11 7.42
CA LEU D 125 -13.05 34.81 7.90
C LEU D 125 -13.41 34.38 9.32
N LYS D 126 -13.28 33.09 9.63
CA LYS D 126 -13.51 32.65 11.00
C LYS D 126 -12.44 33.23 11.93
N ALA D 127 -11.21 33.36 11.46
CA ALA D 127 -10.17 33.99 12.27
C ALA D 127 -10.50 35.44 12.57
N ALA D 128 -10.97 36.18 11.57
CA ALA D 128 -11.35 37.57 11.78
C ALA D 128 -12.57 37.67 12.71
N GLN D 129 -13.49 36.71 12.60
CA GLN D 129 -14.66 36.72 13.47
C GLN D 129 -14.28 36.40 14.91
N ALA D 130 -13.25 35.59 15.13
CA ALA D 130 -12.83 35.26 16.48
C ALA D 130 -12.37 36.49 17.25
N PHE D 131 -11.55 37.33 16.61
CA PHE D 131 -11.03 38.55 17.24
C PHE D 131 -11.28 39.72 16.30
N PRO D 132 -12.50 40.24 16.26
CA PRO D 132 -12.82 41.36 15.37
C PRO D 132 -12.25 42.66 15.91
N ASN D 133 -12.23 43.67 15.03
CA ASN D 133 -11.70 45.00 15.33
C ASN D 133 -10.25 44.92 15.83
N THR D 134 -9.45 44.14 15.10
CA THR D 134 -8.04 43.96 15.43
C THR D 134 -7.20 44.10 14.17
N GLU D 135 -5.94 44.51 14.37
CA GLU D 135 -5.00 44.63 13.26
C GLU D 135 -4.74 43.29 12.60
N LEU D 136 -4.67 42.23 13.42
CA LEU D 136 -4.40 40.89 12.89
C LEU D 136 -5.50 40.43 11.95
N ALA D 137 -6.75 40.82 12.20
CA ALA D 137 -7.84 40.42 11.33
C ALA D 137 -7.74 41.08 9.96
N GLU D 138 -7.39 42.37 9.92
CA GLU D 138 -7.14 43.04 8.65
C GLU D 138 -6.01 42.36 7.89
N LEU D 139 -4.91 42.06 8.60
CA LEU D 139 -3.80 41.36 7.95
C LEU D 139 -4.23 40.00 7.42
N MET D 140 -5.11 39.31 8.14
CA MET D 140 -5.56 37.98 7.72
C MET D 140 -6.39 38.05 6.44
N LEU D 141 -7.36 38.97 6.41
CA LEU D 141 -8.16 39.12 5.19
C LEU D 141 -7.30 39.53 4.02
N ARG D 142 -6.32 40.41 4.25
CA ARG D 142 -5.38 40.79 3.19
C ARG D 142 -4.61 39.57 2.69
N LEU D 143 -4.15 38.72 3.61
CA LEU D 143 -3.42 37.51 3.23
C LEU D 143 -4.27 36.60 2.37
N ALA D 144 -5.52 36.37 2.77
CA ALA D 144 -6.41 35.51 1.99
C ALA D 144 -6.64 36.08 0.60
N GLU D 145 -6.85 37.40 0.50
CA GLU D 145 -7.06 38.03 -0.80
C GLU D 145 -5.83 37.87 -1.69
N VAL D 146 -4.64 38.04 -1.11
CA VAL D 146 -3.42 37.91 -1.92
C VAL D 146 -3.25 36.47 -2.41
N ALA D 147 -3.60 35.49 -1.57
CA ALA D 147 -3.53 34.10 -2.02
C ALA D 147 -4.48 33.85 -3.18
N ALA D 148 -5.71 34.35 -3.08
CA ALA D 148 -6.66 34.19 -4.18
C ALA D 148 -6.15 34.84 -5.45
N ARG D 149 -5.53 36.03 -5.33
CA ARG D 149 -4.98 36.69 -6.50
C ARG D 149 -3.81 35.91 -7.10
N VAL D 150 -3.01 35.25 -6.26
CA VAL D 150 -1.94 34.40 -6.78
C VAL D 150 -2.53 33.25 -7.59
N MET D 151 -3.60 32.65 -7.09
CA MET D 151 -4.26 31.59 -7.85
C MET D 151 -4.77 32.11 -9.20
N LYS D 152 -5.34 33.32 -9.20
CA LYS D 152 -5.77 33.93 -10.45
C LYS D 152 -4.60 34.13 -11.41
N GLU D 153 -3.45 34.57 -10.89
CA GLU D 153 -2.27 34.77 -11.72
C GLU D 153 -1.82 33.46 -12.35
N LEU D 154 -1.89 32.36 -11.58
CA LEU D 154 -1.50 31.07 -12.14
C LEU D 154 -2.49 30.61 -13.22
N GLU D 155 -3.79 30.87 -13.01
CA GLU D 155 -4.76 30.58 -14.05
C GLU D 155 -4.43 31.33 -15.34
N ARG D 156 -4.08 32.62 -15.22
CA ARG D 156 -3.68 33.41 -16.39
C ARG D 156 -2.43 32.83 -17.03
N ASN D 157 -1.47 32.41 -16.21
CA ASN D 157 -0.24 31.81 -16.74
C ASN D 157 -0.55 30.60 -17.59
N ASP D 158 -1.39 29.69 -17.08
CA ASP D 158 -1.73 28.50 -17.84
C ASP D 158 -2.46 28.86 -19.14
N GLU D 159 -3.42 29.79 -19.06
CA GLU D 159 -4.17 30.16 -20.25
C GLU D 159 -3.25 30.76 -21.32
N GLU D 160 -2.27 31.55 -20.91
CA GLU D 160 -1.35 32.12 -21.88
C GLU D 160 -0.37 31.08 -22.41
N ILE D 161 -0.01 30.09 -21.60
CA ILE D 161 0.85 29.02 -22.08
C ILE D 161 0.14 28.19 -23.14
N LYS D 162 -1.17 27.99 -22.98
CA LYS D 162 -1.93 27.20 -23.95
C LYS D 162 -1.91 27.87 -25.32
N LYS D 163 -2.18 29.16 -25.38
CA LYS D 163 -2.23 29.88 -26.65
C LYS D 163 -0.82 30.19 -27.17
N ASP D 168 2.43 35.25 -26.66
CA ASP D 168 3.64 36.02 -26.94
C ASP D 168 4.62 35.91 -25.78
N ASP D 169 5.92 35.96 -26.09
CA ASP D 169 6.94 35.84 -25.05
C ASP D 169 6.90 37.03 -24.09
N GLU D 170 6.65 38.23 -24.62
CA GLU D 170 6.58 39.42 -23.78
C GLU D 170 5.43 39.33 -22.80
N SER D 171 4.27 38.82 -23.24
CA SER D 171 3.14 38.64 -22.33
C SER D 171 3.46 37.61 -21.25
N LEU D 172 4.19 36.56 -21.61
CA LEU D 172 4.61 35.57 -20.62
C LEU D 172 5.52 36.21 -19.58
N LEU D 173 6.46 37.05 -20.01
CA LEU D 173 7.33 37.74 -19.07
C LEU D 173 6.53 38.67 -18.16
N GLU D 174 5.56 39.38 -18.72
CA GLU D 174 4.73 40.27 -17.90
C GLU D 174 3.96 39.49 -16.85
N ASP D 175 3.37 38.36 -17.24
CA ASP D 175 2.63 37.55 -16.28
C ASP D 175 3.55 37.00 -15.19
N ILE D 176 4.76 36.59 -15.57
CA ILE D 176 5.74 36.14 -14.57
C ILE D 176 6.03 37.26 -13.57
N VAL D 177 6.20 38.48 -14.07
CA VAL D 177 6.53 39.61 -13.20
C VAL D 177 5.37 39.86 -12.22
N GLU D 178 4.14 39.87 -12.73
CA GLU D 178 2.98 40.11 -11.87
C GLU D 178 2.84 39.01 -10.81
N LEU D 179 3.03 37.76 -11.22
CA LEU D 179 2.96 36.64 -10.27
C LEU D 179 4.01 36.79 -9.18
N LEU D 180 5.24 37.16 -9.55
CA LEU D 180 6.29 37.32 -8.55
C LEU D 180 5.97 38.47 -7.60
N LYS D 181 5.42 39.57 -8.13
CA LYS D 181 5.00 40.67 -7.27
C LYS D 181 4.02 40.19 -6.21
N GLU D 182 2.98 39.49 -6.64
CA GLU D 182 1.95 39.05 -5.69
C GLU D 182 2.50 38.01 -4.72
N ILE D 183 3.43 37.16 -5.17
CA ILE D 183 4.05 36.19 -4.27
C ILE D 183 4.84 36.90 -3.18
N ILE D 184 5.61 37.92 -3.56
CA ILE D 184 6.37 38.71 -2.59
C ILE D 184 5.43 39.36 -1.58
N LYS D 185 4.32 39.93 -2.06
CA LYS D 185 3.37 40.54 -1.14
C LYS D 185 2.79 39.52 -0.18
N LEU D 186 2.46 38.32 -0.68
CA LEU D 186 1.94 37.26 0.17
C LEU D 186 2.93 36.93 1.30
N TRP D 187 4.20 36.72 0.93
CA TRP D 187 5.17 36.35 1.96
C TRP D 187 5.43 37.48 2.95
N LYS D 188 5.39 38.73 2.49
CA LYS D 188 5.54 39.85 3.42
C LYS D 188 4.39 39.91 4.41
N ILE D 189 3.16 39.70 3.93
CA ILE D 189 2.01 39.68 4.84
C ILE D 189 2.15 38.54 5.84
N LEU D 190 2.64 37.39 5.37
CA LEU D 190 2.84 36.26 6.29
C LEU D 190 3.88 36.59 7.36
N VAL D 191 4.95 37.30 6.98
CA VAL D 191 5.96 37.68 7.96
C VAL D 191 5.39 38.65 8.99
N GLU D 192 4.56 39.60 8.53
CA GLU D 192 3.94 40.52 9.48
C GLU D 192 3.01 39.78 10.43
N VAL D 193 2.25 38.81 9.92
CA VAL D 193 1.38 38.02 10.78
C VAL D 193 2.20 37.25 11.80
N SER D 194 3.34 36.70 11.38
CA SER D 194 4.20 35.98 12.31
C SER D 194 4.77 36.91 13.38
N ASP D 195 5.06 38.16 13.01
CA ASP D 195 5.55 39.13 14.00
C ASP D 195 4.46 39.46 15.03
N VAL D 196 3.22 39.65 14.57
CA VAL D 196 2.13 39.90 15.51
C VAL D 196 1.91 38.68 16.39
N MET D 197 2.11 37.48 15.84
CA MET D 197 1.99 36.26 16.63
C MET D 197 3.08 36.21 17.70
N LEU D 198 4.31 36.59 17.35
CA LEU D 198 5.37 36.69 18.34
C LEU D 198 5.01 37.67 19.45
N LYS D 199 4.42 38.81 19.08
CA LYS D 199 4.00 39.77 20.10
C LYS D 199 2.94 39.18 21.02
N LEU D 200 2.03 38.38 20.45
CA LEU D 200 1.01 37.73 21.27
C LEU D 200 1.61 36.66 22.16
N ILE D 201 2.68 36.00 21.72
CA ILE D 201 3.31 34.96 22.51
C ILE D 201 3.97 35.56 23.74
N SER D 202 4.71 36.65 23.56
CA SER D 202 5.40 37.30 24.67
C SER D 202 4.52 38.37 25.31
N GLY E 1 11.99 -48.75 9.21
CA GLY E 1 12.09 -47.35 8.83
C GLY E 1 11.80 -46.40 9.96
N PRO E 2 12.10 -45.11 9.77
CA PRO E 2 11.82 -44.13 10.83
C PRO E 2 10.34 -43.99 11.14
N VAL E 3 9.48 -43.99 10.12
CA VAL E 3 8.06 -43.84 10.34
C VAL E 3 7.50 -45.07 11.07
N ASP E 4 8.02 -46.26 10.77
CA ASP E 4 7.56 -47.46 11.46
C ASP E 4 7.95 -47.41 12.94
N GLU E 5 9.17 -46.98 13.24
CA GLU E 5 9.60 -46.83 14.62
C GLU E 5 8.73 -45.81 15.34
N ILE E 6 8.44 -44.68 14.69
CA ILE E 6 7.61 -43.65 15.29
C ILE E 6 6.20 -44.18 15.55
N ASP E 7 5.67 -44.99 14.62
CA ASP E 7 4.34 -45.54 14.78
C ASP E 7 4.28 -46.52 15.94
N LYS E 8 5.30 -47.38 16.06
CA LYS E 8 5.39 -48.28 17.21
C LYS E 8 5.42 -47.49 18.52
N GLU E 9 6.27 -46.46 18.58
CA GLU E 9 6.35 -45.64 19.78
C GLU E 9 5.02 -44.94 20.07
N VAL E 10 4.31 -44.54 19.01
CA VAL E 10 3.03 -43.85 19.18
C VAL E 10 1.99 -44.80 19.76
N LYS E 11 1.95 -46.04 19.28
CA LYS E 11 1.02 -47.01 19.85
C LYS E 11 1.32 -47.26 21.33
N LYS E 12 2.60 -47.41 21.66
CA LYS E 12 2.96 -47.63 23.07
C LYS E 12 2.56 -46.43 23.93
N LEU E 13 2.83 -45.21 23.45
CA LEU E 13 2.46 -44.01 24.21
C LEU E 13 0.96 -43.85 24.31
N GLU E 14 0.21 -44.32 23.31
CA GLU E 14 -1.25 -44.26 23.38
C GLU E 14 -1.77 -45.20 24.46
N GLU E 15 -1.21 -46.41 24.54
CA GLU E 15 -1.57 -47.30 25.65
C GLU E 15 -1.25 -46.67 26.99
N GLU E 16 -0.08 -46.03 27.10
CA GLU E 16 0.30 -45.38 28.35
C GLU E 16 -0.66 -44.23 28.69
N ALA E 17 -1.11 -43.48 27.68
CA ALA E 17 -2.05 -42.40 27.92
C ALA E 17 -3.41 -42.93 28.36
N LYS E 18 -3.82 -44.08 27.82
CA LYS E 18 -5.06 -44.70 28.29
C LYS E 18 -4.94 -45.10 29.76
N LYS E 19 -3.79 -45.66 30.15
CA LYS E 19 -3.57 -45.98 31.55
C LYS E 19 -3.62 -44.71 32.42
N SER E 20 -3.03 -43.62 31.94
CA SER E 20 -3.08 -42.37 32.69
C SER E 20 -4.50 -41.84 32.82
N GLN E 21 -5.32 -42.02 31.78
CA GLN E 21 -6.72 -41.60 31.85
C GLN E 21 -7.48 -42.43 32.88
N GLU E 22 -7.21 -43.74 32.94
CA GLU E 22 -7.80 -44.57 33.98
C GLU E 22 -7.40 -44.07 35.37
N GLU E 23 -6.11 -43.72 35.53
CA GLU E 23 -5.66 -43.14 36.79
C GLU E 23 -6.42 -41.86 37.13
N VAL E 24 -6.66 -41.01 36.13
CA VAL E 24 -7.38 -39.77 36.36
C VAL E 24 -8.80 -40.04 36.85
N GLU E 25 -9.48 -40.99 36.21
CA GLU E 25 -10.84 -41.34 36.63
C GLU E 25 -10.85 -41.86 38.06
N ARG E 26 -9.95 -42.78 38.38
CA ARG E 26 -9.91 -43.35 39.73
C ARG E 26 -9.57 -42.28 40.76
N LEU E 27 -8.68 -41.35 40.42
CA LEU E 27 -8.33 -40.29 41.36
C LEU E 27 -9.50 -39.35 41.60
N LYS E 28 -10.27 -39.04 40.55
CA LYS E 28 -11.45 -38.20 40.74
C LYS E 28 -12.46 -38.87 41.68
N GLN E 29 -12.72 -40.16 41.45
CA GLN E 29 -13.64 -40.87 42.31
C GLN E 29 -13.13 -40.94 43.74
N GLU E 30 -11.82 -41.16 43.92
CA GLU E 30 -11.25 -41.24 45.26
C GLU E 30 -11.34 -39.90 45.97
N VAL E 31 -11.11 -38.79 45.25
CA VAL E 31 -11.22 -37.48 45.87
C VAL E 31 -12.65 -37.21 46.30
N GLU E 32 -13.63 -37.56 45.46
CA GLU E 32 -15.02 -37.36 45.84
C GLU E 32 -15.38 -38.20 47.07
N LYS E 33 -14.94 -39.45 47.10
CA LYS E 33 -15.26 -40.32 48.23
C LYS E 33 -14.59 -39.85 49.51
N ALA E 34 -13.36 -39.37 49.42
CA ALA E 34 -12.68 -38.86 50.60
C ALA E 34 -13.31 -37.55 51.08
N SER E 35 -13.81 -36.73 50.16
CA SER E 35 -14.54 -35.54 50.57
C SER E 35 -15.83 -35.91 51.31
N LYS E 36 -16.52 -36.94 50.83
CA LYS E 36 -17.74 -37.37 51.52
C LYS E 36 -17.43 -38.05 52.85
N ALA E 37 -16.25 -38.67 52.97
CA ALA E 37 -15.90 -39.39 54.19
C ALA E 37 -15.31 -38.51 55.28
N GLY E 38 -14.92 -37.28 54.96
CA GLY E 38 -14.37 -36.39 55.96
C GLY E 38 -13.09 -35.70 55.53
N LEU E 39 -13.17 -34.40 55.26
CA LEU E 39 -12.01 -33.63 54.86
C LEU E 39 -11.17 -33.25 56.07
N ASP E 40 -9.85 -33.26 55.89
CA ASP E 40 -8.93 -32.96 56.98
C ASP E 40 -7.72 -32.25 56.41
N HIS E 41 -7.01 -31.54 57.29
CA HIS E 41 -5.80 -30.83 56.90
C HIS E 41 -4.74 -31.81 56.38
N GLU E 42 -4.34 -32.76 57.22
CA GLU E 42 -3.41 -33.80 56.78
C GLU E 42 -4.03 -34.66 55.68
N GLY E 43 -5.34 -34.85 55.71
CA GLY E 43 -6.01 -35.53 54.61
C GLY E 43 -5.89 -34.76 53.31
N ASP E 44 -6.03 -33.43 53.38
CA ASP E 44 -5.82 -32.61 52.20
C ASP E 44 -4.39 -32.72 51.70
N SER E 45 -3.43 -32.81 52.62
CA SER E 45 -2.03 -32.97 52.20
C SER E 45 -1.80 -34.32 51.51
N ARG E 46 -2.40 -35.39 52.04
CA ARG E 46 -2.28 -36.70 51.41
C ARG E 46 -2.91 -36.69 50.00
N ILE E 47 -4.09 -36.08 49.88
CA ILE E 47 -4.73 -35.94 48.58
C ILE E 47 -3.86 -35.13 47.63
N PHE E 48 -3.19 -34.10 48.16
CA PHE E 48 -2.27 -33.32 47.34
C PHE E 48 -1.12 -34.18 46.81
N LYS E 49 -0.56 -35.02 47.67
CA LYS E 49 0.54 -35.89 47.24
C LYS E 49 0.09 -36.82 46.12
N LYS E 50 -1.06 -37.46 46.30
CA LYS E 50 -1.57 -38.37 45.27
C LYS E 50 -1.85 -37.62 43.96
N ILE E 51 -2.47 -36.45 44.06
CA ILE E 51 -2.80 -35.66 42.87
C ILE E 51 -1.52 -35.26 42.15
N HIS E 52 -0.49 -34.87 42.90
CA HIS E 52 0.77 -34.49 42.27
C HIS E 52 1.42 -35.66 41.55
N ASP E 53 1.36 -36.85 42.15
CA ASP E 53 1.86 -38.03 41.47
C ASP E 53 1.16 -38.23 40.13
N VAL E 54 -0.18 -38.14 40.15
CA VAL E 54 -0.94 -38.35 38.92
C VAL E 54 -0.60 -37.29 37.87
N VAL E 55 -0.50 -36.03 38.30
CA VAL E 55 -0.19 -34.95 37.38
C VAL E 55 1.19 -35.14 36.77
N THR E 56 2.15 -35.59 37.59
CA THR E 56 3.50 -35.82 37.09
C THR E 56 3.51 -36.90 36.02
N LYS E 57 2.83 -38.02 36.27
CA LYS E 57 2.77 -39.07 35.26
C LYS E 57 2.11 -38.58 33.97
N GLN E 58 1.01 -37.83 34.10
CA GLN E 58 0.33 -37.33 32.91
C GLN E 58 1.21 -36.38 32.12
N ILE E 59 1.93 -35.49 32.81
CA ILE E 59 2.78 -34.53 32.13
C ILE E 59 3.95 -35.24 31.44
N LYS E 60 4.47 -36.30 32.07
CA LYS E 60 5.54 -37.05 31.42
C LYS E 60 5.04 -37.72 30.15
N VAL E 61 3.83 -38.29 30.19
CA VAL E 61 3.25 -38.87 28.98
C VAL E 61 3.08 -37.80 27.90
N ILE E 62 2.60 -36.62 28.29
CA ILE E 62 2.40 -35.52 27.36
C ILE E 62 3.74 -35.12 26.72
N LEU E 63 4.80 -35.06 27.52
CA LEU E 63 6.09 -34.64 27.00
C LEU E 63 6.67 -35.70 26.06
N ARG E 64 6.45 -36.98 26.35
CA ARG E 64 6.88 -38.02 25.41
C ARG E 64 6.15 -37.90 24.09
N LEU E 65 4.83 -37.65 24.15
CA LEU E 65 4.07 -37.46 22.91
C LEU E 65 4.56 -36.23 22.14
N ILE E 66 4.91 -35.16 22.85
CA ILE E 66 5.40 -33.96 22.18
C ILE E 66 6.77 -34.18 21.58
N ALA E 67 7.61 -34.99 22.22
CA ALA E 67 8.91 -35.31 21.64
C ALA E 67 8.76 -36.12 20.36
N VAL E 68 7.84 -37.10 20.37
CA VAL E 68 7.57 -37.84 19.14
C VAL E 68 7.00 -36.90 18.08
N TYR E 69 6.17 -35.94 18.49
CA TYR E 69 5.66 -34.93 17.56
C TYR E 69 6.79 -34.13 16.93
N ALA E 70 7.78 -33.73 17.74
CA ALA E 70 8.91 -32.98 17.23
C ALA E 70 9.73 -33.81 16.25
N GLU E 71 9.96 -35.09 16.58
CA GLU E 71 10.69 -35.97 15.66
C GLU E 71 9.93 -36.13 14.34
N LEU E 72 8.60 -36.23 14.42
CA LEU E 72 7.79 -36.36 13.22
C LEU E 72 7.85 -35.10 12.37
N VAL E 73 7.81 -33.93 13.01
CA VAL E 73 7.94 -32.68 12.27
C VAL E 73 9.30 -32.57 11.61
N ALA E 74 10.35 -33.00 12.32
CA ALA E 74 11.69 -33.03 11.73
C ALA E 74 11.72 -33.93 10.51
N ILE E 75 11.06 -35.08 10.57
CA ILE E 75 11.04 -36.00 9.45
C ILE E 75 10.33 -35.37 8.25
N ILE E 76 9.12 -34.86 8.47
CA ILE E 76 8.34 -34.32 7.36
C ILE E 76 8.90 -32.97 6.92
N GLY E 77 9.45 -32.19 7.83
CA GLY E 77 10.01 -30.89 7.49
C GLY E 77 8.96 -29.88 7.08
N GLY F 1 32.15 14.90 -18.47
CA GLY F 1 32.52 13.49 -18.56
C GLY F 1 31.83 12.62 -17.53
N PRO F 2 32.00 11.30 -17.64
CA PRO F 2 31.37 10.38 -16.68
C PRO F 2 31.93 10.55 -15.27
N VAL F 3 33.26 10.48 -15.16
CA VAL F 3 33.90 10.62 -13.86
C VAL F 3 33.68 12.01 -13.29
N ASP F 4 33.63 13.04 -14.14
CA ASP F 4 33.38 14.39 -13.66
C ASP F 4 31.97 14.51 -13.07
N GLU F 5 30.97 13.97 -13.78
CA GLU F 5 29.61 13.97 -13.26
C GLU F 5 29.53 13.19 -11.95
N ILE F 6 30.22 12.05 -11.88
CA ILE F 6 30.21 11.24 -10.67
C ILE F 6 30.86 11.99 -9.51
N ASP F 7 31.93 12.74 -9.79
CA ASP F 7 32.59 13.50 -8.74
C ASP F 7 31.72 14.64 -8.25
N LYS F 8 31.02 15.31 -9.16
CA LYS F 8 30.08 16.35 -8.73
C LYS F 8 28.98 15.76 -7.86
N GLU F 9 28.44 14.60 -8.27
CA GLU F 9 27.42 13.95 -7.46
C GLU F 9 27.97 13.53 -6.10
N VAL F 10 29.23 13.10 -6.05
CA VAL F 10 29.84 12.70 -4.79
C VAL F 10 30.01 13.90 -3.87
N LYS F 11 30.40 15.05 -4.44
CA LYS F 11 30.50 16.28 -3.64
C LYS F 11 29.15 16.66 -3.05
N LYS F 12 28.09 16.61 -3.88
CA LYS F 12 26.76 16.94 -3.39
C LYS F 12 26.31 15.98 -2.29
N LEU F 13 26.53 14.68 -2.51
CA LEU F 13 26.15 13.70 -1.50
C LEU F 13 27.00 13.81 -0.24
N GLU F 14 28.24 14.30 -0.37
CA GLU F 14 29.07 14.51 0.83
C GLU F 14 28.55 15.68 1.65
N GLU F 15 28.13 16.75 0.98
CA GLU F 15 27.46 17.84 1.70
C GLU F 15 26.19 17.35 2.39
N GLU F 16 25.40 16.53 1.68
CA GLU F 16 24.20 15.96 2.28
C GLU F 16 24.54 15.09 3.49
N ALA F 17 25.65 14.35 3.41
CA ALA F 17 26.09 13.49 4.51
C ALA F 17 26.54 14.32 5.71
N LYS F 18 27.21 15.45 5.46
CA LYS F 18 27.56 16.36 6.54
C LYS F 18 26.30 16.88 7.23
N LYS F 19 25.29 17.24 6.45
CA LYS F 19 24.03 17.69 7.05
C LYS F 19 23.39 16.59 7.87
N SER F 20 23.41 15.35 7.37
CA SER F 20 22.81 14.24 8.12
C SER F 20 23.59 13.96 9.41
N GLN F 21 24.92 14.10 9.37
CA GLN F 21 25.71 13.89 10.58
C GLN F 21 25.43 14.98 11.61
N GLU F 22 25.26 16.22 11.14
CA GLU F 22 24.83 17.28 12.04
C GLU F 22 23.48 16.96 12.68
N GLU F 23 22.55 16.44 11.87
CA GLU F 23 21.25 16.02 12.40
C GLU F 23 21.42 14.95 13.46
N VAL F 24 22.34 13.99 13.23
CA VAL F 24 22.54 12.91 14.18
C VAL F 24 23.09 13.45 15.51
N GLU F 25 24.06 14.36 15.43
CA GLU F 25 24.61 14.96 16.65
C GLU F 25 23.53 15.71 17.42
N ARG F 26 22.74 16.54 16.72
CA ARG F 26 21.70 17.30 17.38
C ARG F 26 20.64 16.37 17.97
N LEU F 27 20.35 15.26 17.29
CA LEU F 27 19.36 14.31 17.81
C LEU F 27 19.87 13.61 19.05
N LYS F 28 21.15 13.25 19.09
CA LYS F 28 21.71 12.64 20.30
C LYS F 28 21.65 13.60 21.47
N GLN F 29 22.03 14.86 21.24
CA GLN F 29 21.96 15.85 22.30
C GLN F 29 20.52 16.07 22.76
N GLU F 30 19.57 16.09 21.81
CA GLU F 30 18.18 16.28 22.16
C GLU F 30 17.61 15.09 22.92
N VAL F 31 18.06 13.87 22.59
CA VAL F 31 17.62 12.69 23.32
C VAL F 31 18.13 12.74 24.76
N GLU F 32 19.40 13.11 24.94
CA GLU F 32 19.92 13.28 26.30
C GLU F 32 19.13 14.35 27.06
N LYS F 33 18.83 15.47 26.40
CA LYS F 33 18.08 16.55 27.03
C LYS F 33 16.68 16.10 27.44
N ALA F 34 16.00 15.36 26.56
CA ALA F 34 14.64 14.92 26.86
C ALA F 34 14.62 13.82 27.92
N SER F 35 15.65 12.98 27.96
CA SER F 35 15.75 12.00 29.03
C SER F 35 15.98 12.67 30.37
N LYS F 36 16.79 13.74 30.38
CA LYS F 36 16.97 14.49 31.62
C LYS F 36 15.70 15.23 32.02
N ALA F 37 14.90 15.68 31.04
CA ALA F 37 13.69 16.43 31.34
C ALA F 37 12.54 15.56 31.81
N GLY F 38 12.55 14.27 31.49
CA GLY F 38 11.49 13.38 31.91
C GLY F 38 10.97 12.46 30.82
N LEU F 39 11.17 11.15 31.03
CA LEU F 39 10.73 10.16 30.04
C LEU F 39 9.25 9.87 30.22
N ASP F 40 8.51 9.86 29.12
CA ASP F 40 7.08 9.59 29.14
C ASP F 40 6.75 8.66 27.98
N HIS F 41 5.61 7.97 28.10
CA HIS F 41 5.16 7.05 27.06
C HIS F 41 4.94 7.79 25.74
N GLU F 42 4.09 8.81 25.77
CA GLU F 42 3.86 9.62 24.58
C GLU F 42 5.12 10.38 24.17
N GLY F 43 5.91 10.82 25.15
CA GLY F 43 7.20 11.41 24.83
C GLY F 43 8.13 10.44 24.15
N ASP F 44 8.11 9.18 24.60
CA ASP F 44 8.90 8.15 23.93
C ASP F 44 8.42 7.92 22.50
N SER F 45 7.10 7.99 22.28
CA SER F 45 6.59 7.84 20.92
C SER F 45 7.04 9.00 20.02
N ARG F 46 7.02 10.21 20.56
CA ARG F 46 7.50 11.37 19.81
C ARG F 46 8.98 11.24 19.48
N ILE F 47 9.79 10.80 20.46
CA ILE F 47 11.20 10.55 20.23
C ILE F 47 11.39 9.49 19.15
N PHE F 48 10.55 8.45 19.17
CA PHE F 48 10.61 7.41 18.15
C PHE F 48 10.35 7.99 16.76
N LYS F 49 9.35 8.85 16.64
CA LYS F 49 9.04 9.46 15.35
C LYS F 49 10.22 10.27 14.84
N LYS F 50 10.81 11.11 15.71
CA LYS F 50 11.95 11.92 15.29
C LYS F 50 13.13 11.04 14.89
N ILE F 51 13.43 10.01 15.68
CA ILE F 51 14.55 9.12 15.39
C ILE F 51 14.30 8.39 14.08
N HIS F 52 13.06 8.00 13.81
CA HIS F 52 12.77 7.31 12.56
C HIS F 52 12.96 8.23 11.36
N ASP F 53 12.54 9.49 11.48
CA ASP F 53 12.83 10.46 10.41
C ASP F 53 14.33 10.56 10.15
N VAL F 54 15.12 10.69 11.22
CA VAL F 54 16.57 10.83 11.06
C VAL F 54 17.17 9.59 10.42
N VAL F 55 16.75 8.40 10.89
CA VAL F 55 17.30 7.15 10.36
C VAL F 55 16.93 6.98 8.89
N THR F 56 15.69 7.32 8.53
CA THR F 56 15.29 7.21 7.12
C THR F 56 16.11 8.12 6.24
N LYS F 57 16.33 9.36 6.67
CA LYS F 57 17.15 10.28 5.88
C LYS F 57 18.59 9.76 5.74
N GLN F 58 19.15 9.24 6.83
CA GLN F 58 20.51 8.71 6.78
C GLN F 58 20.60 7.52 5.82
N ILE F 59 19.63 6.61 5.89
CA ILE F 59 19.65 5.44 5.01
C ILE F 59 19.46 5.85 3.55
N LYS F 60 18.67 6.90 3.30
CA LYS F 60 18.53 7.38 1.92
C LYS F 60 19.84 7.96 1.40
N VAL F 61 20.55 8.71 2.24
CA VAL F 61 21.88 9.18 1.84
C VAL F 61 22.80 8.01 1.56
N ILE F 62 22.72 6.96 2.39
CA ILE F 62 23.52 5.77 2.19
C ILE F 62 23.21 5.15 0.83
N LEU F 63 21.93 5.03 0.50
CA LEU F 63 21.55 4.39 -0.76
C LEU F 63 21.97 5.23 -1.97
N ARG F 64 21.92 6.55 -1.86
CA ARG F 64 22.42 7.38 -2.95
C ARG F 64 23.92 7.19 -3.14
N LEU F 65 24.68 7.16 -2.03
CA LEU F 65 26.11 6.88 -2.13
C LEU F 65 26.37 5.50 -2.74
N ILE F 66 25.53 4.52 -2.41
CA ILE F 66 25.70 3.18 -2.95
C ILE F 66 25.38 3.16 -4.44
N ALA F 67 24.41 3.94 -4.87
CA ALA F 67 24.10 4.03 -6.30
C ALA F 67 25.28 4.64 -7.07
N VAL F 68 25.88 5.70 -6.51
CA VAL F 68 27.06 6.27 -7.16
C VAL F 68 28.22 5.28 -7.16
N TYR F 69 28.36 4.52 -6.07
CA TYR F 69 29.35 3.45 -6.02
C TYR F 69 29.14 2.43 -7.12
N ALA F 70 27.88 2.06 -7.35
CA ALA F 70 27.53 1.11 -8.40
C ALA F 70 27.87 1.65 -9.78
N GLU F 71 27.56 2.92 -10.02
CA GLU F 71 27.89 3.54 -11.30
C GLU F 71 29.40 3.58 -11.52
N LEU F 72 30.15 3.86 -10.45
CA LEU F 72 31.61 3.87 -10.54
C LEU F 72 32.16 2.48 -10.84
N VAL F 73 31.58 1.45 -10.21
CA VAL F 73 32.00 0.08 -10.48
C VAL F 73 31.71 -0.29 -11.93
N ALA F 74 30.55 0.12 -12.44
CA ALA F 74 30.21 -0.12 -13.84
C ALA F 74 31.22 0.57 -14.76
N ILE F 75 31.64 1.78 -14.39
CA ILE F 75 32.60 2.51 -15.22
C ILE F 75 33.95 1.80 -15.23
N ILE F 76 34.41 1.34 -14.06
CA ILE F 76 35.73 0.75 -13.99
C ILE F 76 35.79 -0.59 -14.72
N GLY F 77 34.65 -1.25 -14.92
CA GLY F 77 34.62 -2.53 -15.61
C GLY F 77 35.39 -3.63 -14.90
N GLY G 1 -35.64 17.14 -11.27
CA GLY G 1 -36.06 15.82 -10.86
C GLY G 1 -35.47 14.71 -11.70
N PRO G 2 -35.72 13.46 -11.30
CA PRO G 2 -35.19 12.32 -12.06
C PRO G 2 -35.78 12.23 -13.46
N VAL G 3 -37.11 12.22 -13.55
CA VAL G 3 -37.76 12.12 -14.85
C VAL G 3 -37.53 13.37 -15.69
N ASP G 4 -37.41 14.53 -15.04
CA ASP G 4 -37.12 15.75 -15.80
C ASP G 4 -35.74 15.70 -16.43
N GLU G 5 -34.73 15.28 -15.65
CA GLU G 5 -33.39 15.13 -16.20
C GLU G 5 -33.36 14.07 -17.29
N ILE G 6 -34.07 12.97 -17.09
CA ILE G 6 -34.14 11.93 -18.11
C ILE G 6 -34.78 12.46 -19.39
N ASP G 7 -35.81 13.29 -19.25
CA ASP G 7 -36.50 13.82 -20.42
C ASP G 7 -35.60 14.79 -21.19
N LYS G 8 -34.88 15.66 -20.47
CA LYS G 8 -33.93 16.55 -21.14
C LYS G 8 -32.84 15.75 -21.85
N GLU G 9 -32.31 14.72 -21.19
CA GLU G 9 -31.29 13.88 -21.81
C GLU G 9 -31.84 13.17 -23.04
N VAL G 10 -33.11 12.76 -22.98
CA VAL G 10 -33.73 12.05 -24.10
C VAL G 10 -33.91 12.99 -25.29
N LYS G 11 -34.30 14.24 -25.03
CA LYS G 11 -34.44 15.19 -26.14
C LYS G 11 -33.08 15.50 -26.77
N LYS G 12 -32.04 15.66 -25.95
CA LYS G 12 -30.70 15.88 -26.50
C LYS G 12 -30.25 14.67 -27.33
N LEU G 13 -30.48 13.46 -26.82
CA LEU G 13 -30.12 12.26 -27.56
C LEU G 13 -30.94 12.14 -28.84
N GLU G 14 -32.18 12.61 -28.83
CA GLU G 14 -33.00 12.60 -30.04
C GLU G 14 -32.42 13.52 -31.10
N GLU G 15 -31.98 14.72 -30.70
CA GLU G 15 -31.31 15.61 -31.64
C GLU G 15 -30.04 14.97 -32.20
N GLU G 16 -29.26 14.33 -31.32
CA GLU G 16 -28.04 13.66 -31.76
C GLU G 16 -28.34 12.55 -32.76
N ALA G 17 -29.43 11.80 -32.52
CA ALA G 17 -29.82 10.73 -33.44
C ALA G 17 -30.30 11.29 -34.77
N LYS G 18 -30.97 12.45 -34.76
CA LYS G 18 -31.35 13.08 -36.01
C LYS G 18 -30.12 13.46 -36.83
N LYS G 19 -29.10 14.02 -36.16
CA LYS G 19 -27.86 14.34 -36.87
C LYS G 19 -27.20 13.08 -37.41
N SER G 20 -27.22 11.99 -36.64
CA SER G 20 -26.65 10.74 -37.11
C SER G 20 -27.41 10.20 -38.33
N GLN G 21 -28.73 10.37 -38.35
CA GLN G 21 -29.52 9.93 -39.49
C GLN G 21 -29.19 10.75 -40.73
N GLU G 22 -29.01 12.06 -40.57
CA GLU G 22 -28.55 12.88 -41.68
C GLU G 22 -27.21 12.38 -42.21
N GLU G 23 -26.29 12.07 -41.30
CA GLU G 23 -25.01 11.49 -41.71
C GLU G 23 -25.20 10.20 -42.48
N VAL G 24 -26.15 9.36 -42.04
CA VAL G 24 -26.38 8.08 -42.71
C VAL G 24 -26.85 8.30 -44.14
N GLU G 25 -27.82 9.21 -44.33
CA GLU G 25 -28.29 9.49 -45.68
C GLU G 25 -27.18 10.04 -46.57
N ARG G 26 -26.39 10.99 -46.04
CA ARG G 26 -25.31 11.56 -46.82
C ARG G 26 -24.28 10.50 -47.18
N LEU G 27 -24.01 9.56 -46.27
CA LEU G 27 -23.04 8.51 -46.55
C LEU G 27 -23.55 7.54 -47.61
N LYS G 28 -24.85 7.23 -47.57
CA LYS G 28 -25.41 6.38 -48.61
C LYS G 28 -25.28 7.04 -49.98
N GLN G 29 -25.63 8.32 -50.06
CA GLN G 29 -25.49 9.02 -51.34
C GLN G 29 -24.03 9.10 -51.78
N GLU G 30 -23.11 9.27 -50.82
CA GLU G 30 -21.70 9.34 -51.17
C GLU G 30 -21.18 8.00 -51.66
N VAL G 31 -21.65 6.89 -51.09
CA VAL G 31 -21.24 5.57 -51.57
C VAL G 31 -21.76 5.34 -52.98
N GLU G 32 -23.01 5.73 -53.24
CA GLU G 32 -23.53 5.59 -54.60
C GLU G 32 -22.74 6.44 -55.60
N LYS G 33 -22.40 7.67 -55.20
CA LYS G 33 -21.63 8.53 -56.10
C LYS G 33 -20.21 8.02 -56.31
N ALA G 34 -19.62 7.38 -55.29
CA ALA G 34 -18.30 6.80 -55.45
C ALA G 34 -18.34 5.58 -56.37
N SER G 35 -19.42 4.81 -56.29
CA SER G 35 -19.61 3.71 -57.25
C SER G 35 -19.76 4.26 -58.67
N LYS G 36 -20.49 5.35 -58.83
CA LYS G 36 -20.66 5.94 -60.16
C LYS G 36 -19.35 6.52 -60.70
N ALA G 37 -18.53 7.10 -59.81
CA ALA G 37 -17.31 7.77 -60.24
C ALA G 37 -16.17 6.78 -60.50
N GLY G 38 -16.20 5.62 -59.86
CA GLY G 38 -15.16 4.63 -60.07
C GLY G 38 -14.74 3.89 -58.82
N LEU G 39 -14.89 2.57 -58.83
CA LEU G 39 -14.50 1.75 -57.70
C LEU G 39 -13.00 1.48 -57.74
N ASP G 40 -12.33 1.69 -56.62
CA ASP G 40 -10.89 1.48 -56.50
C ASP G 40 -10.63 0.59 -55.29
N HIS G 41 -9.60 -0.26 -55.41
CA HIS G 41 -9.26 -1.15 -54.31
C HIS G 41 -8.85 -0.37 -53.07
N GLU G 42 -8.01 0.66 -53.24
CA GLU G 42 -7.71 1.54 -52.12
C GLU G 42 -8.88 2.46 -51.81
N GLY G 43 -9.63 2.86 -52.84
CA GLY G 43 -10.85 3.62 -52.60
C GLY G 43 -11.86 2.85 -51.77
N ASP G 44 -11.90 1.53 -51.92
CA ASP G 44 -12.79 0.72 -51.11
C ASP G 44 -12.42 0.80 -49.64
N SER G 45 -11.12 0.76 -49.33
CA SER G 45 -10.69 0.88 -47.94
C SER G 45 -10.93 2.29 -47.40
N ARG G 46 -10.77 3.30 -48.24
CA ARG G 46 -11.09 4.67 -47.84
C ARG G 46 -12.58 4.79 -47.48
N ILE G 47 -13.44 4.25 -48.35
CA ILE G 47 -14.87 4.23 -48.06
C ILE G 47 -15.15 3.42 -46.80
N PHE G 48 -14.37 2.36 -46.55
CA PHE G 48 -14.55 1.57 -45.34
C PHE G 48 -14.27 2.40 -44.09
N LYS G 49 -13.19 3.20 -44.12
CA LYS G 49 -12.90 4.06 -42.98
C LYS G 49 -14.03 5.09 -42.78
N LYS G 50 -14.46 5.73 -43.88
CA LYS G 50 -15.53 6.71 -43.79
C LYS G 50 -16.82 6.08 -43.26
N ILE G 51 -17.06 4.81 -43.59
CA ILE G 51 -18.26 4.12 -43.12
C ILE G 51 -18.12 3.77 -41.65
N HIS G 52 -16.94 3.31 -41.24
CA HIS G 52 -16.74 2.93 -39.85
C HIS G 52 -16.89 4.12 -38.91
N ASP G 53 -16.51 5.32 -39.37
CA ASP G 53 -16.75 6.51 -38.56
C ASP G 53 -18.23 6.66 -38.22
N VAL G 54 -19.09 6.62 -39.25
CA VAL G 54 -20.52 6.80 -39.04
C VAL G 54 -21.09 5.65 -38.22
N VAL G 55 -20.61 4.43 -38.47
CA VAL G 55 -21.10 3.27 -37.72
C VAL G 55 -20.78 3.43 -36.23
N THR G 56 -19.56 3.85 -35.91
CA THR G 56 -19.17 4.04 -34.51
C THR G 56 -20.01 5.12 -33.86
N LYS G 57 -20.21 6.25 -34.55
CA LYS G 57 -21.00 7.32 -33.96
C LYS G 57 -22.45 6.88 -33.72
N GLN G 58 -23.05 6.17 -34.69
CA GLN G 58 -24.42 5.73 -34.54
C GLN G 58 -24.56 4.71 -33.42
N ILE G 59 -23.61 3.78 -33.32
CA ILE G 59 -23.69 2.78 -32.25
C ILE G 59 -23.48 3.44 -30.89
N LYS G 60 -22.65 4.48 -30.81
CA LYS G 60 -22.51 5.20 -29.55
C LYS G 60 -23.79 5.92 -29.16
N VAL G 61 -24.48 6.51 -30.14
CA VAL G 61 -25.79 7.10 -29.86
C VAL G 61 -26.76 6.03 -29.37
N ILE G 62 -26.75 4.85 -30.01
CA ILE G 62 -27.61 3.75 -29.59
C ILE G 62 -27.30 3.35 -28.15
N LEU G 63 -26.00 3.28 -27.81
CA LEU G 63 -25.62 2.85 -26.47
C LEU G 63 -26.01 3.88 -25.42
N ARG G 64 -25.92 5.17 -25.76
CA ARG G 64 -26.40 6.19 -24.83
C ARG G 64 -27.91 6.09 -24.63
N LEU G 65 -28.64 5.82 -25.71
CA LEU G 65 -30.08 5.59 -25.58
C LEU G 65 -30.37 4.39 -24.69
N ILE G 66 -29.57 3.33 -24.82
CA ILE G 66 -29.78 2.13 -24.02
C ILE G 66 -29.46 2.42 -22.55
N ALA G 67 -28.45 3.24 -22.28
CA ALA G 67 -28.13 3.60 -20.91
C ALA G 67 -29.25 4.42 -20.28
N VAL G 68 -29.81 5.38 -21.04
CA VAL G 68 -30.94 6.15 -20.53
C VAL G 68 -32.15 5.24 -20.32
N TYR G 69 -32.32 4.25 -21.20
CA TYR G 69 -33.39 3.27 -21.04
C TYR G 69 -33.22 2.46 -19.75
N ALA G 70 -31.98 2.06 -19.45
CA ALA G 70 -31.69 1.36 -18.21
C ALA G 70 -32.00 2.23 -17.00
N GLU G 71 -31.62 3.50 -17.07
CA GLU G 71 -31.92 4.43 -15.98
C GLU G 71 -33.42 4.57 -15.78
N LEU G 72 -34.17 4.65 -16.88
CA LEU G 72 -35.63 4.76 -16.79
C LEU G 72 -36.24 3.50 -16.17
N VAL G 73 -35.74 2.32 -16.58
CA VAL G 73 -36.22 1.07 -16.00
C VAL G 73 -35.92 1.01 -14.51
N ALA G 74 -34.73 1.47 -14.11
CA ALA G 74 -34.39 1.53 -12.69
C ALA G 74 -35.33 2.46 -11.94
N ILE G 75 -35.72 3.58 -12.56
CA ILE G 75 -36.65 4.50 -11.93
C ILE G 75 -38.00 3.84 -11.72
N ILE G 76 -38.57 3.27 -12.80
CA ILE G 76 -39.91 2.70 -12.68
C ILE G 76 -39.88 1.40 -11.89
N GLY G 77 -38.81 0.63 -12.02
CA GLY G 77 -38.70 -0.64 -11.32
C GLY G 77 -39.62 -1.71 -11.88
N GLY H 1 -9.89 16.86 19.46
CA GLY H 1 -9.87 18.28 19.74
C GLY H 1 -9.46 19.13 18.56
N PRO H 2 -9.49 20.45 18.73
CA PRO H 2 -9.08 21.34 17.62
C PRO H 2 -7.61 21.19 17.26
N VAL H 3 -6.72 21.27 18.26
CA VAL H 3 -5.30 21.19 17.98
C VAL H 3 -4.90 19.79 17.54
N ASP H 4 -5.58 18.76 18.03
CA ASP H 4 -5.28 17.39 17.58
C ASP H 4 -5.66 17.21 16.10
N GLU H 5 -6.84 17.70 15.72
CA GLU H 5 -7.24 17.64 14.32
C GLU H 5 -6.28 18.43 13.44
N ILE H 6 -5.89 19.63 13.88
CA ILE H 6 -4.93 20.42 13.14
C ILE H 6 -3.58 19.69 13.05
N ASP H 7 -3.19 18.97 14.11
CA ASP H 7 -1.92 18.25 14.09
C ASP H 7 -1.95 17.13 13.04
N LYS H 8 -3.05 16.37 13.01
CA LYS H 8 -3.18 15.32 11.99
C LYS H 8 -3.18 15.92 10.59
N GLU H 9 -3.90 17.03 10.41
CA GLU H 9 -3.94 17.70 9.11
C GLU H 9 -2.55 18.18 8.71
N VAL H 10 -1.77 18.68 9.68
CA VAL H 10 -0.44 19.18 9.38
C VAL H 10 0.50 18.03 9.02
N LYS H 11 0.34 16.88 9.69
CA LYS H 11 1.15 15.72 9.33
C LYS H 11 0.86 15.26 7.91
N LYS H 12 -0.43 15.20 7.54
CA LYS H 12 -0.79 14.82 6.18
C LYS H 12 -0.24 15.81 5.16
N LEU H 13 -0.36 17.11 5.46
CA LEU H 13 0.16 18.12 4.55
C LEU H 13 1.69 18.08 4.47
N GLU H 14 2.35 17.67 5.55
CA GLU H 14 3.80 17.53 5.52
C GLU H 14 4.22 16.37 4.62
N GLU H 15 3.50 15.26 4.69
CA GLU H 15 3.76 14.17 3.75
C GLU H 15 3.52 14.61 2.31
N GLU H 16 2.45 15.38 2.09
CA GLU H 16 2.17 15.91 0.76
C GLU H 16 3.29 16.83 0.27
N ALA H 17 3.84 17.64 1.19
CA ALA H 17 4.95 18.53 0.82
C ALA H 17 6.22 17.74 0.52
N LYS H 18 6.44 16.63 1.23
CA LYS H 18 7.57 15.77 0.89
C LYS H 18 7.42 15.19 -0.51
N LYS H 19 6.20 14.76 -0.86
CA LYS H 19 5.96 14.30 -2.23
C LYS H 19 6.20 15.41 -3.24
N SER H 20 5.79 16.64 -2.91
CA SER H 20 6.02 17.78 -3.80
C SER H 20 7.52 18.04 -3.98
N GLN H 21 8.30 17.90 -2.90
CA GLN H 21 9.74 18.09 -2.99
C GLN H 21 10.38 17.02 -3.88
N GLU H 22 9.91 15.77 -3.75
CA GLU H 22 10.37 14.71 -4.65
C GLU H 22 10.06 15.05 -6.10
N GLU H 23 8.85 15.56 -6.37
CA GLU H 23 8.52 15.97 -7.73
C GLU H 23 9.40 17.11 -8.20
N VAL H 24 9.77 18.02 -7.29
CA VAL H 24 10.64 19.14 -7.65
C VAL H 24 12.00 18.62 -8.11
N GLU H 25 12.58 17.69 -7.33
CA GLU H 25 13.86 17.11 -7.74
C GLU H 25 13.74 16.35 -9.05
N ARG H 26 12.64 15.61 -9.22
CA ARG H 26 12.41 14.86 -10.45
C ARG H 26 12.40 15.80 -11.67
N LEU H 27 11.65 16.90 -11.57
CA LEU H 27 11.60 17.85 -12.68
C LEU H 27 12.93 18.57 -12.87
N LYS H 28 13.67 18.82 -11.79
CA LYS H 28 14.98 19.44 -11.92
C LYS H 28 15.93 18.55 -12.71
N GLN H 29 15.83 17.23 -12.52
CA GLN H 29 16.65 16.34 -13.33
C GLN H 29 16.12 16.24 -14.75
N GLU H 30 14.79 16.22 -14.92
CA GLU H 30 14.21 16.02 -16.25
C GLU H 30 14.50 17.21 -17.17
N VAL H 31 14.49 18.43 -16.63
CA VAL H 31 14.77 19.60 -17.45
C VAL H 31 16.19 19.56 -17.98
N GLU H 32 17.15 19.20 -17.13
CA GLU H 32 18.54 19.09 -17.58
C GLU H 32 18.71 17.95 -18.58
N LYS H 33 18.02 16.83 -18.37
CA LYS H 33 18.09 15.74 -19.33
C LYS H 33 17.54 16.15 -20.69
N ALA H 34 16.43 16.89 -20.70
CA ALA H 34 15.85 17.34 -21.96
C ALA H 34 16.72 18.39 -22.64
N SER H 35 17.38 19.25 -21.85
CA SER H 35 18.30 20.22 -22.43
C SER H 35 19.51 19.53 -23.04
N LYS H 36 20.00 18.48 -22.41
CA LYS H 36 21.10 17.71 -22.98
C LYS H 36 20.64 16.94 -24.22
N ALA H 37 19.37 16.51 -24.26
CA ALA H 37 18.86 15.77 -25.40
C ALA H 37 18.55 16.66 -26.59
N GLY H 38 18.39 17.97 -26.37
CA GLY H 38 18.12 18.88 -27.46
C GLY H 38 16.91 19.76 -27.26
N LEU H 39 17.11 21.07 -27.25
CA LEU H 39 16.02 22.02 -27.07
C LEU H 39 15.20 22.13 -28.34
N ASP H 40 13.87 22.16 -28.18
CA ASP H 40 12.95 22.29 -29.29
C ASP H 40 11.81 23.20 -28.90
N HIS H 41 11.28 23.92 -29.89
CA HIS H 41 10.17 24.83 -29.65
C HIS H 41 8.96 24.08 -29.08
N GLU H 42 8.48 23.06 -29.80
CA GLU H 42 7.42 22.22 -29.28
C GLU H 42 7.84 21.52 -27.99
N GLY H 43 9.09 21.08 -27.93
CA GLY H 43 9.60 20.51 -26.70
C GLY H 43 9.63 21.51 -25.57
N ASP H 44 9.95 22.77 -25.87
CA ASP H 44 9.90 23.82 -24.85
C ASP H 44 8.48 24.00 -24.33
N SER H 45 7.49 23.98 -25.23
CA SER H 45 6.09 24.09 -24.79
C SER H 45 5.70 22.92 -23.90
N ARG H 46 6.12 21.71 -24.27
CA ARG H 46 5.86 20.53 -23.46
C ARG H 46 6.46 20.66 -22.07
N ILE H 47 7.73 21.08 -22.01
CA ILE H 47 8.39 21.27 -20.72
C ILE H 47 7.69 22.35 -19.91
N PHE H 48 7.20 23.41 -20.58
CA PHE H 48 6.47 24.45 -19.88
C PHE H 48 5.19 23.92 -19.27
N LYS H 49 4.47 23.06 -20.00
CA LYS H 49 3.25 22.48 -19.46
C LYS H 49 3.55 21.64 -18.22
N LYS H 50 4.58 20.79 -18.29
CA LYS H 50 4.94 19.98 -17.13
C LYS H 50 5.36 20.85 -15.95
N ILE H 51 6.14 21.90 -16.22
CA ILE H 51 6.61 22.79 -15.16
C ILE H 51 5.42 23.50 -14.51
N HIS H 52 4.44 23.91 -15.32
CA HIS H 52 3.26 24.56 -14.74
C HIS H 52 2.47 23.60 -13.87
N ASP H 53 2.35 22.34 -14.31
CA ASP H 53 1.71 21.34 -13.46
C ASP H 53 2.38 21.25 -12.10
N VAL H 54 3.71 21.13 -12.11
CA VAL H 54 4.46 21.02 -10.85
C VAL H 54 4.29 22.27 -9.99
N VAL H 55 4.36 23.45 -10.62
CA VAL H 55 4.24 24.70 -9.88
C VAL H 55 2.87 24.82 -9.23
N THR H 56 1.82 24.47 -9.97
CA THR H 56 0.46 24.56 -9.43
C THR H 56 0.27 23.61 -8.26
N LYS H 57 0.76 22.37 -8.38
CA LYS H 57 0.64 21.44 -7.27
C LYS H 57 1.39 21.93 -6.03
N GLN H 58 2.60 22.44 -6.22
CA GLN H 58 3.38 22.94 -5.09
C GLN H 58 2.68 24.13 -4.42
N ILE H 59 2.15 25.04 -5.23
CA ILE H 59 1.50 26.22 -4.65
C ILE H 59 0.19 25.83 -3.97
N LYS H 60 -0.47 24.76 -4.43
CA LYS H 60 -1.68 24.31 -3.75
C LYS H 60 -1.34 23.69 -2.39
N VAL H 61 -0.25 22.93 -2.32
CA VAL H 61 0.24 22.46 -1.03
C VAL H 61 0.54 23.64 -0.10
N ILE H 62 1.21 24.65 -0.64
CA ILE H 62 1.54 25.84 0.15
C ILE H 62 0.27 26.52 0.65
N LEU H 63 -0.75 26.62 -0.20
CA LEU H 63 -1.97 27.31 0.18
C LEU H 63 -2.76 26.52 1.23
N ARG H 64 -2.76 25.20 1.13
CA ARG H 64 -3.38 24.39 2.18
C ARG H 64 -2.65 24.59 3.51
N LEU H 65 -1.31 24.62 3.47
CA LEU H 65 -0.55 24.91 4.69
C LEU H 65 -0.89 26.28 5.25
N ILE H 66 -1.09 27.27 4.37
CA ILE H 66 -1.43 28.61 4.83
C ILE H 66 -2.82 28.65 5.43
N ALA H 67 -3.75 27.86 4.87
CA ALA H 67 -5.09 27.77 5.46
C ALA H 67 -5.04 27.18 6.86
N VAL H 68 -4.25 26.11 7.04
CA VAL H 68 -4.11 25.52 8.36
C VAL H 68 -3.42 26.50 9.32
N TYR H 69 -2.47 27.28 8.80
CA TYR H 69 -1.83 28.32 9.60
C TYR H 69 -2.85 29.36 10.06
N ALA H 70 -3.76 29.74 9.16
CA ALA H 70 -4.81 30.69 9.51
C ALA H 70 -5.72 30.12 10.60
N GLU H 71 -6.12 28.86 10.46
CA GLU H 71 -6.93 28.22 11.48
C GLU H 71 -6.20 28.15 12.81
N LEU H 72 -4.88 27.92 12.77
CA LEU H 72 -4.10 27.87 14.01
C LEU H 72 -4.03 29.24 14.67
N VAL H 73 -3.84 30.30 13.88
CA VAL H 73 -3.85 31.65 14.42
C VAL H 73 -5.20 31.98 15.03
N ALA H 74 -6.28 31.52 14.39
CA ALA H 74 -7.62 31.69 14.96
C ALA H 74 -7.75 30.97 16.29
N ILE H 75 -7.16 29.77 16.38
CA ILE H 75 -7.24 29.00 17.62
C ILE H 75 -6.50 29.71 18.75
N ILE H 76 -5.24 30.10 18.51
CA ILE H 76 -4.46 30.73 19.57
C ILE H 76 -4.94 32.16 19.81
N GLY H 77 -5.39 32.85 18.77
CA GLY H 77 -5.87 34.21 18.92
C GLY H 77 -4.78 35.20 19.25
N SER I 2 -9.63 -24.49 53.20
CA SER I 2 -10.51 -23.81 52.27
C SER I 2 -9.84 -23.62 50.92
N LYS I 3 -8.67 -22.98 50.92
CA LYS I 3 -7.95 -22.76 49.67
C LYS I 3 -7.36 -24.06 49.13
N GLN I 4 -7.00 -24.99 50.03
CA GLN I 4 -6.46 -26.27 49.57
C GLN I 4 -7.52 -27.08 48.82
N LYS I 5 -8.78 -27.00 49.26
CA LYS I 5 -9.85 -27.69 48.55
C LYS I 5 -10.04 -27.09 47.15
N GLU I 6 -9.94 -25.77 47.04
CA GLU I 6 -10.05 -25.14 45.73
C GLU I 6 -8.88 -25.51 44.83
N ALA I 7 -7.68 -25.63 45.40
CA ALA I 7 -6.53 -26.08 44.62
C ALA I 7 -6.73 -27.53 44.17
N ILE I 8 -7.33 -28.36 45.01
CA ILE I 8 -7.66 -29.73 44.63
C ILE I 8 -8.57 -29.73 43.42
N LYS I 9 -9.63 -28.92 43.46
CA LYS I 9 -10.55 -28.87 42.33
C LYS I 9 -9.87 -28.33 41.07
N VAL I 10 -8.97 -27.36 41.23
CA VAL I 10 -8.25 -26.81 40.08
C VAL I 10 -7.37 -27.88 39.44
N TYR I 11 -6.65 -28.64 40.26
CA TYR I 11 -5.81 -29.71 39.73
C TYR I 11 -6.64 -30.79 39.06
N LEU I 12 -7.82 -31.10 39.62
CA LEU I 12 -8.68 -32.09 38.99
C LEU I 12 -9.19 -31.60 37.63
N GLU I 13 -9.56 -30.32 37.54
CA GLU I 13 -9.97 -29.76 36.26
C GLU I 13 -8.83 -29.80 35.25
N LEU I 14 -7.62 -29.48 35.70
CA LEU I 14 -6.46 -29.55 34.80
C LEU I 14 -6.24 -30.97 34.29
N LEU I 15 -6.38 -31.95 35.18
CA LEU I 15 -6.26 -33.36 34.77
C LEU I 15 -7.30 -33.71 33.71
N GLU I 16 -8.57 -33.34 33.97
CA GLU I 16 -9.64 -33.66 33.04
C GLU I 16 -9.40 -32.99 31.68
N VAL I 17 -8.83 -31.79 31.68
CA VAL I 17 -8.56 -31.09 30.42
C VAL I 17 -7.43 -31.77 29.66
N HIS I 18 -6.33 -32.10 30.36
CA HIS I 18 -5.21 -32.74 29.68
C HIS I 18 -5.58 -34.13 29.18
N SER I 19 -6.58 -34.77 29.80
CA SER I 19 -7.06 -36.05 29.29
C SER I 19 -7.58 -35.93 27.87
N ARG I 20 -8.24 -34.82 27.55
CA ARG I 20 -8.70 -34.58 26.18
C ARG I 20 -7.59 -34.05 25.30
N VAL I 21 -6.66 -33.28 25.88
CA VAL I 21 -5.48 -32.85 25.13
C VAL I 21 -4.75 -34.06 24.57
N LEU I 22 -4.64 -35.13 25.36
CA LEU I 22 -3.94 -36.33 24.91
C LEU I 22 -4.61 -36.91 23.66
N LYS I 23 -5.93 -37.03 23.68
CA LYS I 23 -6.65 -37.58 22.53
C LYS I 23 -6.44 -36.72 21.29
N ALA I 24 -6.57 -35.39 21.45
CA ALA I 24 -6.40 -34.50 20.31
C ALA I 24 -4.99 -34.60 19.73
N LEU I 25 -3.98 -34.63 20.60
CA LEU I 25 -2.60 -34.68 20.14
C LEU I 25 -2.28 -36.01 19.46
N ILE I 26 -2.82 -37.12 19.99
CA ILE I 26 -2.61 -38.41 19.36
C ILE I 26 -3.28 -38.46 18.00
N GLU I 27 -4.48 -37.86 17.88
CA GLU I 27 -5.13 -37.76 16.58
C GLU I 27 -4.26 -37.00 15.59
N GLN I 28 -3.70 -35.87 16.03
CA GLN I 28 -2.84 -35.08 15.13
C GLN I 28 -1.60 -35.86 14.71
N ILE I 29 -1.00 -36.61 15.64
CA ILE I 29 0.20 -37.38 15.30
C ILE I 29 -0.14 -38.49 14.31
N LYS I 30 -1.27 -39.17 14.50
CA LYS I 30 -1.67 -40.21 13.57
C LYS I 30 -1.93 -39.62 12.19
N LEU I 31 -2.58 -38.45 12.14
CA LEU I 31 -2.83 -37.81 10.85
C LEU I 31 -1.52 -37.41 10.17
N PHE I 32 -0.55 -36.94 10.94
CA PHE I 32 0.75 -36.60 10.35
C PHE I 32 1.45 -37.83 9.81
N ILE I 33 1.38 -38.95 10.53
CA ILE I 33 2.00 -40.18 10.04
C ILE I 33 1.33 -40.63 8.75
N GLU I 34 0.00 -40.55 8.70
CA GLU I 34 -0.71 -40.93 7.48
C GLU I 34 -0.36 -40.02 6.32
N LEU I 35 -0.19 -38.73 6.60
CA LEU I 35 0.21 -37.79 5.54
C LEU I 35 1.62 -38.08 5.04
N ILE I 36 2.51 -38.49 5.94
CA ILE I 36 3.86 -38.86 5.52
C ILE I 36 3.81 -40.13 4.67
N LYS I 37 2.94 -41.07 5.01
CA LYS I 37 2.83 -42.31 4.23
C LYS I 37 2.34 -42.03 2.82
N ARG I 38 1.22 -41.32 2.69
CA ARG I 38 0.64 -41.02 1.38
C ARG I 38 0.01 -39.63 1.42
N PRO I 39 0.25 -38.82 0.38
CA PRO I 39 -0.34 -37.46 0.34
C PRO I 39 -1.80 -37.51 -0.09
N ASP I 40 -2.67 -37.12 0.86
N ASP I 40 -2.67 -37.13 0.86
CA ASP I 40 -4.10 -37.07 0.62
CA ASP I 40 -4.10 -37.07 0.62
C ASP I 40 -4.62 -35.70 1.06
C ASP I 40 -4.62 -35.70 1.06
N GLU I 41 -5.45 -35.08 0.21
CA GLU I 41 -5.99 -33.77 0.54
C GLU I 41 -7.03 -33.85 1.66
N ASP I 42 -7.73 -34.98 1.76
CA ASP I 42 -8.75 -35.13 2.78
C ASP I 42 -8.18 -35.01 4.19
N LEU I 43 -6.92 -35.40 4.37
CA LEU I 43 -6.34 -35.43 5.71
C LEU I 43 -6.09 -34.03 6.27
N ALA I 44 -5.91 -33.03 5.40
CA ALA I 44 -5.66 -31.67 5.86
C ALA I 44 -6.87 -31.11 6.61
N ASP I 45 -8.08 -31.42 6.13
CA ASP I 45 -9.28 -30.97 6.80
C ASP I 45 -9.39 -31.56 8.21
N LYS I 46 -9.04 -32.83 8.36
CA LYS I 46 -9.11 -33.46 9.68
C LYS I 46 -8.03 -32.91 10.61
N VAL I 47 -6.85 -32.62 10.06
CA VAL I 47 -5.81 -31.97 10.87
C VAL I 47 -6.29 -30.60 11.36
N ARG I 48 -6.94 -29.84 10.48
CA ARG I 48 -7.47 -28.54 10.87
C ARG I 48 -8.56 -28.69 11.94
N LYS I 49 -9.39 -29.73 11.82
CA LYS I 49 -10.43 -29.97 12.81
C LYS I 49 -9.82 -30.27 14.18
N SER I 50 -8.80 -31.12 14.21
CA SER I 50 -8.11 -31.42 15.46
C SER I 50 -7.46 -30.18 16.04
N SER I 51 -6.90 -29.33 15.18
CA SER I 51 -6.31 -28.07 15.66
C SER I 51 -7.36 -27.17 16.29
N GLU I 52 -8.55 -27.11 15.69
CA GLU I 52 -9.62 -26.31 16.28
C GLU I 52 -10.05 -26.85 17.63
N GLU I 53 -10.13 -28.18 17.75
CA GLU I 53 -10.43 -28.77 19.06
C GLU I 53 -9.36 -28.38 20.09
N LEU I 54 -8.10 -28.40 19.68
CA LEU I 54 -7.02 -28.00 20.58
C LEU I 54 -7.16 -26.53 20.99
N LYS I 55 -7.58 -25.68 20.06
CA LYS I 55 -7.80 -24.27 20.39
C LYS I 55 -8.91 -24.11 21.43
N LYS I 56 -10.01 -24.86 21.26
CA LYS I 56 -11.08 -24.82 22.26
C LYS I 56 -10.58 -25.26 23.62
N ILE I 57 -9.74 -26.29 23.65
CA ILE I 57 -9.16 -26.73 24.93
C ILE I 57 -8.31 -25.62 25.54
N ILE I 58 -7.54 -24.91 24.71
CA ILE I 58 -6.75 -23.78 25.20
C ILE I 58 -7.66 -22.73 25.83
N LYS I 59 -8.80 -22.46 25.20
CA LYS I 59 -9.75 -21.50 25.77
C LYS I 59 -10.24 -21.96 27.14
N GLU I 60 -10.52 -23.26 27.29
CA GLU I 60 -10.94 -23.77 28.59
C GLU I 60 -9.86 -23.57 29.65
N VAL I 61 -8.59 -23.83 29.27
CA VAL I 61 -7.50 -23.63 30.22
C VAL I 61 -7.39 -22.17 30.62
N GLU I 62 -7.61 -21.26 29.67
CA GLU I 62 -7.58 -19.83 29.98
C GLU I 62 -8.70 -19.46 30.95
N LYS I 63 -9.87 -20.07 30.78
CA LYS I 63 -10.96 -19.85 31.73
C LYS I 63 -10.56 -20.29 33.14
N ILE I 64 -9.92 -21.45 33.24
CA ILE I 64 -9.42 -21.90 34.55
C ILE I 64 -8.44 -20.89 35.13
N LEU I 65 -7.55 -20.36 34.29
CA LEU I 65 -6.58 -19.38 34.76
C LEU I 65 -7.26 -18.12 35.31
N ARG I 66 -8.31 -17.64 34.63
CA ARG I 66 -9.04 -16.49 35.14
C ARG I 66 -9.70 -16.82 36.48
N LYS I 67 -10.27 -18.02 36.59
CA LYS I 67 -10.89 -18.43 37.85
C LYS I 67 -9.88 -18.39 39.00
N VAL I 68 -8.63 -18.78 38.73
CA VAL I 68 -7.62 -18.74 39.78
C VAL I 68 -7.17 -17.30 40.04
N ASP I 69 -7.14 -16.45 39.00
CA ASP I 69 -6.78 -15.05 39.19
C ASP I 69 -7.74 -14.35 40.12
N ASP I 70 -9.03 -14.69 40.02
CA ASP I 70 -10.01 -14.09 40.94
C ASP I 70 -9.70 -14.44 42.39
N ILE I 71 -9.33 -15.70 42.64
CA ILE I 71 -9.00 -16.12 44.00
C ILE I 71 -7.74 -15.41 44.48
N LEU I 72 -6.77 -15.22 43.59
CA LEU I 72 -5.57 -14.46 43.96
C LEU I 72 -5.94 -13.04 44.37
N TYR I 73 -6.81 -12.39 43.60
CA TYR I 73 -7.27 -11.05 43.96
C TYR I 73 -7.95 -11.04 45.32
N LYS I 74 -8.80 -12.03 45.58
CA LYS I 74 -9.51 -12.08 46.86
C LYS I 74 -8.56 -12.33 48.03
N VAL I 75 -7.50 -13.10 47.81
CA VAL I 75 -6.59 -13.46 48.90
C VAL I 75 -5.64 -12.30 49.21
N LYS I 76 -5.03 -11.72 48.18
CA LYS I 76 -3.99 -10.71 48.42
C LYS I 76 -4.57 -9.44 49.04
N SER I 77 -5.68 -8.94 48.49
CA SER I 77 -6.29 -7.73 49.00
C SER I 77 -7.19 -8.04 50.19
N GLY J 1 7.49 -0.37 28.31
CA GLY J 1 8.15 0.89 28.60
C GLY J 1 9.66 0.82 28.50
N SER J 2 10.25 -0.16 29.20
CA SER J 2 11.69 -0.33 29.16
C SER J 2 12.17 -0.75 27.77
N LYS J 3 11.36 -1.57 27.08
CA LYS J 3 11.75 -2.01 25.75
C LYS J 3 11.77 -0.86 24.75
N GLN J 4 10.90 0.15 24.95
CA GLN J 4 10.96 1.33 24.09
C GLN J 4 12.27 2.07 24.27
N LYS J 5 12.70 2.27 25.51
CA LYS J 5 13.98 2.94 25.75
C LYS J 5 15.14 2.10 25.21
N GLU J 6 15.02 0.78 25.27
CA GLU J 6 16.06 -0.07 24.72
C GLU J 6 16.12 0.06 23.19
N ALA J 7 14.96 0.10 22.53
CA ALA J 7 14.95 0.34 21.09
C ALA J 7 15.52 1.71 20.75
N ILE J 8 15.27 2.70 21.62
CA ILE J 8 15.85 4.03 21.40
C ILE J 8 17.37 3.96 21.42
N LYS J 9 17.94 3.29 22.42
CA LYS J 9 19.40 3.19 22.49
C LYS J 9 19.95 2.36 21.33
N VAL J 10 19.19 1.37 20.86
CA VAL J 10 19.61 0.58 19.70
C VAL J 10 19.69 1.46 18.46
N TYR J 11 18.66 2.30 18.25
CA TYR J 11 18.66 3.20 17.11
C TYR J 11 19.78 4.23 17.20
N LEU J 12 20.09 4.69 18.42
CA LEU J 12 21.20 5.63 18.58
C LEU J 12 22.53 4.96 18.24
N GLU J 13 22.72 3.71 18.68
CA GLU J 13 23.93 2.98 18.28
C GLU J 13 24.00 2.81 16.77
N LEU J 14 22.86 2.54 16.13
CA LEU J 14 22.83 2.42 14.67
C LEU J 14 23.26 3.72 14.01
N LEU J 15 22.76 4.85 14.51
CA LEU J 15 23.17 6.15 13.97
C LEU J 15 24.67 6.33 14.11
N GLU J 16 25.21 6.06 15.30
CA GLU J 16 26.64 6.25 15.53
C GLU J 16 27.48 5.36 14.62
N VAL J 17 27.00 4.15 14.32
CA VAL J 17 27.76 3.24 13.46
C VAL J 17 27.70 3.69 12.01
N HIS J 18 26.50 4.05 11.53
CA HIS J 18 26.38 4.47 10.14
C HIS J 18 27.10 5.78 9.88
N SER J 19 27.27 6.62 10.91
CA SER J 19 28.06 7.84 10.73
C SER J 19 29.49 7.53 10.30
N ARG J 20 30.05 6.41 10.76
CA ARG J 20 31.38 5.99 10.32
C ARG J 20 31.31 5.19 9.02
N VAL J 21 30.21 4.46 8.81
CA VAL J 21 30.03 3.76 7.53
C VAL J 21 30.11 4.76 6.37
N LEU J 22 29.45 5.92 6.52
CA LEU J 22 29.46 6.90 5.43
C LEU J 22 30.87 7.40 5.15
N LYS J 23 31.65 7.67 6.19
CA LYS J 23 33.02 8.12 6.01
C LYS J 23 33.85 7.08 5.26
N ALA J 24 33.74 5.81 5.67
CA ALA J 24 34.49 4.75 5.01
C ALA J 24 34.09 4.62 3.54
N LEU J 25 32.78 4.67 3.27
CA LEU J 25 32.31 4.51 1.89
C LEU J 25 32.74 5.67 1.01
N ILE J 26 32.71 6.89 1.54
CA ILE J 26 33.14 8.05 0.76
C ILE J 26 34.64 8.00 0.50
N GLU J 27 35.42 7.54 1.49
CA GLU J 27 36.85 7.35 1.24
C GLU J 27 37.10 6.33 0.13
N GLN J 28 36.34 5.22 0.15
CA GLN J 28 36.48 4.23 -0.91
C GLN J 28 36.13 4.82 -2.27
N ILE J 29 35.07 5.63 -2.34
CA ILE J 29 34.66 6.21 -3.61
C ILE J 29 35.72 7.18 -4.12
N LYS J 30 36.29 7.99 -3.22
CA LYS J 30 37.37 8.89 -3.63
C LYS J 30 38.56 8.13 -4.17
N LEU J 31 38.96 7.05 -3.49
CA LEU J 31 40.08 6.24 -3.96
C LEU J 31 39.78 5.63 -5.32
N PHE J 32 38.53 5.18 -5.52
CA PHE J 32 38.16 4.60 -6.81
C PHE J 32 38.21 5.64 -7.93
N ILE J 33 37.77 6.86 -7.65
CA ILE J 33 37.83 7.93 -8.65
C ILE J 33 39.28 8.22 -9.00
N GLU J 34 40.14 8.34 -7.98
CA GLU J 34 41.55 8.60 -8.24
C GLU J 34 42.18 7.47 -9.05
N LEU J 35 41.77 6.22 -8.79
CA LEU J 35 42.33 5.10 -9.53
C LEU J 35 41.84 5.09 -10.97
N ILE J 36 40.59 5.48 -11.20
CA ILE J 36 40.09 5.58 -12.56
C ILE J 36 40.84 6.68 -13.31
N LYS J 37 41.18 7.77 -12.63
CA LYS J 37 41.95 8.83 -13.27
C LYS J 37 43.39 8.40 -13.54
N ARG J 38 44.02 7.75 -12.57
CA ARG J 38 45.40 7.28 -12.73
C ARG J 38 45.65 6.06 -11.85
N PRO J 39 45.97 4.91 -12.44
CA PRO J 39 46.18 3.70 -11.64
C PRO J 39 47.43 3.81 -10.77
N ASP J 40 47.37 3.16 -9.61
CA ASP J 40 48.47 3.17 -8.65
C ASP J 40 48.26 2.03 -7.66
N GLU J 41 49.36 1.66 -6.98
CA GLU J 41 49.37 0.55 -6.04
C GLU J 41 49.13 1.00 -4.60
N ASP J 42 49.73 2.12 -4.21
CA ASP J 42 49.48 2.70 -2.89
C ASP J 42 47.99 2.92 -2.68
N LEU J 43 47.29 3.35 -3.73
CA LEU J 43 45.84 3.52 -3.66
C LEU J 43 45.14 2.18 -3.44
N ALA J 44 45.67 1.10 -4.02
CA ALA J 44 45.08 -0.22 -3.79
C ALA J 44 45.24 -0.65 -2.33
N ASP J 45 46.42 -0.39 -1.75
CA ASP J 45 46.60 -0.69 -0.32
C ASP J 45 45.65 0.15 0.54
N LYS J 46 45.45 1.41 0.18
CA LYS J 46 44.52 2.25 0.93
C LYS J 46 43.09 1.73 0.80
N VAL J 47 42.71 1.24 -0.39
CA VAL J 47 41.40 0.65 -0.59
C VAL J 47 41.22 -0.56 0.30
N ARG J 48 42.26 -1.41 0.39
CA ARG J 48 42.18 -2.58 1.27
C ARG J 48 42.01 -2.16 2.73
N LYS J 49 42.71 -1.11 3.14
CA LYS J 49 42.56 -0.61 4.51
C LYS J 49 41.14 -0.16 4.79
N SER J 50 40.56 0.61 3.86
CA SER J 50 39.18 1.06 4.03
C SER J 50 38.21 -0.10 4.07
N SER J 51 38.45 -1.14 3.25
CA SER J 51 37.60 -2.31 3.27
C SER J 51 37.68 -3.04 4.61
N GLU J 52 38.87 -3.12 5.20
CA GLU J 52 39.00 -3.73 6.52
C GLU J 52 38.24 -2.94 7.57
N GLU J 53 38.29 -1.60 7.47
CA GLU J 53 37.49 -0.78 8.37
C GLU J 53 36.00 -1.09 8.24
N LEU J 54 35.52 -1.23 6.99
CA LEU J 54 34.12 -1.56 6.77
C LEU J 54 33.78 -2.94 7.35
N LYS J 55 34.70 -3.88 7.25
CA LYS J 55 34.47 -5.20 7.84
C LYS J 55 34.33 -5.12 9.35
N LYS J 56 35.19 -4.35 10.00
CA LYS J 56 35.07 -4.16 11.45
C LYS J 56 33.72 -3.55 11.80
N ILE J 57 33.26 -2.60 10.99
CA ILE J 57 31.95 -2.00 11.22
C ILE J 57 30.85 -3.06 11.12
N ILE J 58 30.97 -3.95 10.14
CA ILE J 58 30.00 -5.04 10.00
C ILE J 58 29.97 -5.88 11.27
N LYS J 59 31.16 -6.18 11.82
CA LYS J 59 31.20 -6.96 13.05
C LYS J 59 30.49 -6.24 14.20
N GLU J 60 30.66 -4.93 14.30
CA GLU J 60 29.96 -4.17 15.33
C GLU J 60 28.44 -4.26 15.16
N VAL J 61 27.96 -4.16 13.92
CA VAL J 61 26.53 -4.26 13.67
C VAL J 61 26.03 -5.64 14.06
N GLU J 62 26.84 -6.68 13.80
CA GLU J 62 26.46 -8.03 14.22
C GLU J 62 26.36 -8.13 15.73
N LYS J 63 27.27 -7.48 16.45
CA LYS J 63 27.19 -7.45 17.91
C LYS J 63 25.89 -6.81 18.38
N ILE J 64 25.50 -5.69 17.75
CA ILE J 64 24.22 -5.07 18.08
C ILE J 64 23.07 -6.04 17.84
N LEU J 65 23.12 -6.77 16.72
CA LEU J 65 22.05 -7.73 16.42
C LEU J 65 21.96 -8.81 17.48
N ARG J 66 23.10 -9.30 17.96
CA ARG J 66 23.09 -10.31 19.03
C ARG J 66 22.48 -9.74 20.30
N LYS J 67 22.85 -8.51 20.65
CA LYS J 67 22.29 -7.89 21.85
C LYS J 67 20.79 -7.73 21.74
N VAL J 68 20.27 -7.50 20.54
CA VAL J 68 18.81 -7.43 20.39
C VAL J 68 18.18 -8.83 20.41
N ASP J 69 18.88 -9.84 19.88
CA ASP J 69 18.36 -11.20 19.94
C ASP J 69 18.16 -11.67 21.37
N ASP J 70 19.08 -11.30 22.26
CA ASP J 70 18.92 -11.69 23.67
C ASP J 70 17.65 -11.10 24.27
N ILE J 71 17.37 -9.83 23.96
CA ILE J 71 16.17 -9.20 24.48
C ILE J 71 14.92 -9.84 23.89
N LEU J 72 14.98 -10.22 22.61
CA LEU J 72 13.84 -10.91 22.01
C LEU J 72 13.58 -12.24 22.72
N TYR J 73 14.64 -13.00 23.01
CA TYR J 73 14.46 -14.24 23.75
C TYR J 73 13.85 -13.98 25.12
N LYS J 74 14.33 -12.94 25.81
CA LYS J 74 13.81 -12.65 27.14
C LYS J 74 12.33 -12.28 27.10
N VAL J 75 11.93 -11.48 26.11
CA VAL J 75 10.52 -11.13 25.98
C VAL J 75 9.69 -12.37 25.66
N LYS J 76 10.16 -13.22 24.74
CA LYS J 76 9.39 -14.41 24.37
C LYS J 76 9.41 -15.48 25.45
N SER J 77 10.35 -15.39 26.39
CA SER J 77 10.49 -16.33 27.49
C SER J 77 9.38 -16.21 28.53
N SER K 2 -14.63 -7.29 -54.96
CA SER K 2 -15.74 -8.24 -55.00
C SER K 2 -16.36 -8.43 -53.63
N LYS K 3 -15.56 -8.96 -52.69
CA LYS K 3 -16.06 -9.14 -51.33
C LYS K 3 -16.12 -7.82 -50.57
N GLN K 4 -15.25 -6.87 -50.91
CA GLN K 4 -15.24 -5.60 -50.20
C GLN K 4 -16.49 -4.78 -50.52
N LYS K 5 -16.94 -4.76 -51.77
CA LYS K 5 -18.17 -4.05 -52.09
C LYS K 5 -19.38 -4.73 -51.46
N GLU K 6 -19.33 -6.05 -51.30
CA GLU K 6 -20.41 -6.74 -50.60
C GLU K 6 -20.43 -6.36 -49.13
N ALA K 7 -19.26 -6.26 -48.50
CA ALA K 7 -19.21 -5.75 -47.12
C ALA K 7 -19.73 -4.33 -47.05
N ILE K 8 -19.44 -3.52 -48.07
CA ILE K 8 -19.95 -2.15 -48.14
C ILE K 8 -21.48 -2.16 -48.09
N LYS K 9 -22.11 -2.95 -48.97
CA LYS K 9 -23.57 -2.94 -49.00
C LYS K 9 -24.17 -3.53 -47.73
N VAL K 10 -23.49 -4.51 -47.11
CA VAL K 10 -23.97 -5.04 -45.84
C VAL K 10 -23.96 -3.96 -44.77
N TYR K 11 -22.86 -3.20 -44.69
CA TYR K 11 -22.77 -2.13 -43.70
C TYR K 11 -23.82 -1.04 -43.96
N LEU K 12 -24.09 -0.75 -45.24
CA LEU K 12 -25.11 0.25 -45.55
C LEU K 12 -26.50 -0.21 -45.13
N GLU K 13 -26.83 -1.47 -45.40
CA GLU K 13 -28.11 -2.02 -44.94
C GLU K 13 -28.21 -1.97 -43.42
N LEU K 14 -27.12 -2.30 -42.72
CA LEU K 14 -27.11 -2.22 -41.27
C LEU K 14 -27.34 -0.79 -40.79
N LEU K 15 -26.75 0.19 -41.48
CA LEU K 15 -26.95 1.59 -41.14
C LEU K 15 -28.41 1.98 -41.25
N GLU K 16 -29.07 1.59 -42.34
CA GLU K 16 -30.48 1.93 -42.50
C GLU K 16 -31.34 1.24 -41.44
N VAL K 17 -31.04 -0.03 -41.16
CA VAL K 17 -31.80 -0.76 -40.14
C VAL K 17 -31.68 -0.07 -38.79
N HIS K 18 -30.46 0.33 -38.41
CA HIS K 18 -30.28 1.02 -37.14
C HIS K 18 -30.92 2.40 -37.13
N SER K 19 -30.98 3.06 -38.29
CA SER K 19 -31.70 4.33 -38.39
C SER K 19 -33.17 4.13 -38.03
N ARG K 20 -33.75 3.00 -38.43
CA ARG K 20 -35.13 2.72 -38.03
C ARG K 20 -35.22 2.32 -36.54
N VAL K 21 -34.23 1.57 -36.05
CA VAL K 21 -34.21 1.16 -34.65
C VAL K 21 -34.21 2.37 -33.74
N LEU K 22 -33.49 3.43 -34.14
CA LEU K 22 -33.44 4.64 -33.32
C LEU K 22 -34.84 5.22 -33.12
N LYS K 23 -35.61 5.34 -34.19
CA LYS K 23 -36.97 5.87 -34.08
C LYS K 23 -37.82 4.98 -33.18
N ALA K 24 -37.73 3.66 -33.36
CA ALA K 24 -38.51 2.75 -32.53
C ALA K 24 -38.17 2.92 -31.05
N LEU K 25 -36.87 2.98 -30.74
CA LEU K 25 -36.43 3.06 -29.35
C LEU K 25 -36.83 4.40 -28.73
N ILE K 26 -36.75 5.49 -29.50
CA ILE K 26 -37.15 6.79 -28.97
C ILE K 26 -38.65 6.80 -28.68
N GLU K 27 -39.45 6.19 -29.56
CA GLU K 27 -40.88 6.07 -29.29
C GLU K 27 -41.13 5.32 -27.98
N GLN K 28 -40.42 4.19 -27.79
CA GLN K 28 -40.60 3.42 -26.57
C GLN K 28 -40.22 4.22 -25.33
N ILE K 29 -39.12 4.97 -25.40
CA ILE K 29 -38.69 5.74 -24.24
C ILE K 29 -39.70 6.83 -23.91
N LYS K 30 -40.20 7.53 -24.93
CA LYS K 30 -41.22 8.56 -24.70
C LYS K 30 -42.46 7.96 -24.05
N LEU K 31 -42.91 6.80 -24.56
CA LEU K 31 -44.09 6.17 -23.98
C LEU K 31 -43.86 5.76 -22.53
N PHE K 32 -42.65 5.26 -22.22
CA PHE K 32 -42.37 4.86 -20.84
C PHE K 32 -42.34 6.08 -19.91
N ILE K 33 -41.78 7.20 -20.37
CA ILE K 33 -41.77 8.40 -19.55
C ILE K 33 -43.19 8.87 -19.29
N GLU K 34 -44.03 8.89 -20.33
CA GLU K 34 -45.41 9.33 -20.15
C GLU K 34 -46.18 8.37 -19.25
N LEU K 35 -45.86 7.07 -19.30
CA LEU K 35 -46.47 6.12 -18.37
C LEU K 35 -46.04 6.38 -16.94
N ILE K 36 -44.77 6.77 -16.74
CA ILE K 36 -44.32 7.15 -15.41
C ILE K 36 -45.10 8.36 -14.91
N LYS K 37 -45.33 9.34 -15.77
CA LYS K 37 -46.03 10.55 -15.34
C LYS K 37 -47.49 10.27 -14.99
N ARG K 38 -48.19 9.49 -15.82
CA ARG K 38 -49.60 9.20 -15.58
C ARG K 38 -49.94 7.86 -16.19
N PRO K 39 -50.86 7.11 -15.58
CA PRO K 39 -51.20 5.79 -16.13
C PRO K 39 -52.39 5.83 -17.08
N ASP K 40 -52.18 5.35 -18.31
CA ASP K 40 -53.22 5.30 -19.33
C ASP K 40 -53.14 3.96 -20.04
N GLU K 41 -54.29 3.38 -20.34
CA GLU K 41 -54.36 2.05 -20.95
C GLU K 41 -53.95 2.06 -22.42
N ASP K 42 -54.27 3.14 -23.15
CA ASP K 42 -53.91 3.20 -24.56
C ASP K 42 -52.40 3.14 -24.76
N LEU K 43 -51.63 3.67 -23.80
CA LEU K 43 -50.18 3.68 -23.92
C LEU K 43 -49.60 2.28 -23.88
N ALA K 44 -50.22 1.35 -23.15
CA ALA K 44 -49.73 -0.03 -23.14
C ALA K 44 -49.89 -0.67 -24.50
N ASP K 45 -51.03 -0.45 -25.17
N ASP K 45 -51.04 -0.46 -25.16
CA ASP K 45 -51.23 -1.00 -26.51
CA ASP K 45 -51.25 -0.99 -26.50
C ASP K 45 -50.26 -0.38 -27.50
C ASP K 45 -50.25 -0.37 -27.48
N LYS K 46 -50.01 0.94 -27.36
CA LYS K 46 -49.03 1.58 -28.23
C LYS K 46 -47.62 1.02 -28.00
N VAL K 47 -47.28 0.73 -26.74
CA VAL K 47 -45.99 0.13 -26.44
C VAL K 47 -45.88 -1.25 -27.07
N ARG K 48 -46.95 -2.04 -27.00
CA ARG K 48 -46.95 -3.35 -27.64
C ARG K 48 -46.77 -3.22 -29.15
N LYS K 49 -47.41 -2.22 -29.75
CA LYS K 49 -47.23 -1.99 -31.19
C LYS K 49 -45.77 -1.66 -31.51
N SER K 50 -45.14 -0.80 -30.71
CA SER K 50 -43.74 -0.47 -30.92
C SER K 50 -42.85 -1.70 -30.77
N SER K 51 -43.17 -2.56 -29.81
CA SER K 51 -42.41 -3.80 -29.63
C SER K 51 -42.54 -4.70 -30.86
N GLU K 52 -43.74 -4.76 -31.44
CA GLU K 52 -43.93 -5.52 -32.67
C GLU K 52 -43.04 -4.97 -33.80
N GLU K 53 -42.99 -3.64 -33.92
CA GLU K 53 -42.11 -3.03 -34.91
C GLU K 53 -40.65 -3.44 -34.69
N LEU K 54 -40.20 -3.41 -33.43
CA LEU K 54 -38.83 -3.78 -33.12
C LEU K 54 -38.57 -5.25 -33.46
N LYS K 55 -39.56 -6.12 -33.23
CA LYS K 55 -39.40 -7.53 -33.59
C LYS K 55 -39.24 -7.70 -35.09
N LYS K 56 -40.04 -6.97 -35.88
CA LYS K 56 -39.88 -7.04 -37.33
C LYS K 56 -38.49 -6.59 -37.76
N ILE K 57 -37.97 -5.54 -37.12
CA ILE K 57 -36.62 -5.08 -37.44
C ILE K 57 -35.59 -6.16 -37.12
N ILE K 58 -35.79 -6.86 -35.99
CA ILE K 58 -34.89 -7.97 -35.64
C ILE K 58 -34.92 -9.04 -36.73
N LYS K 59 -36.12 -9.35 -37.24
CA LYS K 59 -36.23 -10.32 -38.31
C LYS K 59 -35.44 -9.87 -39.54
N GLU K 60 -35.49 -8.58 -39.86
CA GLU K 60 -34.71 -8.07 -40.99
C GLU K 60 -33.21 -8.24 -40.75
N VAL K 61 -32.75 -7.99 -39.53
CA VAL K 61 -31.34 -8.17 -39.21
C VAL K 61 -30.94 -9.65 -39.38
N GLU K 62 -31.83 -10.56 -38.98
CA GLU K 62 -31.55 -11.97 -39.15
C GLU K 62 -31.45 -12.35 -40.63
N LYS K 63 -32.31 -11.75 -41.46
CA LYS K 63 -32.20 -11.96 -42.90
C LYS K 63 -30.84 -11.50 -43.42
N ILE K 64 -30.37 -10.35 -42.96
CA ILE K 64 -29.03 -9.87 -43.33
C ILE K 64 -27.97 -10.91 -42.92
N LEU K 65 -28.11 -11.46 -41.71
CA LEU K 65 -27.13 -12.44 -41.25
C LEU K 65 -27.12 -13.68 -42.14
N ARG K 66 -28.29 -14.13 -42.58
CA ARG K 66 -28.34 -15.27 -43.50
C ARG K 66 -27.65 -14.93 -44.82
N LYS K 67 -27.92 -13.73 -45.34
CA LYS K 67 -27.28 -13.31 -46.58
C LYS K 67 -25.77 -13.33 -46.46
N VAL K 68 -25.24 -12.96 -45.29
CA VAL K 68 -23.79 -12.99 -45.11
C VAL K 68 -23.29 -14.43 -44.92
N ASP K 69 -24.09 -15.29 -44.28
CA ASP K 69 -23.69 -16.68 -44.09
C ASP K 69 -23.51 -17.40 -45.42
N ASP K 70 -24.38 -17.09 -46.39
CA ASP K 70 -24.24 -17.72 -47.70
C ASP K 70 -22.89 -17.38 -48.33
N ILE K 71 -22.49 -16.11 -48.26
CA ILE K 71 -21.20 -15.70 -48.82
C ILE K 71 -20.05 -16.33 -48.04
N LEU K 72 -20.21 -16.47 -46.73
CA LEU K 72 -19.19 -17.15 -45.94
C LEU K 72 -18.97 -18.57 -46.43
N TYR K 73 -20.06 -19.31 -46.63
CA TYR K 73 -19.94 -20.66 -47.15
C TYR K 73 -19.30 -20.68 -48.53
N LYS K 74 -19.70 -19.75 -49.40
CA LYS K 74 -19.13 -19.70 -50.75
C LYS K 74 -17.63 -19.47 -50.70
N VAL K 75 -17.16 -18.58 -49.83
CA VAL K 75 -15.74 -18.24 -49.77
C VAL K 75 -14.94 -19.38 -49.15
N LYS K 76 -15.46 -19.98 -48.08
CA LYS K 76 -14.68 -21.02 -47.40
C LYS K 76 -14.57 -22.28 -48.26
N SER K 77 -15.61 -22.62 -49.01
CA SER K 77 -15.57 -23.80 -49.85
C SER K 77 -15.21 -23.45 -51.29
N GLY L 1 19.48 32.42 -24.79
CA GLY L 1 19.26 33.59 -25.63
C GLY L 1 17.80 33.92 -25.83
N SER L 2 17.00 32.89 -26.13
CA SER L 2 15.58 33.09 -26.33
C SER L 2 14.88 33.37 -25.00
N LYS L 3 13.65 33.88 -25.09
CA LYS L 3 12.93 34.27 -23.89
C LYS L 3 12.43 33.06 -23.11
N GLN L 4 12.03 32.00 -23.82
CA GLN L 4 11.58 30.79 -23.15
C GLN L 4 12.72 30.12 -22.39
N LYS L 5 13.92 30.15 -22.96
CA LYS L 5 15.10 29.59 -22.29
C LYS L 5 15.41 30.29 -20.98
N GLU L 6 14.95 31.53 -20.82
CA GLU L 6 15.13 32.26 -19.57
C GLU L 6 13.94 32.08 -18.63
N ALA L 7 12.73 32.01 -19.18
CA ALA L 7 11.55 31.77 -18.35
C ALA L 7 11.61 30.39 -17.69
N ILE L 8 12.21 29.40 -18.37
CA ILE L 8 12.39 28.09 -17.76
C ILE L 8 13.26 28.19 -16.51
N LYS L 9 14.38 28.92 -16.62
CA LYS L 9 15.26 29.10 -15.47
C LYS L 9 14.57 29.86 -14.36
N VAL L 10 13.75 30.85 -14.72
CA VAL L 10 12.99 31.60 -13.71
C VAL L 10 12.06 30.65 -12.95
N TYR L 11 11.34 29.80 -13.68
CA TYR L 11 10.42 28.86 -13.04
C TYR L 11 11.16 27.88 -12.15
N LEU L 12 12.33 27.40 -12.59
CA LEU L 12 13.09 26.45 -11.78
C LEU L 12 13.60 27.10 -10.48
N GLU L 13 14.10 28.34 -10.58
CA GLU L 13 14.51 29.06 -9.38
C GLU L 13 13.34 29.25 -8.43
N LEU L 14 12.17 29.61 -8.96
CA LEU L 14 10.98 29.75 -8.12
C LEU L 14 10.63 28.44 -7.44
N LEU L 15 10.77 27.32 -8.17
CA LEU L 15 10.50 26.01 -7.58
C LEU L 15 11.41 25.72 -6.39
N GLU L 16 12.72 25.96 -6.57
CA GLU L 16 13.66 25.72 -5.47
C GLU L 16 13.36 26.61 -4.28
N VAL L 17 13.06 27.90 -4.54
CA VAL L 17 12.76 28.82 -3.44
C VAL L 17 11.52 28.37 -2.69
N HIS L 18 10.47 27.96 -3.40
CA HIS L 18 9.27 27.47 -2.73
C HIS L 18 9.54 26.18 -1.96
N SER L 19 10.47 25.34 -2.46
CA SER L 19 10.84 24.15 -1.72
C SER L 19 11.45 24.51 -0.37
N ARG L 20 12.27 25.57 -0.34
CA ARG L 20 12.78 26.05 0.94
C ARG L 20 11.66 26.63 1.82
N VAL L 21 10.74 27.36 1.20
CA VAL L 21 9.61 27.94 1.92
C VAL L 21 8.82 26.87 2.64
N LEU L 22 8.62 25.72 1.99
CA LEU L 22 7.83 24.65 2.58
C LEU L 22 8.44 24.20 3.91
N LYS L 23 9.75 23.94 3.92
CA LYS L 23 10.42 23.54 5.15
C LYS L 23 10.28 24.60 6.23
N ALA L 24 10.55 25.86 5.88
CA ALA L 24 10.45 26.92 6.89
C ALA L 24 9.05 27.02 7.47
N LEU L 25 8.03 26.95 6.61
CA LEU L 25 6.65 27.14 7.04
C LEU L 25 6.18 25.97 7.90
N ILE L 26 6.58 24.74 7.54
CA ILE L 26 6.19 23.59 8.34
C ILE L 26 6.86 23.64 9.70
N GLU L 27 8.11 24.11 9.75
CA GLU L 27 8.77 24.31 11.04
C GLU L 27 7.99 25.30 11.90
N GLN L 28 7.58 26.42 11.30
CA GLN L 28 6.82 27.41 12.06
C GLN L 28 5.51 26.83 12.59
N ILE L 29 4.80 26.06 11.77
CA ILE L 29 3.54 25.49 12.20
C ILE L 29 3.74 24.50 13.35
N LYS L 30 4.77 23.65 13.24
CA LYS L 30 5.06 22.72 14.32
C LYS L 30 5.38 23.46 15.61
N LEU L 31 6.19 24.52 15.52
CA LEU L 31 6.51 25.30 16.71
C LEU L 31 5.27 25.93 17.34
N PHE L 32 4.36 26.44 16.50
CA PHE L 32 3.15 27.06 17.03
C PHE L 32 2.25 26.03 17.71
N ILE L 33 2.13 24.83 17.13
CA ILE L 33 1.34 23.78 17.76
C ILE L 33 1.93 23.40 19.11
N GLU L 34 3.25 23.21 19.15
CA GLU L 34 3.90 22.84 20.41
C GLU L 34 3.78 23.97 21.44
N LEU L 35 3.72 25.23 20.99
CA LEU L 35 3.49 26.33 21.90
C LEU L 35 2.07 26.29 22.47
N ILE L 36 1.09 25.95 21.62
CA ILE L 36 -0.29 25.85 22.09
C ILE L 36 -0.40 24.75 23.14
N LYS L 37 0.26 23.61 22.90
CA LYS L 37 0.12 22.49 23.82
C LYS L 37 0.78 22.79 25.18
N ARG L 38 1.98 23.36 25.17
CA ARG L 38 2.69 23.67 26.40
C ARG L 38 3.40 25.01 26.27
N PRO L 39 3.28 25.89 27.27
CA PRO L 39 3.95 27.20 27.19
C PRO L 39 5.42 27.09 27.53
N ASP L 40 6.27 27.26 26.54
CA ASP L 40 7.71 27.17 26.71
C ASP L 40 8.37 28.39 26.07
N GLU L 41 9.25 29.05 26.84
CA GLU L 41 9.94 30.22 26.33
C GLU L 41 10.95 29.86 25.25
N ASP L 42 11.50 28.65 25.30
CA ASP L 42 12.55 28.25 24.37
C ASP L 42 12.07 28.29 22.92
N LEU L 43 10.82 27.95 22.68
CA LEU L 43 10.34 27.77 21.30
C LEU L 43 10.06 29.08 20.59
N ALA L 44 9.83 30.17 21.31
CA ALA L 44 9.55 31.45 20.67
C ALA L 44 10.78 31.98 19.93
N ASP L 45 11.96 31.77 20.49
CA ASP L 45 13.18 32.20 19.80
C ASP L 45 13.39 31.40 18.53
N LYS L 46 13.04 30.11 18.53
CA LYS L 46 13.13 29.33 17.30
C LYS L 46 12.10 29.79 16.28
N VAL L 47 10.92 30.20 16.74
CA VAL L 47 9.95 30.83 15.85
C VAL L 47 10.55 32.07 15.19
N ARG L 48 11.23 32.91 15.98
CA ARG L 48 11.87 34.10 15.43
C ARG L 48 12.94 33.72 14.41
N LYS L 49 13.71 32.66 14.70
CA LYS L 49 14.74 32.20 13.77
C LYS L 49 14.12 31.77 12.44
N SER L 50 13.03 31.02 12.49
CA SER L 50 12.35 30.61 11.27
C SER L 50 11.80 31.82 10.52
N SER L 51 11.32 32.83 11.25
CA SER L 51 10.86 34.05 10.61
C SER L 51 12.00 34.76 9.87
N GLU L 52 13.18 34.79 10.49
CA GLU L 52 14.34 35.38 9.83
C GLU L 52 14.70 34.62 8.56
N GLU L 53 14.64 33.29 8.61
CA GLU L 53 14.87 32.49 7.41
C GLU L 53 13.87 32.83 6.32
N LEU L 54 12.60 33.00 6.70
CA LEU L 54 11.57 33.37 5.73
C LEU L 54 11.86 34.74 5.12
N LYS L 55 12.36 35.67 5.93
CA LYS L 55 12.74 36.98 5.41
C LYS L 55 13.85 36.86 4.36
N LYS L 56 14.87 36.03 4.65
CA LYS L 56 15.93 35.82 3.66
C LYS L 56 15.37 35.23 2.37
N ILE L 57 14.40 34.32 2.49
CA ILE L 57 13.76 33.75 1.30
C ILE L 57 13.06 34.85 0.51
N ILE L 58 12.37 35.76 1.21
CA ILE L 58 11.72 36.88 0.53
C ILE L 58 12.74 37.71 -0.23
N LYS L 59 13.91 37.93 0.38
CA LYS L 59 14.97 38.67 -0.30
C LYS L 59 15.40 37.97 -1.59
N GLU L 60 15.53 36.65 -1.54
CA GLU L 60 15.88 35.90 -2.75
C GLU L 60 14.82 36.07 -3.84
N VAL L 61 13.54 36.02 -3.45
CA VAL L 61 12.47 36.19 -4.43
C VAL L 61 12.54 37.58 -5.05
N GLU L 62 12.85 38.59 -4.24
CA GLU L 62 12.96 39.95 -4.76
C GLU L 62 14.11 40.06 -5.75
N LYS L 63 15.24 39.39 -5.46
CA LYS L 63 16.35 39.40 -6.41
C LYS L 63 15.95 38.76 -7.73
N ILE L 64 15.21 37.65 -7.66
CA ILE L 64 14.72 37.02 -8.89
C ILE L 64 13.83 37.98 -9.66
N LEU L 65 12.97 38.72 -8.95
CA LEU L 65 12.08 39.66 -9.63
C LEU L 65 12.88 40.77 -10.32
N ARG L 66 13.94 41.25 -9.69
CA ARG L 66 14.80 42.25 -10.34
C ARG L 66 15.45 41.67 -11.59
N LYS L 67 15.92 40.43 -11.50
CA LYS L 67 16.52 39.78 -12.67
C LYS L 67 15.53 39.70 -13.82
N VAL L 68 14.25 39.46 -13.51
CA VAL L 68 13.25 39.42 -14.58
C VAL L 68 12.92 40.82 -15.07
N ASP L 69 12.97 41.83 -14.20
CA ASP L 69 12.68 43.19 -14.61
C ASP L 69 13.72 43.70 -15.61
N ASP L 70 14.99 43.31 -15.43
CA ASP L 70 16.01 43.71 -16.41
C ASP L 70 15.70 43.11 -17.78
N ILE L 71 15.26 41.85 -17.82
CA ILE L 71 14.89 41.22 -19.07
C ILE L 71 13.70 41.92 -19.70
N LEU L 72 12.73 42.34 -18.87
CA LEU L 72 11.59 43.09 -19.39
C LEU L 72 12.04 44.40 -20.02
N TYR L 73 12.96 45.11 -19.36
CA TYR L 73 13.50 46.34 -19.92
C TYR L 73 14.14 46.08 -21.28
N LYS L 74 14.94 45.02 -21.38
CA LYS L 74 15.63 44.73 -22.63
C LYS L 74 14.65 44.31 -23.73
N VAL L 75 13.57 43.64 -23.36
CA VAL L 75 12.62 43.15 -24.35
C VAL L 75 11.75 44.28 -24.87
N LYS L 76 11.26 45.14 -23.98
CA LYS L 76 10.39 46.22 -24.41
C LYS L 76 11.12 47.26 -25.25
N SER L 77 12.40 47.47 -24.98
CA SER L 77 13.17 48.45 -25.72
C SER L 77 13.96 47.81 -26.86
#